data_1WEW
#
_entry.id   1WEW
#
loop_
_entity.id
_entity.type
_entity.pdbx_description
1 polymer 'DNA-binding family protein'
2 non-polymer 'ZINC ION'
#
_entity_poly.entity_id   1
_entity_poly.type   'polypeptide(L)'
_entity_poly.pdbx_seq_one_letter_code
;GSSGSSGEDPFQPEIKVRCVCGNSLETDSMIQCEDPRCHVWQHVGCVILPDKPMDGNPPLPESFYCEICRLTSGPSSG
;
_entity_poly.pdbx_strand_id   A
#
# COMPACT_ATOMS: atom_id res chain seq x y z
N GLY A 1 -27.62 -28.07 -10.28
CA GLY A 1 -26.70 -27.43 -9.36
C GLY A 1 -25.37 -27.11 -10.01
N SER A 2 -24.63 -26.18 -9.42
CA SER A 2 -23.33 -25.79 -9.94
C SER A 2 -22.20 -26.12 -8.96
N SER A 3 -20.97 -25.89 -9.38
CA SER A 3 -19.81 -26.17 -8.54
C SER A 3 -18.96 -24.91 -8.36
N GLY A 4 -17.90 -25.04 -7.56
CA GLY A 4 -17.01 -23.91 -7.32
C GLY A 4 -15.65 -24.34 -6.80
N SER A 5 -14.63 -24.12 -7.60
CA SER A 5 -13.27 -24.50 -7.23
C SER A 5 -12.56 -23.33 -6.54
N SER A 6 -11.99 -23.60 -5.36
CA SER A 6 -11.28 -22.56 -4.62
C SER A 6 -10.04 -23.15 -3.94
N GLY A 7 -8.92 -22.45 -4.08
CA GLY A 7 -7.68 -22.91 -3.48
C GLY A 7 -6.46 -22.45 -4.26
N GLU A 8 -5.91 -21.30 -3.88
CA GLU A 8 -4.74 -20.76 -4.54
C GLU A 8 -3.47 -21.47 -4.08
N ASP A 9 -2.34 -21.14 -4.71
CA ASP A 9 -1.07 -21.75 -4.36
C ASP A 9 -0.33 -20.91 -3.33
N PRO A 10 0.32 -21.60 -2.37
CA PRO A 10 1.07 -20.93 -1.30
C PRO A 10 2.34 -20.25 -1.82
N PHE A 11 2.53 -20.29 -3.13
CA PHE A 11 3.70 -19.66 -3.75
C PHE A 11 3.33 -18.34 -4.41
N GLN A 12 2.55 -17.54 -3.69
CA GLN A 12 2.12 -16.24 -4.21
C GLN A 12 2.11 -15.19 -3.11
N PRO A 13 2.35 -13.93 -3.48
CA PRO A 13 2.38 -12.81 -2.54
C PRO A 13 0.99 -12.49 -1.99
N GLU A 14 0.81 -12.74 -0.68
CA GLU A 14 -0.47 -12.47 -0.03
C GLU A 14 -0.69 -10.98 0.15
N ILE A 15 -0.91 -10.28 -0.96
CA ILE A 15 -1.14 -8.84 -0.91
C ILE A 15 -2.58 -8.51 -0.53
N LYS A 16 -2.77 -7.42 0.19
CA LYS A 16 -4.10 -7.00 0.60
C LYS A 16 -4.67 -5.95 -0.35
N VAL A 17 -3.98 -4.82 -0.47
CA VAL A 17 -4.43 -3.75 -1.35
C VAL A 17 -5.64 -3.02 -0.78
N ARG A 18 -5.49 -2.53 0.46
CA ARG A 18 -6.56 -1.82 1.12
C ARG A 18 -6.60 -0.36 0.68
N CYS A 19 -6.33 -0.12 -0.60
CA CYS A 19 -6.33 1.23 -1.15
C CYS A 19 -7.72 1.85 -1.06
N VAL A 20 -7.77 3.18 -1.16
CA VAL A 20 -9.03 3.90 -1.09
C VAL A 20 -9.80 3.81 -2.41
N CYS A 21 -9.08 4.03 -3.51
CA CYS A 21 -9.70 3.97 -4.83
C CYS A 21 -10.73 2.86 -4.90
N GLY A 22 -10.49 1.78 -4.16
CA GLY A 22 -11.42 0.66 -4.15
C GLY A 22 -10.88 -0.54 -4.91
N ASN A 23 -9.95 -0.28 -5.83
CA ASN A 23 -9.36 -1.35 -6.63
C ASN A 23 -8.54 -2.30 -5.75
N SER A 24 -8.67 -3.60 -6.01
CA SER A 24 -7.95 -4.61 -5.24
C SER A 24 -6.87 -5.26 -6.10
N LEU A 25 -6.21 -4.45 -6.92
CA LEU A 25 -5.15 -4.95 -7.79
C LEU A 25 -3.78 -4.55 -7.27
N GLU A 26 -2.73 -5.10 -7.88
CA GLU A 26 -1.37 -4.80 -7.48
C GLU A 26 -0.51 -4.44 -8.68
N THR A 27 0.50 -3.61 -8.46
CA THR A 27 1.40 -3.19 -9.53
C THR A 27 2.85 -3.13 -9.04
N ASP A 28 3.74 -2.67 -9.93
CA ASP A 28 5.15 -2.57 -9.59
C ASP A 28 5.44 -1.26 -8.85
N SER A 29 4.55 -0.90 -7.94
CA SER A 29 4.69 0.33 -7.17
C SER A 29 3.61 0.45 -6.11
N MET A 30 4.00 0.35 -4.85
CA MET A 30 3.06 0.44 -3.74
C MET A 30 3.78 0.74 -2.43
N ILE A 31 3.06 1.34 -1.48
CA ILE A 31 3.64 1.68 -0.19
C ILE A 31 3.00 0.86 0.93
N GLN A 32 3.85 0.27 1.78
CA GLN A 32 3.36 -0.55 2.89
C GLN A 32 3.17 0.30 4.14
N CYS A 33 2.15 -0.01 4.91
CA CYS A 33 1.85 0.72 6.14
C CYS A 33 2.88 0.38 7.22
N GLU A 34 3.43 1.42 7.85
CA GLU A 34 4.42 1.23 8.90
C GLU A 34 3.94 0.22 9.93
N ASP A 35 2.67 0.32 10.30
CA ASP A 35 2.08 -0.59 11.28
C ASP A 35 2.35 -2.05 10.90
N PRO A 36 2.70 -2.86 11.89
CA PRO A 36 3.00 -4.28 11.69
C PRO A 36 1.74 -5.08 11.34
N ARG A 37 0.71 -4.94 12.15
CA ARG A 37 -0.55 -5.65 11.94
C ARG A 37 -1.18 -5.23 10.61
N CYS A 38 -1.20 -3.92 10.35
CA CYS A 38 -1.78 -3.40 9.12
C CYS A 38 -1.03 -3.92 7.90
N HIS A 39 0.23 -3.53 7.76
CA HIS A 39 1.05 -3.96 6.65
C HIS A 39 0.22 -4.05 5.36
N VAL A 40 -0.68 -3.10 5.19
CA VAL A 40 -1.53 -3.07 4.01
C VAL A 40 -0.85 -2.37 2.84
N TRP A 41 -1.25 -2.72 1.63
CA TRP A 41 -0.67 -2.12 0.43
C TRP A 41 -1.56 -1.02 -0.12
N GLN A 42 -0.95 0.07 -0.56
CA GLN A 42 -1.69 1.20 -1.11
C GLN A 42 -0.97 1.80 -2.31
N HIS A 43 -1.63 1.77 -3.47
CA HIS A 43 -1.03 2.31 -4.69
C HIS A 43 -0.29 3.62 -4.40
N VAL A 44 0.79 3.85 -5.14
CA VAL A 44 1.59 5.05 -4.97
C VAL A 44 0.88 6.27 -5.55
N GLY A 45 0.41 6.13 -6.80
CA GLY A 45 -0.28 7.23 -7.45
C GLY A 45 -1.75 7.30 -7.07
N CYS A 46 -2.04 6.99 -5.81
CA CYS A 46 -3.42 7.02 -5.33
C CYS A 46 -3.55 7.91 -4.11
N VAL A 47 -2.77 7.60 -3.07
CA VAL A 47 -2.80 8.38 -1.83
C VAL A 47 -1.69 9.43 -1.83
N ILE A 48 -0.51 9.04 -2.30
CA ILE A 48 0.63 9.96 -2.36
C ILE A 48 0.41 11.06 -3.39
N LEU A 49 0.65 12.30 -2.98
CA LEU A 49 0.48 13.44 -3.87
C LEU A 49 1.73 13.68 -4.70
N PRO A 50 1.56 14.33 -5.86
CA PRO A 50 2.67 14.64 -6.77
C PRO A 50 3.60 15.69 -6.20
N ASP A 51 4.86 15.65 -6.64
CA ASP A 51 5.86 16.61 -6.17
C ASP A 51 6.14 17.67 -7.24
N LYS A 52 5.27 18.67 -7.30
CA LYS A 52 5.43 19.75 -8.28
C LYS A 52 6.69 20.55 -8.00
N PRO A 53 6.78 21.12 -6.79
CA PRO A 53 7.94 21.92 -6.37
C PRO A 53 9.19 21.08 -6.19
N MET A 54 9.03 19.92 -5.55
CA MET A 54 10.15 19.03 -5.30
C MET A 54 10.57 18.33 -6.59
N ASP A 55 9.59 17.85 -7.35
CA ASP A 55 9.87 17.16 -8.60
C ASP A 55 11.01 16.16 -8.43
N GLY A 56 10.95 15.37 -7.37
CA GLY A 56 11.98 14.39 -7.11
C GLY A 56 12.32 14.27 -5.64
N ASN A 57 13.50 13.74 -5.35
CA ASN A 57 13.94 13.57 -3.97
C ASN A 57 13.47 14.74 -3.09
N PRO A 58 13.20 14.46 -1.81
CA PRO A 58 13.34 13.11 -1.26
C PRO A 58 12.28 12.15 -1.79
N PRO A 59 12.61 10.85 -1.80
CA PRO A 59 11.70 9.81 -2.29
C PRO A 59 10.51 9.60 -1.36
N LEU A 60 9.67 8.63 -1.69
CA LEU A 60 8.49 8.33 -0.88
C LEU A 60 8.82 8.41 0.61
N PRO A 61 7.81 8.76 1.41
CA PRO A 61 7.96 8.89 2.87
C PRO A 61 8.14 7.53 3.55
N GLU A 62 9.25 7.38 4.25
CA GLU A 62 9.55 6.13 4.95
C GLU A 62 8.47 5.81 5.99
N SER A 63 7.94 6.85 6.61
CA SER A 63 6.90 6.69 7.63
C SER A 63 5.55 7.13 7.10
N PHE A 64 4.83 6.20 6.48
CA PHE A 64 3.51 6.50 5.93
C PHE A 64 2.44 5.66 6.61
N TYR A 65 1.24 6.22 6.71
CA TYR A 65 0.12 5.53 7.34
C TYR A 65 -1.11 5.52 6.43
N CYS A 66 -1.65 4.33 6.19
CA CYS A 66 -2.83 4.18 5.34
C CYS A 66 -3.97 5.05 5.84
N GLU A 67 -5.14 4.92 5.21
CA GLU A 67 -6.31 5.69 5.59
C GLU A 67 -6.89 5.17 6.90
N ILE A 68 -6.68 3.89 7.18
CA ILE A 68 -7.18 3.27 8.40
C ILE A 68 -6.36 3.70 9.61
N CYS A 69 -5.07 3.94 9.39
CA CYS A 69 -4.17 4.37 10.46
C CYS A 69 -4.14 5.88 10.58
N ARG A 70 -3.91 6.56 9.46
CA ARG A 70 -3.85 8.02 9.45
C ARG A 70 -5.08 8.62 10.13
N LEU A 71 -6.21 7.91 10.02
CA LEU A 71 -7.46 8.38 10.62
C LEU A 71 -7.47 8.12 12.12
N THR A 72 -6.89 6.99 12.52
CA THR A 72 -6.83 6.62 13.93
C THR A 72 -5.74 7.39 14.65
N SER A 73 -6.11 8.50 15.29
CA SER A 73 -5.17 9.33 16.01
C SER A 73 -5.67 9.62 17.43
N GLY A 74 -6.90 10.08 17.53
CA GLY A 74 -7.47 10.38 18.82
C GLY A 74 -7.50 9.18 19.75
N PRO A 75 -7.41 9.43 21.06
CA PRO A 75 -7.42 8.37 22.07
C PRO A 75 -8.79 7.70 22.20
N SER A 76 -9.84 8.52 22.27
CA SER A 76 -11.19 8.00 22.39
C SER A 76 -11.31 7.04 23.56
N SER A 77 -10.66 7.39 24.67
CA SER A 77 -10.69 6.55 25.87
C SER A 77 -11.95 6.81 26.68
N GLY A 78 -12.97 5.99 26.44
CA GLY A 78 -14.23 6.15 27.16
C GLY A 78 -14.56 4.93 28.01
N GLY A 1 -3.52 -19.04 -30.32
CA GLY A 1 -2.61 -18.51 -29.32
C GLY A 1 -2.13 -19.59 -28.36
N SER A 2 -1.04 -19.30 -27.64
CA SER A 2 -0.48 -20.24 -26.68
C SER A 2 -0.65 -19.74 -25.26
N SER A 3 -1.08 -20.64 -24.37
CA SER A 3 -1.28 -20.29 -22.97
C SER A 3 -1.20 -21.52 -22.09
N GLY A 4 -0.98 -21.31 -20.79
CA GLY A 4 -0.88 -22.41 -19.85
C GLY A 4 -1.15 -21.98 -18.42
N SER A 5 -1.17 -22.95 -17.51
CA SER A 5 -1.42 -22.67 -16.10
C SER A 5 -0.15 -22.87 -15.28
N SER A 6 -0.21 -22.49 -14.01
CA SER A 6 0.93 -22.62 -13.12
C SER A 6 0.70 -23.74 -12.11
N GLY A 7 1.57 -24.75 -12.14
CA GLY A 7 1.45 -25.87 -11.22
C GLY A 7 1.81 -25.50 -9.80
N GLU A 8 2.88 -24.73 -9.65
CA GLU A 8 3.34 -24.31 -8.33
C GLU A 8 2.84 -22.90 -8.01
N ASP A 9 2.77 -22.59 -6.72
CA ASP A 9 2.30 -21.28 -6.28
C ASP A 9 2.93 -20.17 -7.11
N PRO A 10 2.18 -19.07 -7.31
CA PRO A 10 2.64 -17.92 -8.09
C PRO A 10 3.75 -17.15 -7.38
N PHE A 11 4.21 -17.69 -6.26
CA PHE A 11 5.27 -17.05 -5.48
C PHE A 11 4.96 -15.57 -5.25
N GLN A 12 3.68 -15.23 -5.29
CA GLN A 12 3.25 -13.85 -5.08
C GLN A 12 3.39 -13.45 -3.61
N PRO A 13 3.59 -12.14 -3.38
CA PRO A 13 3.73 -11.60 -2.02
C PRO A 13 2.44 -11.66 -1.22
N GLU A 14 2.55 -11.50 0.09
CA GLU A 14 1.39 -11.53 0.97
C GLU A 14 0.74 -10.16 1.07
N ILE A 15 0.63 -9.47 -0.06
CA ILE A 15 0.03 -8.15 -0.10
C ILE A 15 -1.42 -8.19 0.39
N LYS A 16 -1.92 -7.02 0.82
CA LYS A 16 -3.29 -6.92 1.31
C LYS A 16 -4.16 -6.15 0.33
N VAL A 17 -3.55 -5.20 -0.38
CA VAL A 17 -4.28 -4.40 -1.35
C VAL A 17 -5.55 -3.81 -0.75
N ARG A 18 -5.42 -3.24 0.44
CA ARG A 18 -6.55 -2.64 1.14
C ARG A 18 -6.78 -1.21 0.66
N CYS A 19 -6.36 -0.91 -0.56
CA CYS A 19 -6.52 0.42 -1.12
C CYS A 19 -7.99 0.79 -1.24
N VAL A 20 -8.28 2.08 -1.13
CA VAL A 20 -9.65 2.56 -1.22
C VAL A 20 -10.27 2.20 -2.57
N CYS A 21 -9.44 2.11 -3.59
CA CYS A 21 -9.90 1.77 -4.93
C CYS A 21 -10.83 0.57 -4.90
N GLY A 22 -10.60 -0.32 -3.92
CA GLY A 22 -11.43 -1.50 -3.80
C GLY A 22 -11.10 -2.56 -4.84
N ASN A 23 -9.82 -2.67 -5.18
CA ASN A 23 -9.38 -3.64 -6.18
C ASN A 23 -8.58 -4.76 -5.52
N SER A 24 -8.12 -5.71 -6.33
CA SER A 24 -7.35 -6.84 -5.83
C SER A 24 -6.09 -7.06 -6.68
N LEU A 25 -5.57 -5.98 -7.23
CA LEU A 25 -4.37 -6.05 -8.07
C LEU A 25 -3.21 -5.30 -7.42
N GLU A 26 -2.00 -5.60 -7.86
CA GLU A 26 -0.81 -4.96 -7.33
C GLU A 26 0.08 -4.43 -8.45
N THR A 27 0.58 -3.21 -8.28
CA THR A 27 1.44 -2.59 -9.28
C THR A 27 2.88 -2.50 -8.79
N ASP A 28 3.79 -2.14 -9.70
CA ASP A 28 5.21 -2.03 -9.35
C ASP A 28 5.43 -0.87 -8.37
N SER A 29 4.52 0.09 -8.39
CA SER A 29 4.62 1.25 -7.50
C SER A 29 3.60 1.16 -6.37
N MET A 30 4.03 0.60 -5.24
CA MET A 30 3.16 0.46 -4.09
C MET A 30 3.95 0.62 -2.80
N ILE A 31 3.28 1.11 -1.75
CA ILE A 31 3.91 1.32 -0.46
C ILE A 31 3.16 0.58 0.64
N GLN A 32 3.90 0.09 1.64
CA GLN A 32 3.31 -0.63 2.76
C GLN A 32 3.17 0.27 3.97
N CYS A 33 2.11 0.06 4.75
CA CYS A 33 1.87 0.86 5.95
C CYS A 33 2.87 0.50 7.05
N GLU A 34 3.29 1.51 7.81
CA GLU A 34 4.23 1.31 8.89
C GLU A 34 3.67 0.36 9.94
N ASP A 35 2.44 0.62 10.36
CA ASP A 35 1.78 -0.21 11.37
C ASP A 35 1.98 -1.69 11.07
N PRO A 36 2.30 -2.46 12.12
CA PRO A 36 2.53 -3.91 11.99
C PRO A 36 1.26 -4.68 11.68
N ARG A 37 0.22 -4.44 12.48
CA ARG A 37 -1.07 -5.12 12.28
C ARG A 37 -1.68 -4.74 10.93
N CYS A 38 -1.25 -3.59 10.40
CA CYS A 38 -1.77 -3.12 9.12
C CYS A 38 -0.97 -3.72 7.96
N HIS A 39 0.27 -3.28 7.81
CA HIS A 39 1.13 -3.77 6.75
C HIS A 39 0.37 -3.86 5.43
N VAL A 40 -0.54 -2.92 5.20
CA VAL A 40 -1.33 -2.90 3.99
C VAL A 40 -0.60 -2.15 2.87
N TRP A 41 -0.91 -2.53 1.63
CA TRP A 41 -0.28 -1.90 0.47
C TRP A 41 -1.28 -1.04 -0.28
N GLN A 42 -0.83 0.14 -0.72
CA GLN A 42 -1.69 1.06 -1.45
C GLN A 42 -0.97 1.62 -2.68
N HIS A 43 -1.72 1.88 -3.74
CA HIS A 43 -1.14 2.42 -4.97
C HIS A 43 -0.48 3.77 -4.71
N VAL A 44 0.84 3.81 -4.87
CA VAL A 44 1.60 5.04 -4.65
C VAL A 44 0.91 6.23 -5.30
N GLY A 45 0.10 5.96 -6.33
CA GLY A 45 -0.60 7.02 -7.03
C GLY A 45 -2.03 7.16 -6.56
N CYS A 46 -2.29 6.79 -5.31
CA CYS A 46 -3.63 6.88 -4.74
C CYS A 46 -3.61 7.66 -3.43
N VAL A 47 -2.54 7.49 -2.66
CA VAL A 47 -2.41 8.18 -1.38
C VAL A 47 -1.25 9.16 -1.41
N ILE A 48 -0.08 8.69 -1.83
CA ILE A 48 1.11 9.53 -1.90
C ILE A 48 0.93 10.64 -2.93
N LEU A 49 1.33 11.85 -2.56
CA LEU A 49 1.21 13.00 -3.45
C LEU A 49 1.90 12.72 -4.79
N PRO A 50 1.12 12.80 -5.87
CA PRO A 50 1.63 12.56 -7.23
C PRO A 50 2.57 13.67 -7.70
N ASP A 51 3.55 13.30 -8.51
CA ASP A 51 4.51 14.27 -9.03
C ASP A 51 4.74 14.05 -10.52
N LYS A 52 4.03 14.83 -11.34
CA LYS A 52 4.14 14.73 -12.78
C LYS A 52 5.45 15.35 -13.27
N PRO A 53 5.60 16.66 -13.02
CA PRO A 53 6.81 17.41 -13.43
C PRO A 53 8.03 17.01 -12.62
N MET A 54 7.87 16.99 -11.30
CA MET A 54 8.97 16.62 -10.40
C MET A 54 9.07 15.11 -10.25
N ASP A 55 9.49 14.44 -11.32
CA ASP A 55 9.63 12.98 -11.31
C ASP A 55 10.94 12.58 -10.66
N GLY A 56 10.98 12.63 -9.33
CA GLY A 56 12.18 12.26 -8.61
C GLY A 56 12.07 12.52 -7.12
N ASN A 57 12.84 13.48 -6.62
CA ASN A 57 12.83 13.83 -5.21
C ASN A 57 11.90 15.00 -4.94
N PRO A 58 11.33 15.06 -3.73
CA PRO A 58 11.59 14.05 -2.69
C PRO A 58 10.97 12.71 -3.01
N PRO A 59 11.72 11.62 -2.75
CA PRO A 59 11.26 10.26 -3.01
C PRO A 59 10.14 9.83 -2.07
N LEU A 60 9.81 8.55 -2.08
CA LEU A 60 8.76 8.01 -1.23
C LEU A 60 9.08 8.25 0.24
N PRO A 61 8.03 8.53 1.04
CA PRO A 61 8.18 8.78 2.47
C PRO A 61 8.56 7.52 3.25
N GLU A 62 9.75 7.52 3.82
CA GLU A 62 10.23 6.38 4.58
C GLU A 62 9.11 5.78 5.43
N SER A 63 8.26 6.66 5.97
CA SER A 63 7.14 6.22 6.80
C SER A 63 5.82 6.78 6.28
N PHE A 64 4.87 5.89 6.00
CA PHE A 64 3.57 6.30 5.51
C PHE A 64 2.46 5.57 6.24
N TYR A 65 1.30 6.22 6.35
CA TYR A 65 0.15 5.64 7.04
C TYR A 65 -1.09 5.67 6.16
N CYS A 66 -1.69 4.51 5.95
CA CYS A 66 -2.88 4.39 5.12
C CYS A 66 -4.01 5.26 5.68
N GLU A 67 -5.17 5.17 5.05
CA GLU A 67 -6.33 5.95 5.47
C GLU A 67 -6.92 5.38 6.76
N ILE A 68 -6.65 4.10 7.02
CA ILE A 68 -7.15 3.43 8.21
C ILE A 68 -6.33 3.81 9.43
N CYS A 69 -5.06 4.14 9.21
CA CYS A 69 -4.16 4.51 10.30
C CYS A 69 -4.16 6.02 10.51
N ARG A 70 -4.10 6.76 9.40
CA ARG A 70 -4.09 8.22 9.47
C ARG A 70 -5.34 8.75 10.16
N LEU A 71 -6.44 8.02 10.00
CA LEU A 71 -7.71 8.42 10.61
C LEU A 71 -7.61 8.40 12.13
N THR A 72 -6.89 7.41 12.65
CA THR A 72 -6.72 7.27 14.09
C THR A 72 -5.65 8.22 14.62
N SER A 73 -6.00 9.49 14.71
CA SER A 73 -5.07 10.51 15.19
C SER A 73 -5.82 11.69 15.82
N GLY A 74 -5.12 12.44 16.66
CA GLY A 74 -5.73 13.58 17.31
C GLY A 74 -6.46 13.19 18.59
N PRO A 75 -7.48 13.97 18.95
CA PRO A 75 -8.29 13.73 20.15
C PRO A 75 -9.15 12.48 20.03
N SER A 76 -9.94 12.21 21.06
CA SER A 76 -10.82 11.04 21.06
C SER A 76 -12.28 11.46 21.27
N SER A 77 -12.95 11.80 20.18
CA SER A 77 -14.35 12.21 20.25
C SER A 77 -15.20 11.17 20.99
N GLY A 78 -16.44 11.53 21.30
CA GLY A 78 -17.33 10.62 21.99
C GLY A 78 -17.82 9.51 21.10
N GLY A 1 -21.95 -13.44 -7.73
CA GLY A 1 -20.78 -12.66 -7.35
C GLY A 1 -19.96 -13.34 -6.26
N SER A 2 -18.65 -13.44 -6.48
CA SER A 2 -17.77 -14.07 -5.50
C SER A 2 -16.34 -13.56 -5.67
N SER A 3 -15.47 -13.94 -4.74
CA SER A 3 -14.07 -13.53 -4.78
C SER A 3 -13.22 -14.42 -3.89
N GLY A 4 -12.01 -14.74 -4.37
CA GLY A 4 -11.11 -15.59 -3.61
C GLY A 4 -9.69 -15.07 -3.63
N SER A 5 -8.88 -15.54 -2.67
CA SER A 5 -7.49 -15.11 -2.58
C SER A 5 -6.63 -16.21 -1.95
N SER A 6 -5.41 -16.36 -2.45
CA SER A 6 -4.49 -17.37 -1.94
C SER A 6 -3.49 -16.76 -0.97
N GLY A 7 -3.22 -17.46 0.13
CA GLY A 7 -2.29 -16.97 1.12
C GLY A 7 -0.93 -17.66 1.02
N GLU A 8 -0.43 -17.81 -0.19
CA GLU A 8 0.85 -18.47 -0.41
C GLU A 8 1.31 -18.30 -1.86
N ASP A 9 2.50 -17.74 -2.03
CA ASP A 9 3.05 -17.52 -3.36
C ASP A 9 4.56 -17.77 -3.37
N PRO A 10 5.08 -18.23 -4.52
CA PRO A 10 6.51 -18.51 -4.69
C PRO A 10 7.36 -17.24 -4.69
N PHE A 11 6.98 -16.29 -5.53
CA PHE A 11 7.71 -15.03 -5.63
C PHE A 11 6.79 -13.84 -5.36
N GLN A 12 5.95 -13.99 -4.33
CA GLN A 12 5.02 -12.92 -3.97
C GLN A 12 4.70 -12.97 -2.48
N PRO A 13 4.89 -11.82 -1.80
CA PRO A 13 4.63 -11.71 -0.36
C PRO A 13 3.13 -11.78 -0.03
N GLU A 14 2.80 -11.63 1.24
CA GLU A 14 1.42 -11.67 1.69
C GLU A 14 0.70 -10.37 1.35
N ILE A 15 0.51 -10.13 0.06
CA ILE A 15 -0.18 -8.92 -0.40
C ILE A 15 -1.63 -8.92 0.03
N LYS A 16 -2.13 -7.75 0.45
CA LYS A 16 -3.51 -7.61 0.88
C LYS A 16 -4.31 -6.79 -0.12
N VAL A 17 -3.78 -5.62 -0.48
CA VAL A 17 -4.44 -4.75 -1.44
C VAL A 17 -5.71 -4.14 -0.84
N ARG A 18 -5.58 -3.55 0.35
CA ARG A 18 -6.71 -2.95 1.02
C ARG A 18 -6.85 -1.48 0.64
N CYS A 19 -6.61 -1.18 -0.63
CA CYS A 19 -6.70 0.19 -1.13
C CYS A 19 -8.16 0.62 -1.25
N VAL A 20 -8.41 1.92 -1.05
CA VAL A 20 -9.76 2.45 -1.14
C VAL A 20 -10.42 2.06 -2.46
N CYS A 21 -9.62 1.96 -3.52
CA CYS A 21 -10.12 1.60 -4.84
C CYS A 21 -10.89 0.28 -4.78
N GLY A 22 -10.59 -0.53 -3.77
CA GLY A 22 -11.26 -1.81 -3.62
C GLY A 22 -11.32 -2.58 -4.92
N ASN A 23 -10.28 -2.47 -5.72
CA ASN A 23 -10.22 -3.17 -7.01
C ASN A 23 -9.45 -4.48 -6.87
N SER A 24 -9.01 -4.79 -5.66
CA SER A 24 -8.26 -6.02 -5.40
C SER A 24 -7.13 -6.18 -6.40
N LEU A 25 -6.67 -5.07 -6.96
CA LEU A 25 -5.59 -5.09 -7.94
C LEU A 25 -4.33 -4.43 -7.38
N GLU A 26 -3.19 -4.75 -7.98
CA GLU A 26 -1.91 -4.19 -7.53
C GLU A 26 -1.00 -3.92 -8.72
N THR A 27 -0.23 -2.83 -8.63
CA THR A 27 0.68 -2.46 -9.70
C THR A 27 2.12 -2.83 -9.36
N ASP A 28 3.03 -2.50 -10.25
CA ASP A 28 4.45 -2.81 -10.04
C ASP A 28 5.13 -1.71 -9.24
N SER A 29 4.36 -1.01 -8.41
CA SER A 29 4.89 0.07 -7.59
C SER A 29 3.89 0.49 -6.52
N MET A 30 4.19 0.15 -5.27
CA MET A 30 3.32 0.49 -4.16
C MET A 30 4.13 0.68 -2.87
N ILE A 31 3.42 0.96 -1.78
CA ILE A 31 4.08 1.17 -0.50
C ILE A 31 3.39 0.37 0.61
N GLN A 32 4.12 0.12 1.69
CA GLN A 32 3.58 -0.64 2.82
C GLN A 32 3.39 0.26 4.03
N CYS A 33 2.20 0.17 4.64
CA CYS A 33 1.89 0.99 5.81
C CYS A 33 2.92 0.78 6.91
N GLU A 34 3.41 1.88 7.47
CA GLU A 34 4.40 1.82 8.54
C GLU A 34 3.99 0.82 9.61
N ASP A 35 2.71 0.85 9.99
CA ASP A 35 2.20 -0.05 11.01
C ASP A 35 2.52 -1.50 10.66
N PRO A 36 2.92 -2.27 11.67
CA PRO A 36 3.27 -3.69 11.50
C PRO A 36 2.04 -4.55 11.22
N ARG A 37 1.01 -4.41 12.05
CA ARG A 37 -0.22 -5.18 11.88
C ARG A 37 -0.89 -4.84 10.55
N CYS A 38 -0.84 -3.57 10.18
CA CYS A 38 -1.44 -3.11 8.94
C CYS A 38 -0.70 -3.66 7.73
N HIS A 39 0.51 -3.16 7.51
CA HIS A 39 1.34 -3.60 6.39
C HIS A 39 0.48 -3.88 5.16
N VAL A 40 -0.34 -2.89 4.78
CA VAL A 40 -1.20 -3.02 3.62
C VAL A 40 -0.63 -2.27 2.41
N TRP A 41 -0.83 -2.84 1.24
CA TRP A 41 -0.33 -2.24 0.00
C TRP A 41 -1.33 -1.21 -0.53
N GLN A 42 -0.89 0.04 -0.62
CA GLN A 42 -1.74 1.12 -1.12
C GLN A 42 -1.12 1.80 -2.33
N HIS A 43 -1.80 1.74 -3.46
CA HIS A 43 -1.31 2.36 -4.69
C HIS A 43 -0.67 3.71 -4.39
N VAL A 44 0.63 3.82 -4.68
CA VAL A 44 1.36 5.06 -4.46
C VAL A 44 0.65 6.24 -5.10
N GLY A 45 -0.09 5.96 -6.17
CA GLY A 45 -0.81 7.01 -6.87
C GLY A 45 -2.22 7.20 -6.35
N CYS A 46 -2.44 6.80 -5.10
CA CYS A 46 -3.76 6.93 -4.48
C CYS A 46 -3.66 7.70 -3.17
N VAL A 47 -2.66 7.37 -2.36
CA VAL A 47 -2.47 8.03 -1.08
C VAL A 47 -1.21 8.89 -1.09
N ILE A 48 -0.11 8.31 -1.54
CA ILE A 48 1.16 9.03 -1.60
C ILE A 48 1.10 10.15 -2.64
N LEU A 49 1.47 11.36 -2.21
CA LEU A 49 1.46 12.52 -3.09
C LEU A 49 1.82 12.12 -4.53
N PRO A 50 1.10 12.70 -5.50
CA PRO A 50 1.34 12.42 -6.92
C PRO A 50 2.67 12.98 -7.41
N ASP A 51 3.18 12.42 -8.50
CA ASP A 51 4.43 12.87 -9.08
C ASP A 51 4.25 13.29 -10.53
N LYS A 52 4.37 14.59 -10.78
CA LYS A 52 4.21 15.12 -12.14
C LYS A 52 5.16 14.42 -13.11
N PRO A 53 6.47 14.52 -12.84
CA PRO A 53 7.50 13.92 -13.67
C PRO A 53 7.50 12.39 -13.57
N MET A 54 6.99 11.87 -12.46
CA MET A 54 6.93 10.43 -12.24
C MET A 54 8.15 9.74 -12.83
N ASP A 55 9.31 10.36 -12.66
CA ASP A 55 10.56 9.81 -13.17
C ASP A 55 11.56 9.58 -12.05
N GLY A 56 11.46 8.42 -11.40
CA GLY A 56 12.36 8.10 -10.31
C GLY A 56 12.25 9.08 -9.16
N ASN A 57 13.39 9.51 -8.63
CA ASN A 57 13.42 10.46 -7.53
C ASN A 57 12.58 11.69 -7.85
N PRO A 58 12.02 12.31 -6.79
CA PRO A 58 12.19 11.84 -5.42
C PRO A 58 11.45 10.52 -5.16
N PRO A 59 12.14 9.60 -4.47
CA PRO A 59 11.57 8.29 -4.14
C PRO A 59 10.46 8.38 -3.10
N LEU A 60 9.87 7.23 -2.76
CA LEU A 60 8.79 7.19 -1.79
C LEU A 60 9.32 7.46 -0.38
N PRO A 61 8.45 8.01 0.48
CA PRO A 61 8.81 8.33 1.87
C PRO A 61 9.00 7.08 2.71
N GLU A 62 10.18 6.97 3.32
CA GLU A 62 10.49 5.82 4.17
C GLU A 62 9.31 5.46 5.07
N SER A 63 8.86 6.45 5.84
CA SER A 63 7.74 6.24 6.75
C SER A 63 6.43 6.80 6.16
N PHE A 64 5.34 6.10 6.41
CA PHE A 64 4.04 6.51 5.91
C PHE A 64 2.91 5.72 6.56
N TYR A 65 1.70 6.25 6.50
CA TYR A 65 0.54 5.60 7.09
C TYR A 65 -0.66 5.68 6.16
N CYS A 66 -1.27 4.53 5.87
CA CYS A 66 -2.44 4.48 5.00
C CYS A 66 -3.53 5.42 5.49
N GLU A 67 -4.67 5.38 4.82
CA GLU A 67 -5.81 6.23 5.19
C GLU A 67 -6.54 5.66 6.41
N ILE A 68 -6.40 4.35 6.61
CA ILE A 68 -7.04 3.69 7.73
C ILE A 68 -6.30 3.96 9.04
N CYS A 69 -5.01 4.23 8.93
CA CYS A 69 -4.19 4.51 10.11
C CYS A 69 -4.20 6.00 10.44
N ARG A 70 -4.18 6.84 9.40
CA ARG A 70 -4.20 8.28 9.58
C ARG A 70 -5.51 8.73 10.21
N LEU A 71 -6.60 8.05 9.88
CA LEU A 71 -7.90 8.38 10.42
C LEU A 71 -7.95 8.17 11.93
N THR A 72 -7.17 7.21 12.40
CA THR A 72 -7.12 6.91 13.83
C THR A 72 -6.02 7.71 14.52
N SER A 73 -4.90 7.89 13.82
CA SER A 73 -3.77 8.64 14.37
C SER A 73 -4.13 10.12 14.52
N GLY A 74 -4.67 10.47 15.68
CA GLY A 74 -5.04 11.86 15.92
C GLY A 74 -3.87 12.70 16.40
N PRO A 75 -4.15 13.68 17.26
CA PRO A 75 -3.12 14.58 17.79
C PRO A 75 -2.18 13.87 18.76
N SER A 76 -2.68 12.82 19.41
CA SER A 76 -1.89 12.06 20.36
C SER A 76 -0.49 11.80 19.81
N SER A 77 0.50 12.50 20.36
CA SER A 77 1.88 12.34 19.92
C SER A 77 2.62 11.34 20.80
N GLY A 78 2.91 10.17 20.24
CA GLY A 78 3.61 9.14 20.99
C GLY A 78 5.11 9.37 21.02
N GLY A 1 7.65 -39.84 7.10
CA GLY A 1 7.62 -38.44 6.67
C GLY A 1 7.97 -38.28 5.21
N SER A 2 7.07 -37.66 4.45
CA SER A 2 7.28 -37.46 3.02
C SER A 2 6.32 -36.40 2.47
N SER A 3 6.87 -35.28 2.01
CA SER A 3 6.06 -34.20 1.47
C SER A 3 6.84 -33.42 0.42
N GLY A 4 6.35 -33.44 -0.81
CA GLY A 4 7.02 -32.73 -1.89
C GLY A 4 6.32 -31.42 -2.23
N SER A 5 6.63 -30.38 -1.46
CA SER A 5 6.03 -29.07 -1.68
C SER A 5 7.09 -27.97 -1.62
N SER A 6 6.94 -26.97 -2.48
CA SER A 6 7.89 -25.86 -2.53
C SER A 6 7.40 -24.78 -3.49
N GLY A 7 7.10 -23.61 -2.94
CA GLY A 7 6.63 -22.51 -3.77
C GLY A 7 6.83 -21.16 -3.10
N GLU A 8 6.25 -21.00 -1.91
CA GLU A 8 6.36 -19.75 -1.17
C GLU A 8 7.42 -19.86 -0.07
N ASP A 9 8.27 -18.85 0.02
CA ASP A 9 9.33 -18.83 1.02
C ASP A 9 8.80 -18.30 2.35
N PRO A 10 9.41 -18.77 3.46
CA PRO A 10 9.02 -18.37 4.80
C PRO A 10 9.39 -16.91 5.10
N PHE A 11 9.92 -16.22 4.10
CA PHE A 11 10.32 -14.83 4.26
C PHE A 11 9.58 -13.94 3.26
N GLN A 12 8.30 -14.24 3.05
CA GLN A 12 7.47 -13.47 2.12
C GLN A 12 6.28 -12.84 2.83
N PRO A 13 6.09 -11.53 2.65
CA PRO A 13 4.99 -10.80 3.26
C PRO A 13 3.63 -11.17 2.67
N GLU A 14 2.57 -10.90 3.41
CA GLU A 14 1.22 -11.20 2.95
C GLU A 14 0.49 -9.94 2.50
N ILE A 15 0.83 -9.47 1.30
CA ILE A 15 0.21 -8.27 0.75
C ILE A 15 -1.31 -8.32 0.90
N LYS A 16 -1.87 -7.29 1.52
CA LYS A 16 -3.31 -7.21 1.72
C LYS A 16 -3.97 -6.42 0.58
N VAL A 17 -3.47 -5.22 0.34
CA VAL A 17 -4.02 -4.37 -0.72
C VAL A 17 -5.38 -3.80 -0.32
N ARG A 18 -5.43 -3.14 0.83
CA ARG A 18 -6.67 -2.56 1.31
C ARG A 18 -6.80 -1.10 0.87
N CYS A 19 -6.37 -0.82 -0.35
CA CYS A 19 -6.44 0.53 -0.89
C CYS A 19 -7.88 1.00 -1.01
N VAL A 20 -8.06 2.31 -1.09
CA VAL A 20 -9.40 2.90 -1.21
C VAL A 20 -10.10 2.40 -2.47
N CYS A 21 -9.35 2.28 -3.56
CA CYS A 21 -9.90 1.82 -4.83
C CYS A 21 -10.67 0.53 -4.64
N GLY A 22 -10.31 -0.24 -3.61
CA GLY A 22 -10.98 -1.50 -3.34
C GLY A 22 -10.54 -2.59 -4.28
N ASN A 23 -9.25 -2.64 -4.58
CA ASN A 23 -8.71 -3.65 -5.48
C ASN A 23 -7.95 -4.73 -4.70
N SER A 24 -7.58 -5.79 -5.40
CA SER A 24 -6.85 -6.89 -4.77
C SER A 24 -5.65 -7.31 -5.62
N LEU A 25 -5.13 -6.37 -6.41
CA LEU A 25 -3.99 -6.64 -7.27
C LEU A 25 -2.79 -5.78 -6.88
N GLU A 26 -1.63 -6.11 -7.44
CA GLU A 26 -0.42 -5.37 -7.15
C GLU A 26 0.15 -4.73 -8.42
N THR A 27 0.70 -3.53 -8.29
CA THR A 27 1.27 -2.82 -9.42
C THR A 27 2.80 -2.78 -9.33
N ASP A 28 3.42 -2.13 -10.31
CA ASP A 28 4.88 -2.02 -10.33
C ASP A 28 5.39 -1.31 -9.08
N SER A 29 4.64 -0.33 -8.60
CA SER A 29 5.02 0.42 -7.42
C SER A 29 3.90 0.41 -6.38
N MET A 30 4.25 0.19 -5.13
CA MET A 30 3.28 0.16 -4.04
C MET A 30 3.95 0.43 -2.70
N ILE A 31 3.22 1.10 -1.81
CA ILE A 31 3.75 1.43 -0.49
C ILE A 31 3.00 0.65 0.61
N GLN A 32 3.75 0.14 1.58
CA GLN A 32 3.16 -0.60 2.68
C GLN A 32 2.99 0.27 3.91
N CYS A 33 1.95 0.01 4.68
CA CYS A 33 1.67 0.78 5.89
C CYS A 33 2.67 0.43 6.99
N GLU A 34 3.29 1.46 7.56
CA GLU A 34 4.27 1.26 8.62
C GLU A 34 3.77 0.25 9.65
N ASP A 35 2.59 0.52 10.20
CA ASP A 35 1.99 -0.36 11.20
C ASP A 35 2.28 -1.82 10.87
N PRO A 36 2.60 -2.62 11.90
CA PRO A 36 2.91 -4.04 11.74
C PRO A 36 1.68 -4.86 11.38
N ARG A 37 0.60 -4.68 12.15
CA ARG A 37 -0.64 -5.40 11.91
C ARG A 37 -1.23 -5.03 10.56
N CYS A 38 -1.23 -3.74 10.25
CA CYS A 38 -1.77 -3.26 8.99
C CYS A 38 -0.95 -3.77 7.81
N HIS A 39 0.27 -3.26 7.67
CA HIS A 39 1.15 -3.68 6.59
C HIS A 39 0.38 -3.79 5.27
N VAL A 40 -0.60 -2.90 5.09
CA VAL A 40 -1.41 -2.90 3.88
C VAL A 40 -0.73 -2.10 2.77
N TRP A 41 -0.78 -2.64 1.56
CA TRP A 41 -0.16 -1.97 0.41
C TRP A 41 -1.17 -1.09 -0.30
N GLN A 42 -0.73 0.12 -0.67
CA GLN A 42 -1.60 1.07 -1.36
C GLN A 42 -0.87 1.70 -2.54
N HIS A 43 -1.54 1.72 -3.69
CA HIS A 43 -0.96 2.29 -4.90
C HIS A 43 -0.22 3.60 -4.58
N VAL A 44 0.88 3.84 -5.30
CA VAL A 44 1.67 5.05 -5.10
C VAL A 44 0.95 6.27 -5.63
N GLY A 45 0.15 6.08 -6.68
CA GLY A 45 -0.58 7.18 -7.26
C GLY A 45 -2.01 7.27 -6.76
N CYS A 46 -2.20 6.91 -5.49
CA CYS A 46 -3.53 6.94 -4.88
C CYS A 46 -3.52 7.79 -3.62
N VAL A 47 -2.61 7.46 -2.70
CA VAL A 47 -2.49 8.20 -1.45
C VAL A 47 -1.40 9.25 -1.52
N ILE A 48 -0.24 8.85 -2.04
CA ILE A 48 0.90 9.77 -2.17
C ILE A 48 0.59 10.87 -3.18
N LEU A 49 0.84 12.12 -2.78
CA LEU A 49 0.61 13.26 -3.66
C LEU A 49 1.11 12.98 -5.07
N PRO A 50 0.58 13.73 -6.04
CA PRO A 50 0.97 13.59 -7.46
C PRO A 50 2.39 14.06 -7.72
N ASP A 51 2.72 15.25 -7.22
CA ASP A 51 4.04 15.82 -7.40
C ASP A 51 4.37 15.99 -8.88
N LYS A 52 3.48 16.64 -9.61
CA LYS A 52 3.68 16.87 -11.03
C LYS A 52 5.00 17.58 -11.30
N PRO A 53 5.22 18.71 -10.61
CA PRO A 53 6.43 19.50 -10.76
C PRO A 53 7.65 18.80 -10.17
N MET A 54 7.47 18.17 -9.02
CA MET A 54 8.56 17.46 -8.36
C MET A 54 8.57 15.99 -8.75
N ASP A 55 9.04 15.72 -9.97
CA ASP A 55 9.11 14.34 -10.47
C ASP A 55 10.27 13.59 -9.83
N GLY A 56 11.43 14.24 -9.74
CA GLY A 56 12.59 13.60 -9.15
C GLY A 56 12.66 13.79 -7.65
N ASN A 57 13.76 13.37 -7.05
CA ASN A 57 13.94 13.49 -5.61
C ASN A 57 13.36 14.81 -5.09
N PRO A 58 12.92 14.80 -3.83
CA PRO A 58 12.98 13.62 -2.97
C PRO A 58 12.01 12.53 -3.42
N PRO A 59 12.50 11.26 -3.42
CA PRO A 59 11.68 10.11 -3.82
C PRO A 59 10.59 9.80 -2.80
N LEU A 60 9.90 8.68 -3.01
CA LEU A 60 8.83 8.25 -2.13
C LEU A 60 9.18 8.57 -0.67
N PRO A 61 8.15 8.83 0.14
CA PRO A 61 8.32 9.15 1.56
C PRO A 61 8.78 7.93 2.37
N GLU A 62 9.85 8.11 3.13
CA GLU A 62 10.39 7.03 3.95
C GLU A 62 9.27 6.32 4.71
N SER A 63 8.41 7.10 5.36
CA SER A 63 7.30 6.54 6.13
C SER A 63 5.97 6.95 5.52
N PHE A 64 4.90 6.26 5.93
CA PHE A 64 3.57 6.55 5.41
C PHE A 64 2.51 5.77 6.19
N TYR A 65 1.32 6.34 6.31
CA TYR A 65 0.23 5.70 7.02
C TYR A 65 -1.06 5.73 6.21
N CYS A 66 -1.64 4.56 5.98
CA CYS A 66 -2.88 4.46 5.21
C CYS A 66 -3.98 5.32 5.83
N GLU A 67 -5.16 5.27 5.23
CA GLU A 67 -6.29 6.05 5.72
C GLU A 67 -6.86 5.44 7.00
N ILE A 68 -6.76 4.13 7.12
CA ILE A 68 -7.26 3.42 8.29
C ILE A 68 -6.37 3.67 9.51
N CYS A 69 -5.18 4.21 9.26
CA CYS A 69 -4.23 4.50 10.32
C CYS A 69 -4.18 6.00 10.60
N ARG A 70 -4.24 6.80 9.55
CA ARG A 70 -4.19 8.25 9.68
C ARG A 70 -5.43 8.77 10.39
N LEU A 71 -6.53 8.05 10.27
CA LEU A 71 -7.78 8.43 10.91
C LEU A 71 -7.76 8.10 12.40
N THR A 72 -7.02 7.05 12.76
CA THR A 72 -6.91 6.65 14.15
C THR A 72 -5.73 7.32 14.84
N SER A 73 -6.02 8.38 15.59
CA SER A 73 -4.97 9.12 16.29
C SER A 73 -4.70 8.50 17.65
N GLY A 74 -3.50 8.75 18.19
CA GLY A 74 -3.14 8.22 19.48
C GLY A 74 -2.02 8.99 20.13
N PRO A 75 -1.57 8.51 21.31
CA PRO A 75 -0.48 9.15 22.06
C PRO A 75 0.87 8.99 21.37
N SER A 76 1.19 9.93 20.49
CA SER A 76 2.45 9.89 19.76
C SER A 76 2.68 11.18 18.98
N SER A 77 3.88 11.74 19.10
CA SER A 77 4.22 12.98 18.42
C SER A 77 4.35 12.75 16.92
N GLY A 78 3.81 13.69 16.14
CA GLY A 78 3.87 13.58 14.70
C GLY A 78 3.33 14.80 13.99
N GLY A 1 -22.17 -17.64 -6.53
CA GLY A 1 -21.53 -18.83 -6.00
C GLY A 1 -22.54 -19.90 -5.60
N SER A 2 -22.16 -21.16 -5.79
CA SER A 2 -23.04 -22.27 -5.45
C SER A 2 -22.31 -23.30 -4.60
N SER A 3 -22.30 -23.08 -3.29
CA SER A 3 -21.63 -23.98 -2.37
C SER A 3 -20.13 -24.04 -2.65
N GLY A 4 -19.54 -22.89 -2.91
CA GLY A 4 -18.11 -22.82 -3.20
C GLY A 4 -17.47 -21.55 -2.67
N SER A 5 -16.51 -21.71 -1.76
CA SER A 5 -15.82 -20.57 -1.18
C SER A 5 -14.36 -20.52 -1.63
N SER A 6 -14.05 -19.58 -2.51
CA SER A 6 -12.70 -19.42 -3.02
C SER A 6 -11.69 -19.27 -1.88
N GLY A 7 -11.05 -20.38 -1.51
CA GLY A 7 -10.08 -20.36 -0.44
C GLY A 7 -8.67 -20.07 -0.93
N GLU A 8 -7.85 -19.46 -0.09
CA GLU A 8 -6.48 -19.13 -0.46
C GLU A 8 -5.52 -20.19 0.08
N ASP A 9 -4.32 -20.24 -0.51
CA ASP A 9 -3.31 -21.21 -0.09
C ASP A 9 -2.44 -20.63 1.03
N PRO A 10 -1.93 -21.51 1.90
CA PRO A 10 -1.09 -21.11 3.03
C PRO A 10 0.29 -20.62 2.57
N PHE A 11 0.48 -20.56 1.25
CA PHE A 11 1.75 -20.12 0.69
C PHE A 11 1.56 -18.83 -0.12
N GLN A 12 0.74 -17.92 0.40
CA GLN A 12 0.49 -16.66 -0.27
C GLN A 12 1.29 -15.53 0.35
N PRO A 13 1.53 -14.47 -0.43
CA PRO A 13 2.29 -13.31 0.02
C PRO A 13 1.54 -12.48 1.05
N GLU A 14 2.27 -11.68 1.82
CA GLU A 14 1.67 -10.84 2.85
C GLU A 14 1.10 -9.56 2.23
N ILE A 15 0.35 -9.71 1.15
CA ILE A 15 -0.25 -8.57 0.46
C ILE A 15 -1.74 -8.49 0.75
N LYS A 16 -2.29 -7.28 0.71
CA LYS A 16 -3.70 -7.07 0.96
C LYS A 16 -4.31 -6.14 -0.09
N VAL A 17 -3.66 -5.00 -0.31
CA VAL A 17 -4.13 -4.03 -1.29
C VAL A 17 -5.40 -3.34 -0.82
N ARG A 18 -5.35 -2.80 0.39
CA ARG A 18 -6.51 -2.12 0.97
C ARG A 18 -6.51 -0.64 0.58
N CYS A 19 -6.12 -0.37 -0.67
CA CYS A 19 -6.08 1.00 -1.17
C CYS A 19 -7.38 1.73 -0.87
N VAL A 20 -7.46 2.98 -1.31
CA VAL A 20 -8.66 3.79 -1.09
C VAL A 20 -9.54 3.80 -2.33
N CYS A 21 -8.91 3.77 -3.50
CA CYS A 21 -9.64 3.76 -4.77
C CYS A 21 -10.71 2.67 -4.79
N GLY A 22 -10.47 1.62 -4.01
CA GLY A 22 -11.42 0.52 -3.96
C GLY A 22 -10.91 -0.72 -4.67
N ASN A 23 -10.05 -0.52 -5.66
CA ASN A 23 -9.49 -1.64 -6.43
C ASN A 23 -8.47 -2.40 -5.60
N SER A 24 -8.39 -3.71 -5.82
CA SER A 24 -7.45 -4.55 -5.10
C SER A 24 -6.43 -5.17 -6.05
N LEU A 25 -5.90 -4.35 -6.94
CA LEU A 25 -4.90 -4.82 -7.91
C LEU A 25 -3.51 -4.33 -7.53
N GLU A 26 -2.49 -4.97 -8.09
CA GLU A 26 -1.10 -4.61 -7.82
C GLU A 26 -0.55 -3.71 -8.91
N THR A 27 0.29 -2.75 -8.52
CA THR A 27 0.90 -1.83 -9.46
C THR A 27 2.41 -1.98 -9.50
N ASP A 28 3.06 -1.20 -10.35
CA ASP A 28 4.51 -1.24 -10.47
C ASP A 28 5.18 -1.15 -9.11
N SER A 29 4.64 -0.25 -8.26
CA SER A 29 5.19 -0.06 -6.92
C SER A 29 4.09 0.38 -5.95
N MET A 30 4.24 -0.02 -4.70
CA MET A 30 3.26 0.33 -3.66
C MET A 30 3.94 0.55 -2.32
N ILE A 31 3.26 1.27 -1.43
CA ILE A 31 3.80 1.55 -0.11
C ILE A 31 3.08 0.75 0.96
N GLN A 32 3.85 0.11 1.83
CA GLN A 32 3.30 -0.70 2.91
C GLN A 32 3.07 0.14 4.16
N CYS A 33 2.05 -0.21 4.94
CA CYS A 33 1.73 0.51 6.17
C CYS A 33 2.72 0.17 7.26
N GLU A 34 3.46 1.18 7.74
CA GLU A 34 4.44 0.98 8.79
C GLU A 34 3.90 0.04 9.87
N ASP A 35 2.61 0.14 10.14
CA ASP A 35 1.97 -0.71 11.14
C ASP A 35 2.17 -2.19 10.81
N PRO A 36 2.51 -2.98 11.85
CA PRO A 36 2.74 -4.42 11.69
C PRO A 36 1.46 -5.19 11.40
N ARG A 37 0.43 -4.96 12.22
CA ARG A 37 -0.84 -5.62 12.04
C ARG A 37 -1.49 -5.23 10.71
N CYS A 38 -1.35 -3.95 10.35
CA CYS A 38 -1.92 -3.45 9.11
C CYS A 38 -1.17 -3.99 7.90
N HIS A 39 0.06 -3.52 7.72
CA HIS A 39 0.90 -3.96 6.61
C HIS A 39 0.09 -4.01 5.31
N VAL A 40 -0.71 -2.96 5.08
CA VAL A 40 -1.52 -2.88 3.88
C VAL A 40 -0.79 -2.17 2.75
N TRP A 41 -1.11 -2.53 1.51
CA TRP A 41 -0.48 -1.92 0.36
C TRP A 41 -1.41 -0.91 -0.31
N GLN A 42 -0.91 0.30 -0.53
CA GLN A 42 -1.70 1.36 -1.16
C GLN A 42 -0.99 1.91 -2.39
N HIS A 43 -1.67 1.87 -3.52
CA HIS A 43 -1.11 2.36 -4.77
C HIS A 43 -0.38 3.68 -4.55
N VAL A 44 0.76 3.85 -5.22
CA VAL A 44 1.56 5.06 -5.09
C VAL A 44 0.84 6.25 -5.69
N GLY A 45 0.22 6.04 -6.85
CA GLY A 45 -0.50 7.11 -7.51
C GLY A 45 -1.95 7.20 -7.07
N CYS A 46 -2.19 6.92 -5.80
CA CYS A 46 -3.54 6.97 -5.25
C CYS A 46 -3.59 7.86 -4.01
N VAL A 47 -2.67 7.64 -3.09
CA VAL A 47 -2.60 8.42 -1.86
C VAL A 47 -1.42 9.38 -1.88
N ILE A 48 -0.28 8.90 -2.38
CA ILE A 48 0.93 9.72 -2.46
C ILE A 48 0.82 10.75 -3.57
N LEU A 49 1.19 11.99 -3.25
CA LEU A 49 1.14 13.07 -4.23
C LEU A 49 1.83 12.68 -5.53
N PRO A 50 1.04 12.53 -6.60
CA PRO A 50 1.56 12.15 -7.92
C PRO A 50 2.38 13.26 -8.56
N ASP A 51 3.39 12.87 -9.33
CA ASP A 51 4.25 13.84 -10.01
C ASP A 51 4.02 13.81 -11.52
N LYS A 52 3.21 14.73 -12.00
CA LYS A 52 2.91 14.82 -13.43
C LYS A 52 4.18 14.76 -14.26
N PRO A 53 5.13 15.66 -13.97
CA PRO A 53 6.42 15.71 -14.67
C PRO A 53 7.31 14.52 -14.35
N MET A 54 7.04 13.87 -13.23
CA MET A 54 7.82 12.71 -12.80
C MET A 54 9.28 13.09 -12.60
N ASP A 55 9.51 14.21 -11.93
CA ASP A 55 10.87 14.68 -11.68
C ASP A 55 11.43 14.06 -10.40
N GLY A 56 11.17 12.77 -10.21
CA GLY A 56 11.64 12.07 -9.04
C GLY A 56 11.20 12.73 -7.75
N ASN A 57 12.12 13.46 -7.12
CA ASN A 57 11.81 14.15 -5.86
C ASN A 57 10.57 15.02 -6.00
N PRO A 58 9.87 15.25 -4.89
CA PRO A 58 10.28 14.71 -3.58
C PRO A 58 10.10 13.20 -3.49
N PRO A 59 11.02 12.53 -2.77
CA PRO A 59 10.97 11.08 -2.60
C PRO A 59 9.82 10.64 -1.71
N LEU A 60 9.70 9.33 -1.50
CA LEU A 60 8.64 8.78 -0.68
C LEU A 60 8.96 8.94 0.81
N PRO A 61 7.89 9.04 1.63
CA PRO A 61 8.04 9.20 3.08
C PRO A 61 8.57 7.95 3.76
N GLU A 62 9.28 8.13 4.86
CA GLU A 62 9.84 7.01 5.61
C GLU A 62 8.75 6.25 6.37
N SER A 63 7.92 7.00 7.10
CA SER A 63 6.85 6.40 7.88
C SER A 63 5.48 6.81 7.32
N PHE A 64 4.87 5.90 6.57
CA PHE A 64 3.57 6.16 5.97
C PHE A 64 2.46 5.45 6.74
N TYR A 65 1.22 5.90 6.54
CA TYR A 65 0.08 5.30 7.22
C TYR A 65 -1.17 5.36 6.35
N CYS A 66 -1.74 4.18 6.06
CA CYS A 66 -2.93 4.11 5.22
C CYS A 66 -4.02 5.03 5.75
N GLU A 67 -5.20 4.95 5.14
CA GLU A 67 -6.33 5.78 5.55
C GLU A 67 -6.92 5.28 6.86
N ILE A 68 -6.75 3.99 7.13
CA ILE A 68 -7.27 3.39 8.35
C ILE A 68 -6.43 3.79 9.56
N CYS A 69 -5.13 3.95 9.35
CA CYS A 69 -4.22 4.34 10.42
C CYS A 69 -4.22 5.85 10.60
N ARG A 70 -3.94 6.57 9.52
CA ARG A 70 -3.89 8.03 9.56
C ARG A 70 -5.13 8.58 10.28
N LEU A 71 -6.25 7.87 10.16
CA LEU A 71 -7.49 8.30 10.80
C LEU A 71 -7.42 8.08 12.30
N THR A 72 -6.82 6.98 12.72
CA THR A 72 -6.69 6.65 14.13
C THR A 72 -5.71 7.59 14.82
N SER A 73 -6.22 8.72 15.29
CA SER A 73 -5.38 9.71 15.97
C SER A 73 -4.75 9.11 17.23
N GLY A 74 -5.61 8.72 18.18
CA GLY A 74 -5.12 8.13 19.42
C GLY A 74 -5.15 6.62 19.40
N PRO A 75 -3.99 6.00 19.67
CA PRO A 75 -3.85 4.55 19.69
C PRO A 75 -4.59 3.91 20.86
N SER A 76 -5.29 4.73 21.63
CA SER A 76 -6.03 4.25 22.79
C SER A 76 -6.59 2.84 22.53
N SER A 77 -6.58 2.02 23.57
CA SER A 77 -7.08 0.66 23.47
C SER A 77 -7.23 0.02 24.84
N GLY A 78 -8.41 -0.53 25.10
CA GLY A 78 -8.66 -1.16 26.39
C GLY A 78 -9.37 -0.24 27.36
N GLY A 1 -5.99 -12.50 -22.47
CA GLY A 1 -6.05 -12.68 -21.03
C GLY A 1 -7.15 -13.62 -20.61
N SER A 2 -8.20 -13.06 -20.01
CA SER A 2 -9.33 -13.87 -19.54
C SER A 2 -8.88 -14.86 -18.48
N SER A 3 -8.07 -14.39 -17.53
CA SER A 3 -7.57 -15.24 -16.47
C SER A 3 -6.94 -14.41 -15.35
N GLY A 4 -7.44 -14.56 -14.14
CA GLY A 4 -6.92 -13.81 -13.01
C GLY A 4 -7.29 -14.43 -11.68
N SER A 5 -6.48 -15.36 -11.21
CA SER A 5 -6.73 -16.04 -9.94
C SER A 5 -5.58 -15.80 -8.97
N SER A 6 -5.90 -15.83 -7.67
CA SER A 6 -4.90 -15.61 -6.63
C SER A 6 -5.01 -16.68 -5.55
N GLY A 7 -4.36 -17.81 -5.78
CA GLY A 7 -4.40 -18.89 -4.81
C GLY A 7 -3.76 -18.51 -3.49
N GLU A 8 -4.39 -18.93 -2.39
CA GLU A 8 -3.87 -18.63 -1.06
C GLU A 8 -2.95 -19.74 -0.56
N ASP A 9 -1.72 -19.37 -0.24
CA ASP A 9 -0.74 -20.33 0.25
C ASP A 9 0.02 -19.76 1.45
N PRO A 10 0.65 -20.65 2.22
CA PRO A 10 1.43 -20.27 3.40
C PRO A 10 2.71 -19.54 3.04
N PHE A 11 2.94 -19.35 1.75
CA PHE A 11 4.13 -18.66 1.27
C PHE A 11 3.76 -17.38 0.52
N GLN A 12 2.84 -16.61 1.09
CA GLN A 12 2.39 -15.37 0.48
C GLN A 12 2.76 -14.18 1.35
N PRO A 13 2.96 -13.01 0.71
CA PRO A 13 3.32 -11.77 1.41
C PRO A 13 2.16 -11.23 2.25
N GLU A 14 2.47 -10.24 3.08
CA GLU A 14 1.46 -9.63 3.95
C GLU A 14 0.78 -8.46 3.25
N ILE A 15 0.35 -8.68 2.02
CA ILE A 15 -0.32 -7.64 1.24
C ILE A 15 -1.82 -7.65 1.48
N LYS A 16 -2.40 -6.47 1.66
CA LYS A 16 -3.84 -6.35 1.89
C LYS A 16 -4.48 -5.48 0.82
N VAL A 17 -3.71 -4.59 0.23
CA VAL A 17 -4.20 -3.70 -0.81
C VAL A 17 -5.53 -3.05 -0.40
N ARG A 18 -5.59 -2.61 0.85
CA ARG A 18 -6.79 -1.96 1.37
C ARG A 18 -6.85 -0.49 0.97
N CYS A 19 -6.32 -0.19 -0.20
CA CYS A 19 -6.30 1.19 -0.70
C CYS A 19 -7.69 1.81 -0.62
N VAL A 20 -7.77 3.11 -0.86
CA VAL A 20 -9.04 3.83 -0.82
C VAL A 20 -9.78 3.71 -2.15
N CYS A 21 -9.05 3.91 -3.24
CA CYS A 21 -9.65 3.82 -4.57
C CYS A 21 -10.63 2.66 -4.65
N GLY A 22 -10.37 1.61 -3.89
CA GLY A 22 -11.24 0.46 -3.89
C GLY A 22 -10.98 -0.48 -5.05
N ASN A 23 -9.74 -0.50 -5.52
CA ASN A 23 -9.36 -1.36 -6.64
C ASN A 23 -8.89 -2.72 -6.15
N SER A 24 -8.36 -2.77 -4.93
CA SER A 24 -7.87 -4.01 -4.34
C SER A 24 -6.98 -4.76 -5.32
N LEU A 25 -6.29 -4.00 -6.19
CA LEU A 25 -5.40 -4.60 -7.19
C LEU A 25 -3.96 -4.17 -6.93
N GLU A 26 -3.02 -4.84 -7.60
CA GLU A 26 -1.61 -4.53 -7.46
C GLU A 26 -1.06 -3.88 -8.71
N THR A 27 -0.18 -2.89 -8.53
CA THR A 27 0.42 -2.19 -9.65
C THR A 27 1.94 -2.31 -9.63
N ASP A 28 2.59 -1.71 -10.62
CA ASP A 28 4.04 -1.75 -10.72
C ASP A 28 4.68 -1.25 -9.43
N SER A 29 4.14 -0.15 -8.90
CA SER A 29 4.66 0.44 -7.67
C SER A 29 3.61 0.45 -6.58
N MET A 30 4.03 0.28 -5.34
CA MET A 30 3.12 0.27 -4.20
C MET A 30 3.87 0.50 -2.89
N ILE A 31 3.21 1.15 -1.94
CA ILE A 31 3.82 1.44 -0.64
C ILE A 31 3.13 0.67 0.47
N GLN A 32 3.90 0.23 1.46
CA GLN A 32 3.37 -0.52 2.58
C GLN A 32 3.20 0.37 3.81
N CYS A 33 2.05 0.28 4.45
CA CYS A 33 1.77 1.07 5.64
C CYS A 33 2.87 0.91 6.68
N GLU A 34 2.91 1.84 7.64
CA GLU A 34 3.92 1.79 8.70
C GLU A 34 3.50 0.84 9.81
N ASP A 35 2.33 1.08 10.39
CA ASP A 35 1.83 0.24 11.46
C ASP A 35 2.16 -1.22 11.22
N PRO A 36 2.54 -1.93 12.30
CA PRO A 36 2.90 -3.35 12.22
C PRO A 36 1.70 -4.24 11.94
N ARG A 37 0.64 -4.06 12.73
CA ARG A 37 -0.57 -4.85 12.57
C ARG A 37 -1.24 -4.55 11.23
N CYS A 38 -1.28 -3.28 10.86
CA CYS A 38 -1.89 -2.87 9.61
C CYS A 38 -1.09 -3.41 8.41
N HIS A 39 0.10 -2.88 8.22
CA HIS A 39 0.96 -3.31 7.11
C HIS A 39 0.14 -3.50 5.84
N VAL A 40 -0.65 -2.49 5.50
CA VAL A 40 -1.48 -2.54 4.29
C VAL A 40 -0.85 -1.76 3.15
N TRP A 41 -0.96 -2.31 1.94
CA TRP A 41 -0.39 -1.66 0.76
C TRP A 41 -1.40 -0.72 0.11
N GLN A 42 -0.90 0.28 -0.60
CA GLN A 42 -1.76 1.25 -1.27
C GLN A 42 -1.05 1.85 -2.48
N HIS A 43 -1.67 1.69 -3.65
CA HIS A 43 -1.10 2.22 -4.89
C HIS A 43 -0.39 3.54 -4.63
N VAL A 44 0.74 3.74 -5.31
CA VAL A 44 1.51 4.96 -5.17
C VAL A 44 0.77 6.16 -5.75
N GLY A 45 0.41 6.06 -7.02
CA GLY A 45 -0.30 7.15 -7.67
C GLY A 45 -1.58 7.53 -6.94
N CYS A 46 -1.99 6.69 -6.01
CA CYS A 46 -3.20 6.94 -5.23
C CYS A 46 -2.91 7.85 -4.05
N VAL A 47 -2.24 7.30 -3.04
CA VAL A 47 -1.90 8.06 -1.84
C VAL A 47 -0.74 9.02 -2.11
N ILE A 48 0.22 8.57 -2.92
CA ILE A 48 1.37 9.39 -3.26
C ILE A 48 1.10 10.23 -4.51
N LEU A 49 1.40 11.53 -4.42
CA LEU A 49 1.19 12.43 -5.53
C LEU A 49 2.51 12.85 -6.16
N PRO A 50 2.48 13.15 -7.47
CA PRO A 50 3.67 13.56 -8.21
C PRO A 50 4.17 14.94 -7.80
N ASP A 51 5.45 15.02 -7.45
CA ASP A 51 6.05 16.29 -7.04
C ASP A 51 6.20 17.23 -8.23
N LYS A 52 5.29 18.20 -8.34
CA LYS A 52 5.33 19.16 -9.44
C LYS A 52 6.47 20.16 -9.24
N PRO A 53 6.43 20.89 -8.12
CA PRO A 53 7.45 21.89 -7.78
C PRO A 53 8.79 21.26 -7.43
N MET A 54 8.75 20.27 -6.54
CA MET A 54 9.96 19.58 -6.12
C MET A 54 10.18 18.31 -6.94
N ASP A 55 10.34 18.47 -8.25
CA ASP A 55 10.56 17.34 -9.14
C ASP A 55 11.47 16.30 -8.49
N GLY A 56 11.21 15.03 -8.78
CA GLY A 56 12.02 13.96 -8.22
C GLY A 56 12.06 14.00 -6.70
N ASN A 57 13.21 13.65 -6.13
CA ASN A 57 13.37 13.64 -4.69
C ASN A 57 12.67 14.84 -4.05
N PRO A 58 12.35 14.72 -2.76
CA PRO A 58 12.65 13.52 -1.97
C PRO A 58 11.79 12.32 -2.40
N PRO A 59 12.34 11.11 -2.22
CA PRO A 59 11.64 9.88 -2.57
C PRO A 59 10.47 9.58 -1.64
N LEU A 60 9.89 8.40 -1.80
CA LEU A 60 8.75 8.00 -0.97
C LEU A 60 8.95 8.43 0.48
N PRO A 61 7.83 8.68 1.19
CA PRO A 61 7.86 9.10 2.58
C PRO A 61 8.31 7.98 3.52
N GLU A 62 9.32 8.28 4.35
CA GLU A 62 9.85 7.31 5.28
C GLU A 62 8.72 6.62 6.06
N SER A 63 7.68 7.39 6.37
CA SER A 63 6.54 6.86 7.11
C SER A 63 5.24 7.14 6.37
N PHE A 64 4.45 6.09 6.16
CA PHE A 64 3.18 6.22 5.46
C PHE A 64 2.06 5.52 6.23
N TYR A 65 1.00 6.25 6.52
CA TYR A 65 -0.13 5.71 7.26
C TYR A 65 -1.42 5.77 6.43
N CYS A 66 -1.95 4.61 6.07
CA CYS A 66 -3.17 4.54 5.28
C CYS A 66 -4.29 5.33 5.92
N GLU A 67 -5.48 5.25 5.34
CA GLU A 67 -6.64 5.97 5.87
C GLU A 67 -7.12 5.34 7.18
N ILE A 68 -6.82 4.06 7.35
CA ILE A 68 -7.22 3.34 8.55
C ILE A 68 -6.33 3.70 9.74
N CYS A 69 -5.13 4.20 9.44
CA CYS A 69 -4.18 4.59 10.48
C CYS A 69 -4.25 6.09 10.73
N ARG A 70 -4.39 6.86 9.67
CA ARG A 70 -4.46 8.32 9.78
C ARG A 70 -5.75 8.74 10.47
N LEU A 71 -6.62 7.78 10.74
CA LEU A 71 -7.89 8.06 11.40
C LEU A 71 -7.77 7.90 12.91
N THR A 72 -6.89 6.99 13.34
CA THR A 72 -6.68 6.76 14.76
C THR A 72 -5.87 7.88 15.39
N SER A 73 -6.57 8.87 15.95
CA SER A 73 -5.93 10.01 16.58
C SER A 73 -5.11 9.57 17.79
N GLY A 74 -4.24 10.46 18.27
CA GLY A 74 -3.41 10.15 19.42
C GLY A 74 -3.18 11.35 20.31
N PRO A 75 -2.34 11.17 21.34
CA PRO A 75 -2.02 12.23 22.29
C PRO A 75 -1.17 13.34 21.66
N SER A 76 -1.81 14.25 20.95
CA SER A 76 -1.11 15.34 20.29
C SER A 76 -1.91 16.64 20.40
N SER A 77 -1.22 17.73 20.73
CA SER A 77 -1.86 19.02 20.87
C SER A 77 -2.86 19.26 19.74
N GLY A 78 -4.04 19.74 20.09
CA GLY A 78 -5.08 20.00 19.10
C GLY A 78 -5.72 18.73 18.58
N GLY A 1 -8.32 -22.73 -28.49
CA GLY A 1 -7.01 -23.32 -28.31
C GLY A 1 -6.37 -22.92 -27.00
N SER A 2 -6.51 -23.77 -25.99
CA SER A 2 -5.94 -23.50 -24.67
C SER A 2 -5.41 -24.77 -24.03
N SER A 3 -4.10 -24.81 -23.81
CA SER A 3 -3.45 -25.98 -23.21
C SER A 3 -3.30 -25.80 -21.71
N GLY A 4 -3.13 -26.90 -20.98
CA GLY A 4 -2.97 -26.84 -19.55
C GLY A 4 -1.56 -26.45 -19.14
N SER A 5 -1.22 -25.18 -19.34
CA SER A 5 0.10 -24.68 -18.98
C SER A 5 0.00 -23.49 -18.02
N SER A 6 -0.18 -23.80 -16.75
CA SER A 6 -0.29 -22.76 -15.73
C SER A 6 -0.36 -23.37 -14.34
N GLY A 7 0.26 -22.70 -13.37
CA GLY A 7 0.27 -23.19 -12.01
C GLY A 7 1.00 -22.27 -11.06
N GLU A 8 0.26 -21.38 -10.39
CA GLU A 8 0.85 -20.44 -9.45
C GLU A 8 1.70 -21.17 -8.41
N ASP A 9 2.53 -20.41 -7.70
CA ASP A 9 3.39 -20.99 -6.67
C ASP A 9 2.80 -20.77 -5.28
N PRO A 10 2.98 -21.77 -4.40
CA PRO A 10 2.46 -21.71 -3.03
C PRO A 10 3.20 -20.70 -2.17
N PHE A 11 4.13 -19.97 -2.80
CA PHE A 11 4.91 -18.96 -2.09
C PHE A 11 4.54 -17.56 -2.56
N GLN A 12 3.25 -17.33 -2.75
CA GLN A 12 2.77 -16.03 -3.21
C GLN A 12 3.02 -14.96 -2.16
N PRO A 13 3.03 -13.69 -2.59
CA PRO A 13 3.25 -12.54 -1.70
C PRO A 13 2.09 -12.32 -0.73
N GLU A 14 2.40 -11.75 0.43
CA GLU A 14 1.38 -11.48 1.43
C GLU A 14 0.90 -10.03 1.35
N ILE A 15 0.58 -9.60 0.13
CA ILE A 15 0.09 -8.24 -0.09
C ILE A 15 -1.42 -8.15 0.06
N LYS A 16 -1.88 -7.19 0.85
CA LYS A 16 -3.31 -7.00 1.07
C LYS A 16 -3.92 -6.14 -0.03
N VAL A 17 -3.38 -4.96 -0.23
CA VAL A 17 -3.86 -4.04 -1.25
C VAL A 17 -5.18 -3.40 -0.83
N ARG A 18 -5.19 -2.82 0.37
CA ARG A 18 -6.39 -2.17 0.89
C ARG A 18 -6.48 -0.72 0.41
N CYS A 19 -6.09 -0.50 -0.85
CA CYS A 19 -6.13 0.84 -1.43
C CYS A 19 -7.54 1.43 -1.36
N VAL A 20 -7.61 2.76 -1.30
CA VAL A 20 -8.90 3.44 -1.23
C VAL A 20 -9.63 3.37 -2.57
N CYS A 21 -8.90 3.62 -3.64
CA CYS A 21 -9.48 3.59 -4.98
C CYS A 21 -10.46 2.43 -5.12
N GLY A 22 -10.21 1.36 -4.37
CA GLY A 22 -11.08 0.19 -4.44
C GLY A 22 -10.41 -0.99 -5.13
N ASN A 23 -9.55 -0.70 -6.08
CA ASN A 23 -8.85 -1.75 -6.83
C ASN A 23 -7.98 -2.58 -5.90
N SER A 24 -8.12 -3.90 -5.98
CA SER A 24 -7.34 -4.80 -5.15
C SER A 24 -6.25 -5.49 -5.96
N LEU A 25 -5.68 -4.75 -6.90
CA LEU A 25 -4.62 -5.28 -7.74
C LEU A 25 -3.25 -4.85 -7.24
N GLU A 26 -2.20 -5.49 -7.76
CA GLU A 26 -0.84 -5.16 -7.36
C GLU A 26 -0.06 -4.53 -8.52
N THR A 27 0.96 -3.74 -8.20
CA THR A 27 1.78 -3.09 -9.21
C THR A 27 3.19 -2.84 -8.70
N ASP A 28 4.09 -2.51 -9.61
CA ASP A 28 5.48 -2.24 -9.26
C ASP A 28 5.59 -1.00 -8.37
N SER A 29 4.49 -0.25 -8.27
CA SER A 29 4.46 0.95 -7.46
C SER A 29 3.40 0.84 -6.35
N MET A 30 3.87 0.64 -5.12
CA MET A 30 2.98 0.51 -3.98
C MET A 30 3.72 0.78 -2.68
N ILE A 31 2.99 1.24 -1.67
CA ILE A 31 3.59 1.53 -0.37
C ILE A 31 2.92 0.71 0.74
N GLN A 32 3.73 0.12 1.60
CA GLN A 32 3.23 -0.69 2.70
C GLN A 32 3.11 0.14 3.98
N CYS A 33 1.94 0.05 4.62
CA CYS A 33 1.70 0.79 5.85
C CYS A 33 2.75 0.47 6.91
N GLU A 34 3.29 1.50 7.54
CA GLU A 34 4.31 1.32 8.57
C GLU A 34 3.85 0.29 9.60
N ASP A 35 2.67 0.52 10.17
CA ASP A 35 2.13 -0.39 11.18
C ASP A 35 2.45 -1.84 10.84
N PRO A 36 2.84 -2.62 11.86
CA PRO A 36 3.19 -4.04 11.69
C PRO A 36 1.97 -4.89 11.38
N ARG A 37 0.93 -4.75 12.19
CA ARG A 37 -0.29 -5.52 12.00
C ARG A 37 -0.99 -5.12 10.71
N CYS A 38 -1.11 -3.81 10.48
CA CYS A 38 -1.75 -3.30 9.28
C CYS A 38 -1.02 -3.77 8.02
N HIS A 39 0.20 -3.27 7.83
CA HIS A 39 1.01 -3.64 6.67
C HIS A 39 0.14 -3.73 5.42
N VAL A 40 -0.72 -2.74 5.22
CA VAL A 40 -1.61 -2.71 4.07
C VAL A 40 -0.97 -1.97 2.91
N TRP A 41 -0.91 -2.62 1.76
CA TRP A 41 -0.31 -2.04 0.56
C TRP A 41 -1.29 -1.07 -0.11
N GLN A 42 -0.75 -0.01 -0.71
CA GLN A 42 -1.56 0.99 -1.38
C GLN A 42 -0.81 1.63 -2.53
N HIS A 43 -1.43 1.67 -3.70
CA HIS A 43 -0.81 2.25 -4.89
C HIS A 43 -0.16 3.59 -4.55
N VAL A 44 0.93 3.91 -5.25
CA VAL A 44 1.64 5.15 -5.02
C VAL A 44 0.88 6.33 -5.60
N GLY A 45 0.39 6.18 -6.84
CA GLY A 45 -0.35 7.24 -7.48
C GLY A 45 -1.80 7.27 -7.06
N CYS A 46 -2.07 6.86 -5.83
CA CYS A 46 -3.42 6.84 -5.31
C CYS A 46 -3.52 7.66 -4.02
N VAL A 47 -2.67 7.34 -3.05
CA VAL A 47 -2.67 8.04 -1.77
C VAL A 47 -1.60 9.14 -1.76
N ILE A 48 -0.39 8.78 -2.16
CA ILE A 48 0.70 9.74 -2.20
C ILE A 48 0.40 10.89 -3.14
N LEU A 49 0.62 12.11 -2.67
CA LEU A 49 0.37 13.31 -3.47
C LEU A 49 1.00 13.18 -4.85
N PRO A 50 0.42 13.89 -5.82
CA PRO A 50 0.92 13.88 -7.21
C PRO A 50 2.27 14.57 -7.35
N ASP A 51 3.29 13.79 -7.69
CA ASP A 51 4.64 14.33 -7.86
C ASP A 51 4.79 14.97 -9.23
N LYS A 52 4.22 16.17 -9.39
CA LYS A 52 4.30 16.89 -10.66
C LYS A 52 5.76 17.16 -11.04
N PRO A 53 6.52 17.73 -10.10
CA PRO A 53 7.93 18.05 -10.32
C PRO A 53 8.80 16.80 -10.42
N MET A 54 8.43 15.77 -9.66
CA MET A 54 9.17 14.52 -9.66
C MET A 54 10.68 14.78 -9.72
N ASP A 55 11.11 15.85 -9.07
CA ASP A 55 12.52 16.21 -9.04
C ASP A 55 13.36 15.12 -8.38
N GLY A 56 12.86 14.60 -7.26
CA GLY A 56 13.57 13.57 -6.54
C GLY A 56 13.28 13.59 -5.05
N ASN A 57 14.34 13.69 -4.25
CA ASN A 57 14.21 13.72 -2.80
C ASN A 57 13.40 14.93 -2.36
N PRO A 58 12.72 14.81 -1.21
CA PRO A 58 12.72 13.58 -0.42
C PRO A 58 11.98 12.44 -1.11
N PRO A 59 12.57 11.23 -1.06
CA PRO A 59 11.97 10.03 -1.67
C PRO A 59 10.72 9.57 -0.94
N LEU A 60 10.13 8.48 -1.42
CA LEU A 60 8.93 7.92 -0.80
C LEU A 60 9.08 7.85 0.71
N PRO A 61 7.96 8.04 1.43
CA PRO A 61 7.94 7.99 2.89
C PRO A 61 8.16 6.59 3.43
N GLU A 62 9.24 6.42 4.20
CA GLU A 62 9.56 5.12 4.77
C GLU A 62 8.47 4.65 5.73
N SER A 63 8.00 5.56 6.58
CA SER A 63 6.96 5.25 7.55
C SER A 63 5.67 6.00 7.21
N PHE A 64 4.86 5.42 6.34
CA PHE A 64 3.60 6.03 5.94
C PHE A 64 2.41 5.30 6.57
N TYR A 65 1.39 6.05 6.94
CA TYR A 65 0.20 5.48 7.55
C TYR A 65 -0.99 5.56 6.61
N CYS A 66 -1.59 4.41 6.30
CA CYS A 66 -2.74 4.35 5.42
C CYS A 66 -3.85 5.27 5.91
N GLU A 67 -5.00 5.22 5.24
CA GLU A 67 -6.14 6.04 5.61
C GLU A 67 -6.81 5.51 6.87
N ILE A 68 -6.64 4.21 7.12
CA ILE A 68 -7.23 3.59 8.30
C ILE A 68 -6.44 3.92 9.55
N CYS A 69 -5.13 4.08 9.39
CA CYS A 69 -4.25 4.41 10.52
C CYS A 69 -4.28 5.91 10.81
N ARG A 70 -4.15 6.71 9.75
CA ARG A 70 -4.15 8.15 9.88
C ARG A 70 -5.36 8.62 10.69
N LEU A 71 -6.51 7.99 10.45
CA LEU A 71 -7.74 8.35 11.16
C LEU A 71 -7.62 8.02 12.64
N THR A 72 -6.84 7.01 12.96
CA THR A 72 -6.64 6.59 14.34
C THR A 72 -5.28 7.04 14.86
N SER A 73 -4.95 6.60 16.08
CA SER A 73 -3.67 6.95 16.69
C SER A 73 -2.52 6.17 16.05
N GLY A 74 -1.30 6.65 16.27
CA GLY A 74 -0.14 5.99 15.71
C GLY A 74 1.17 6.52 16.27
N PRO A 75 1.64 7.64 15.71
CA PRO A 75 2.89 8.28 16.14
C PRO A 75 2.76 8.91 17.52
N SER A 76 3.84 9.57 17.97
CA SER A 76 3.85 10.21 19.27
C SER A 76 4.10 11.71 19.13
N SER A 77 3.49 12.32 18.11
CA SER A 77 3.65 13.75 17.86
C SER A 77 2.31 14.40 17.55
N GLY A 78 2.17 15.67 17.93
CA GLY A 78 0.93 16.38 17.68
C GLY A 78 1.07 17.88 17.92
N GLY A 1 11.18 -27.36 -25.34
CA GLY A 1 9.81 -26.87 -25.22
C GLY A 1 9.62 -25.99 -24.00
N SER A 2 8.69 -25.05 -24.10
CA SER A 2 8.41 -24.15 -22.99
C SER A 2 7.32 -24.70 -22.09
N SER A 3 6.18 -25.02 -22.68
CA SER A 3 5.05 -25.56 -21.93
C SER A 3 4.81 -24.76 -20.66
N GLY A 4 4.89 -23.44 -20.78
CA GLY A 4 4.68 -22.56 -19.63
C GLY A 4 3.23 -22.16 -19.47
N SER A 5 2.85 -21.77 -18.27
CA SER A 5 1.48 -21.35 -17.98
C SER A 5 1.38 -20.67 -16.62
N SER A 6 0.27 -19.98 -16.39
CA SER A 6 0.06 -19.28 -15.13
C SER A 6 0.20 -20.24 -13.95
N GLY A 7 0.25 -19.69 -12.74
CA GLY A 7 0.39 -20.50 -11.55
C GLY A 7 1.03 -19.76 -10.40
N GLU A 8 0.53 -19.98 -9.20
CA GLU A 8 1.07 -19.32 -8.01
C GLU A 8 2.06 -20.22 -7.28
N ASP A 9 3.03 -19.59 -6.62
CA ASP A 9 4.05 -20.34 -5.87
C ASP A 9 3.68 -20.43 -4.39
N PRO A 10 4.18 -21.49 -3.73
CA PRO A 10 3.92 -21.71 -2.31
C PRO A 10 4.63 -20.69 -1.42
N PHE A 11 5.31 -19.74 -2.05
CA PHE A 11 6.03 -18.70 -1.32
C PHE A 11 5.61 -17.32 -1.79
N GLN A 12 4.31 -17.05 -1.72
CA GLN A 12 3.78 -15.76 -2.15
C GLN A 12 4.10 -14.68 -1.12
N PRO A 13 4.21 -13.43 -1.59
CA PRO A 13 4.52 -12.28 -0.74
C PRO A 13 3.37 -11.93 0.20
N GLU A 14 3.60 -10.95 1.07
CA GLU A 14 2.58 -10.51 2.01
C GLU A 14 1.86 -9.27 1.51
N ILE A 15 0.94 -9.46 0.57
CA ILE A 15 0.18 -8.34 0.01
C ILE A 15 -1.31 -8.48 0.34
N LYS A 16 -1.99 -7.34 0.41
CA LYS A 16 -3.41 -7.31 0.71
C LYS A 16 -4.18 -6.46 -0.29
N VAL A 17 -3.65 -5.27 -0.56
CA VAL A 17 -4.27 -4.35 -1.51
C VAL A 17 -5.57 -3.79 -0.95
N ARG A 18 -5.51 -3.20 0.24
CA ARG A 18 -6.69 -2.64 0.89
C ARG A 18 -6.83 -1.16 0.53
N CYS A 19 -6.44 -0.80 -0.70
CA CYS A 19 -6.53 0.57 -1.16
C CYS A 19 -7.99 1.01 -1.24
N VAL A 20 -8.19 2.33 -1.33
CA VAL A 20 -9.54 2.89 -1.41
C VAL A 20 -10.13 2.68 -2.79
N CYS A 21 -9.31 2.89 -3.83
CA CYS A 21 -9.76 2.71 -5.21
C CYS A 21 -10.58 1.44 -5.36
N GLY A 22 -10.28 0.45 -4.53
CA GLY A 22 -11.00 -0.81 -4.59
C GLY A 22 -10.54 -1.69 -5.74
N ASN A 23 -9.25 -1.60 -6.07
CA ASN A 23 -8.68 -2.39 -7.16
C ASN A 23 -7.77 -3.49 -6.61
N SER A 24 -8.34 -4.68 -6.45
CA SER A 24 -7.58 -5.82 -5.94
C SER A 24 -6.21 -5.90 -6.60
N LEU A 25 -6.12 -5.41 -7.83
CA LEU A 25 -4.85 -5.44 -8.57
C LEU A 25 -3.74 -4.80 -7.75
N GLU A 26 -2.50 -5.11 -8.11
CA GLU A 26 -1.34 -4.57 -7.41
C GLU A 26 -0.15 -4.41 -8.36
N THR A 27 0.67 -3.39 -8.10
CA THR A 27 1.83 -3.13 -8.93
C THR A 27 3.12 -3.33 -8.15
N ASP A 28 4.25 -3.32 -8.86
CA ASP A 28 5.55 -3.50 -8.23
C ASP A 28 6.01 -2.21 -7.55
N SER A 29 5.18 -1.18 -7.62
CA SER A 29 5.51 0.11 -7.03
C SER A 29 4.39 0.58 -6.10
N MET A 30 4.48 0.18 -4.84
CA MET A 30 3.48 0.56 -3.84
C MET A 30 4.12 0.79 -2.48
N ILE A 31 3.34 1.30 -1.54
CA ILE A 31 3.84 1.58 -0.20
C ILE A 31 3.08 0.76 0.84
N GLN A 32 3.82 0.15 1.76
CA GLN A 32 3.22 -0.67 2.81
C GLN A 32 2.97 0.16 4.07
N CYS A 33 1.95 -0.22 4.83
CA CYS A 33 1.61 0.49 6.05
C CYS A 33 2.62 0.19 7.16
N GLU A 34 3.21 1.24 7.72
CA GLU A 34 4.21 1.08 8.78
C GLU A 34 3.68 0.16 9.88
N ASP A 35 2.40 0.30 10.20
CA ASP A 35 1.77 -0.51 11.23
C ASP A 35 1.93 -2.00 10.93
N PRO A 36 2.30 -2.78 11.95
CA PRO A 36 2.49 -4.23 11.81
C PRO A 36 1.18 -4.96 11.59
N ARG A 37 0.19 -4.68 12.43
CA ARG A 37 -1.11 -5.33 12.34
C ARG A 37 -1.75 -5.06 10.97
N CYS A 38 -1.60 -3.83 10.49
CA CYS A 38 -2.16 -3.45 9.20
C CYS A 38 -1.35 -4.06 8.06
N HIS A 39 -0.12 -3.58 7.88
CA HIS A 39 0.75 -4.08 6.82
C HIS A 39 0.00 -4.19 5.50
N VAL A 40 -0.82 -3.19 5.22
CA VAL A 40 -1.60 -3.16 3.98
C VAL A 40 -0.89 -2.37 2.89
N TRP A 41 -1.13 -2.74 1.64
CA TRP A 41 -0.51 -2.06 0.51
C TRP A 41 -1.43 -0.99 -0.05
N GLN A 42 -0.85 0.12 -0.51
CA GLN A 42 -1.61 1.22 -1.07
C GLN A 42 -0.91 1.82 -2.28
N HIS A 43 -1.57 1.79 -3.43
CA HIS A 43 -1.00 2.33 -4.65
C HIS A 43 -0.43 3.72 -4.41
N VAL A 44 0.78 3.96 -4.92
CA VAL A 44 1.43 5.25 -4.76
C VAL A 44 0.60 6.37 -5.38
N GLY A 45 0.03 6.09 -6.56
CA GLY A 45 -0.79 7.08 -7.23
C GLY A 45 -2.21 7.09 -6.74
N CYS A 46 -2.41 6.69 -5.48
CA CYS A 46 -3.75 6.66 -4.89
C CYS A 46 -3.79 7.46 -3.59
N VAL A 47 -2.72 7.36 -2.80
CA VAL A 47 -2.63 8.07 -1.54
C VAL A 47 -1.56 9.14 -1.59
N ILE A 48 -0.35 8.76 -1.98
CA ILE A 48 0.76 9.69 -2.09
C ILE A 48 0.43 10.87 -2.99
N LEU A 49 0.00 11.97 -2.39
CA LEU A 49 -0.36 13.16 -3.14
C LEU A 49 0.89 13.92 -3.60
N PRO A 50 1.68 14.40 -2.62
CA PRO A 50 2.92 15.13 -2.89
C PRO A 50 4.00 14.25 -3.47
N ASP A 51 4.83 14.82 -4.33
CA ASP A 51 5.93 14.08 -4.96
C ASP A 51 7.27 14.50 -4.38
N LYS A 52 7.47 14.22 -3.09
CA LYS A 52 8.72 14.56 -2.42
C LYS A 52 9.90 13.80 -3.01
N PRO A 53 9.81 12.46 -2.95
CA PRO A 53 10.87 11.58 -3.47
C PRO A 53 10.93 11.60 -5.00
N MET A 54 9.77 11.69 -5.63
CA MET A 54 9.68 11.72 -7.09
C MET A 54 10.33 10.47 -7.70
N ASP A 55 10.07 9.32 -7.08
CA ASP A 55 10.63 8.07 -7.57
C ASP A 55 12.15 8.15 -7.67
N GLY A 56 12.77 8.80 -6.69
CA GLY A 56 14.22 8.93 -6.69
C GLY A 56 14.81 8.89 -5.30
N ASN A 57 15.72 9.81 -5.01
CA ASN A 57 16.36 9.88 -3.70
C ASN A 57 16.24 11.28 -3.11
N PRO A 58 15.75 11.35 -1.86
CA PRO A 58 15.37 10.16 -1.09
C PRO A 58 14.12 9.50 -1.64
N PRO A 59 14.07 8.15 -1.58
CA PRO A 59 12.94 7.37 -2.07
C PRO A 59 11.70 7.54 -1.19
N LEU A 60 10.63 6.82 -1.53
CA LEU A 60 9.38 6.90 -0.78
C LEU A 60 9.65 6.84 0.72
N PRO A 61 8.81 7.53 1.50
CA PRO A 61 8.93 7.58 2.96
C PRO A 61 8.60 6.24 3.61
N GLU A 62 9.51 5.74 4.44
CA GLU A 62 9.32 4.47 5.12
C GLU A 62 8.11 4.54 6.06
N SER A 63 8.15 5.47 7.00
CA SER A 63 7.06 5.64 7.95
C SER A 63 5.82 6.19 7.28
N PHE A 64 4.89 5.30 6.94
CA PHE A 64 3.65 5.69 6.28
C PHE A 64 2.45 5.00 6.91
N TYR A 65 1.27 5.57 6.72
CA TYR A 65 0.05 5.01 7.28
C TYR A 65 -1.13 5.23 6.34
N CYS A 66 -1.74 4.14 5.89
CA CYS A 66 -2.88 4.22 4.98
C CYS A 66 -3.94 5.18 5.52
N GLU A 67 -5.02 5.33 4.77
CA GLU A 67 -6.11 6.22 5.16
C GLU A 67 -6.84 5.68 6.38
N ILE A 68 -6.70 4.38 6.61
CA ILE A 68 -7.36 3.73 7.74
C ILE A 68 -6.53 3.87 9.02
N CYS A 69 -5.21 3.99 8.84
CA CYS A 69 -4.30 4.12 9.98
C CYS A 69 -4.16 5.59 10.38
N ARG A 70 -3.94 6.45 9.39
CA ARG A 70 -3.78 7.88 9.64
C ARG A 70 -4.94 8.42 10.47
N LEU A 71 -6.15 7.97 10.14
CA LEU A 71 -7.35 8.41 10.86
C LEU A 71 -7.27 8.01 12.33
N THR A 72 -6.67 6.86 12.60
CA THR A 72 -6.52 6.38 13.97
C THR A 72 -5.31 6.98 14.65
N SER A 73 -5.42 8.25 15.03
CA SER A 73 -4.32 8.95 15.69
C SER A 73 -4.79 10.27 16.27
N GLY A 74 -4.50 10.49 17.54
CA GLY A 74 -4.90 11.73 18.20
C GLY A 74 -3.95 12.87 17.92
N PRO A 75 -4.42 13.86 17.17
CA PRO A 75 -3.61 15.04 16.81
C PRO A 75 -3.35 15.94 18.01
N SER A 76 -2.09 15.98 18.45
CA SER A 76 -1.70 16.81 19.59
C SER A 76 -0.63 17.81 19.19
N SER A 77 -0.90 19.09 19.44
CA SER A 77 0.05 20.15 19.12
C SER A 77 1.48 19.69 19.33
N GLY A 78 1.78 19.27 20.56
CA GLY A 78 3.12 18.80 20.87
C GLY A 78 4.17 19.89 20.70
N GLY A 1 0.29 -33.50 -16.11
CA GLY A 1 -0.56 -32.61 -15.34
C GLY A 1 -0.06 -32.42 -13.91
N SER A 2 -0.57 -31.39 -13.24
CA SER A 2 -0.16 -31.10 -11.88
C SER A 2 -1.27 -30.35 -11.12
N SER A 3 -1.26 -30.47 -9.80
CA SER A 3 -2.26 -29.81 -8.98
C SER A 3 -1.87 -29.86 -7.51
N GLY A 4 -2.08 -28.75 -6.81
CA GLY A 4 -1.73 -28.67 -5.40
C GLY A 4 -0.94 -27.43 -5.05
N SER A 5 -1.58 -26.52 -4.32
CA SER A 5 -0.93 -25.28 -3.92
C SER A 5 -1.50 -24.76 -2.60
N SER A 6 -0.92 -23.68 -2.09
CA SER A 6 -1.37 -23.10 -0.83
C SER A 6 -1.77 -21.63 -1.03
N GLY A 7 -2.16 -20.98 0.06
CA GLY A 7 -2.56 -19.59 -0.01
C GLY A 7 -1.37 -18.64 -0.06
N GLU A 8 -0.44 -18.92 -0.96
CA GLU A 8 0.75 -18.09 -1.10
C GLU A 8 1.55 -18.49 -2.33
N ASP A 9 2.14 -17.50 -3.01
CA ASP A 9 2.94 -17.75 -4.20
C ASP A 9 4.42 -17.50 -3.93
N PRO A 10 5.28 -18.15 -4.73
CA PRO A 10 6.74 -18.02 -4.59
C PRO A 10 7.22 -16.64 -5.01
N PHE A 11 6.79 -16.20 -6.20
CA PHE A 11 7.19 -14.89 -6.71
C PHE A 11 6.08 -13.87 -6.52
N GLN A 12 5.09 -14.22 -5.71
CA GLN A 12 3.96 -13.33 -5.44
C GLN A 12 3.44 -13.53 -4.02
N PRO A 13 3.75 -12.58 -3.13
CA PRO A 13 3.32 -12.63 -1.73
C PRO A 13 1.82 -12.41 -1.59
N GLU A 14 1.35 -12.38 -0.34
CA GLU A 14 -0.06 -12.18 -0.06
C GLU A 14 -0.37 -10.70 0.14
N ILE A 15 -0.54 -9.98 -0.97
CA ILE A 15 -0.84 -8.55 -0.91
C ILE A 15 -2.31 -8.31 -0.61
N LYS A 16 -2.58 -7.33 0.24
CA LYS A 16 -3.94 -6.99 0.62
C LYS A 16 -4.57 -6.02 -0.39
N VAL A 17 -3.88 -4.91 -0.64
CA VAL A 17 -4.37 -3.91 -1.59
C VAL A 17 -5.58 -3.17 -1.03
N ARG A 18 -5.44 -2.66 0.19
CA ARG A 18 -6.52 -1.93 0.83
C ARG A 18 -6.56 -0.47 0.37
N CYS A 19 -6.29 -0.27 -0.92
CA CYS A 19 -6.29 1.07 -1.49
C CYS A 19 -7.70 1.65 -1.53
N VAL A 20 -7.78 2.95 -1.76
CA VAL A 20 -9.08 3.63 -1.81
C VAL A 20 -9.78 3.37 -3.14
N CYS A 21 -9.04 3.50 -4.23
CA CYS A 21 -9.59 3.27 -5.56
C CYS A 21 -10.60 2.12 -5.55
N GLY A 22 -10.35 1.14 -4.69
CA GLY A 22 -11.24 0.00 -4.59
C GLY A 22 -10.94 -1.07 -5.62
N ASN A 23 -9.66 -1.26 -5.93
CA ASN A 23 -9.24 -2.25 -6.90
C ASN A 23 -8.46 -3.38 -6.23
N SER A 24 -8.58 -4.59 -6.79
CA SER A 24 -7.89 -5.75 -6.24
C SER A 24 -6.63 -6.06 -7.04
N LEU A 25 -6.02 -5.03 -7.60
CA LEU A 25 -4.81 -5.19 -8.39
C LEU A 25 -3.61 -4.59 -7.67
N GLU A 26 -2.41 -5.04 -8.05
CA GLU A 26 -1.18 -4.54 -7.45
C GLU A 26 -0.11 -4.27 -8.51
N THR A 27 0.62 -3.19 -8.33
CA THR A 27 1.67 -2.81 -9.28
C THR A 27 3.02 -2.70 -8.58
N ASP A 28 4.04 -2.31 -9.34
CA ASP A 28 5.39 -2.17 -8.79
C ASP A 28 5.45 -0.99 -7.84
N SER A 29 4.69 0.06 -8.13
CA SER A 29 4.66 1.26 -7.29
C SER A 29 3.60 1.14 -6.21
N MET A 30 4.02 0.72 -5.02
CA MET A 30 3.11 0.57 -3.89
C MET A 30 3.81 0.87 -2.57
N ILE A 31 3.03 1.27 -1.57
CA ILE A 31 3.59 1.59 -0.26
C ILE A 31 2.90 0.78 0.83
N GLN A 32 3.71 0.11 1.65
CA GLN A 32 3.19 -0.72 2.73
C GLN A 32 2.99 0.12 4.00
N CYS A 33 1.95 -0.20 4.76
CA CYS A 33 1.64 0.51 5.98
C CYS A 33 2.61 0.13 7.10
N GLU A 34 3.28 1.14 7.66
CA GLU A 34 4.25 0.90 8.73
C GLU A 34 3.70 -0.11 9.74
N ASP A 35 2.48 0.14 10.22
CA ASP A 35 1.85 -0.73 11.19
C ASP A 35 2.14 -2.20 10.86
N PRO A 36 2.45 -2.99 11.91
CA PRO A 36 2.75 -4.41 11.75
C PRO A 36 1.52 -5.23 11.38
N ARG A 37 0.46 -5.09 12.17
CA ARG A 37 -0.78 -5.82 11.92
C ARG A 37 -1.43 -5.37 10.61
N CYS A 38 -1.32 -4.07 10.33
CA CYS A 38 -1.89 -3.50 9.11
C CYS A 38 -1.11 -3.95 7.89
N HIS A 39 0.16 -3.56 7.83
CA HIS A 39 1.02 -3.92 6.71
C HIS A 39 0.23 -3.94 5.40
N VAL A 40 -0.73 -3.03 5.27
CA VAL A 40 -1.56 -2.95 4.08
C VAL A 40 -0.82 -2.28 2.94
N TRP A 41 -1.15 -2.66 1.72
CA TRP A 41 -0.51 -2.08 0.53
C TRP A 41 -1.44 -1.09 -0.16
N GLN A 42 -0.88 0.04 -0.56
CA GLN A 42 -1.66 1.08 -1.24
C GLN A 42 -0.86 1.72 -2.37
N HIS A 43 -1.42 1.69 -3.57
CA HIS A 43 -0.75 2.26 -4.74
C HIS A 43 -0.14 3.62 -4.40
N VAL A 44 0.92 3.97 -5.12
CA VAL A 44 1.60 5.25 -4.90
C VAL A 44 0.84 6.40 -5.55
N GLY A 45 0.41 6.19 -6.79
CA GLY A 45 -0.33 7.22 -7.49
C GLY A 45 -1.80 7.23 -7.14
N CYS A 46 -2.12 6.83 -5.91
CA CYS A 46 -3.50 6.79 -5.45
C CYS A 46 -3.68 7.64 -4.19
N VAL A 47 -2.81 7.41 -3.21
CA VAL A 47 -2.87 8.16 -1.96
C VAL A 47 -1.78 9.22 -1.89
N ILE A 48 -0.62 8.92 -2.47
CA ILE A 48 0.49 9.86 -2.48
C ILE A 48 0.35 10.87 -3.61
N LEU A 49 0.34 12.15 -3.26
CA LEU A 49 0.21 13.22 -4.24
C LEU A 49 1.25 13.06 -5.36
N PRO A 50 0.82 13.32 -6.60
CA PRO A 50 1.70 13.22 -7.77
C PRO A 50 2.77 14.32 -7.80
N ASP A 51 3.75 14.16 -8.67
CA ASP A 51 4.82 15.14 -8.80
C ASP A 51 5.44 15.09 -10.20
N LYS A 52 5.16 16.12 -10.99
CA LYS A 52 5.68 16.20 -12.35
C LYS A 52 7.14 16.60 -12.35
N PRO A 53 7.42 17.83 -11.87
CA PRO A 53 8.79 18.36 -11.80
C PRO A 53 9.63 17.66 -10.74
N MET A 54 9.04 17.44 -9.57
CA MET A 54 9.74 16.78 -8.47
C MET A 54 9.68 15.26 -8.63
N ASP A 55 9.86 14.80 -9.86
CA ASP A 55 9.82 13.36 -10.15
C ASP A 55 11.18 12.71 -9.87
N GLY A 56 11.83 13.15 -8.80
CA GLY A 56 13.13 12.61 -8.45
C GLY A 56 13.42 12.70 -6.97
N ASN A 57 13.15 13.86 -6.38
CA ASN A 57 13.38 14.07 -4.95
C ASN A 57 12.55 15.24 -4.43
N PRO A 58 12.21 15.19 -3.14
CA PRO A 58 12.61 14.09 -2.26
C PRO A 58 11.89 12.79 -2.60
N PRO A 59 12.55 11.65 -2.34
CA PRO A 59 12.00 10.33 -2.60
C PRO A 59 10.84 9.98 -1.66
N LEU A 60 10.23 8.82 -1.88
CA LEU A 60 9.12 8.38 -1.05
C LEU A 60 9.45 8.50 0.43
N PRO A 61 8.41 8.71 1.25
CA PRO A 61 8.56 8.86 2.70
C PRO A 61 8.96 7.55 3.38
N GLU A 62 9.98 7.62 4.22
CA GLU A 62 10.47 6.44 4.93
C GLU A 62 9.30 5.65 5.52
N SER A 63 8.53 6.30 6.37
CA SER A 63 7.38 5.65 7.00
C SER A 63 6.07 6.28 6.53
N PHE A 64 5.09 5.42 6.22
CA PHE A 64 3.80 5.89 5.75
C PHE A 64 2.67 5.09 6.39
N TYR A 65 1.52 5.74 6.58
CA TYR A 65 0.37 5.08 7.19
C TYR A 65 -0.86 5.20 6.28
N CYS A 66 -1.59 4.09 6.17
CA CYS A 66 -2.78 4.06 5.33
C CYS A 66 -3.83 5.05 5.84
N GLU A 67 -4.99 5.08 5.18
CA GLU A 67 -6.06 5.98 5.56
C GLU A 67 -6.77 5.47 6.81
N ILE A 68 -6.61 4.19 7.11
CA ILE A 68 -7.23 3.57 8.28
C ILE A 68 -6.40 3.84 9.54
N CYS A 69 -5.10 4.01 9.37
CA CYS A 69 -4.21 4.27 10.48
C CYS A 69 -4.16 5.76 10.81
N ARG A 70 -4.01 6.59 9.78
CA ARG A 70 -3.96 8.03 9.96
C ARG A 70 -5.21 8.53 10.67
N LEU A 71 -6.37 8.00 10.29
CA LEU A 71 -7.64 8.39 10.89
C LEU A 71 -7.69 7.98 12.35
N THR A 72 -7.11 6.83 12.67
CA THR A 72 -7.10 6.33 14.04
C THR A 72 -5.98 6.97 14.85
N SER A 73 -5.84 8.29 14.72
CA SER A 73 -4.81 9.01 15.44
C SER A 73 -5.39 9.73 16.66
N GLY A 74 -4.54 10.00 17.64
CA GLY A 74 -4.99 10.67 18.85
C GLY A 74 -5.25 12.15 18.62
N PRO A 75 -4.62 13.00 19.44
CA PRO A 75 -4.78 14.46 19.34
C PRO A 75 -4.14 15.02 18.08
N SER A 76 -4.16 16.35 17.97
CA SER A 76 -3.58 17.02 16.81
C SER A 76 -2.12 17.38 17.06
N SER A 77 -1.29 17.25 16.04
CA SER A 77 0.13 17.56 16.15
C SER A 77 0.51 18.75 15.27
N GLY A 78 0.07 18.70 14.01
CA GLY A 78 0.38 19.77 13.09
C GLY A 78 -0.82 20.67 12.84
N GLY A 1 13.19 -26.26 -22.21
CA GLY A 1 12.08 -25.54 -21.60
C GLY A 1 11.11 -26.49 -20.91
N SER A 2 9.98 -25.95 -20.47
CA SER A 2 8.97 -26.74 -19.78
C SER A 2 7.66 -25.96 -19.66
N SER A 3 6.59 -26.68 -19.33
CA SER A 3 5.28 -26.06 -19.19
C SER A 3 4.70 -26.32 -17.80
N GLY A 4 3.99 -25.33 -17.27
CA GLY A 4 3.40 -25.46 -15.95
C GLY A 4 2.64 -24.23 -15.53
N SER A 5 1.31 -24.30 -15.57
CA SER A 5 0.46 -23.19 -15.19
C SER A 5 0.30 -23.11 -13.68
N SER A 6 0.95 -22.12 -13.07
CA SER A 6 0.89 -21.94 -11.63
C SER A 6 0.09 -20.69 -11.27
N GLY A 7 -0.41 -20.64 -10.04
CA GLY A 7 -1.18 -19.50 -9.59
C GLY A 7 -0.94 -19.16 -8.14
N GLU A 8 -1.52 -19.96 -7.24
CA GLU A 8 -1.36 -19.74 -5.81
C GLU A 8 -0.19 -20.56 -5.26
N ASP A 9 1.01 -20.02 -5.41
CA ASP A 9 2.21 -20.70 -4.92
C ASP A 9 2.42 -20.44 -3.43
N PRO A 10 2.90 -21.45 -2.71
CA PRO A 10 3.16 -21.35 -1.27
C PRO A 10 4.35 -20.44 -0.96
N PHE A 11 4.91 -19.83 -1.99
CA PHE A 11 6.05 -18.94 -1.83
C PHE A 11 5.73 -17.54 -2.36
N GLN A 12 4.53 -17.06 -2.04
CA GLN A 12 4.11 -15.74 -2.50
C GLN A 12 4.19 -14.73 -1.36
N PRO A 13 4.38 -13.45 -1.73
CA PRO A 13 4.48 -12.35 -0.75
C PRO A 13 3.15 -12.08 -0.05
N GLU A 14 3.22 -11.43 1.11
CA GLU A 14 2.03 -11.10 1.88
C GLU A 14 1.40 -9.79 1.38
N ILE A 15 0.72 -9.87 0.24
CA ILE A 15 0.08 -8.70 -0.34
C ILE A 15 -1.40 -8.64 0.04
N LYS A 16 -1.90 -7.41 0.25
CA LYS A 16 -3.30 -7.22 0.61
C LYS A 16 -3.99 -6.28 -0.37
N VAL A 17 -3.40 -5.10 -0.56
CA VAL A 17 -3.96 -4.11 -1.47
C VAL A 17 -5.24 -3.51 -0.93
N ARG A 18 -5.19 -3.00 0.30
CA ARG A 18 -6.35 -2.41 0.95
C ARG A 18 -6.53 -0.96 0.52
N CYS A 19 -6.25 -0.68 -0.75
CA CYS A 19 -6.37 0.67 -1.29
C CYS A 19 -7.83 1.06 -1.44
N VAL A 20 -8.09 2.36 -1.50
CA VAL A 20 -9.45 2.87 -1.65
C VAL A 20 -10.09 2.36 -2.93
N CYS A 21 -9.26 1.94 -3.87
CA CYS A 21 -9.74 1.43 -5.15
C CYS A 21 -10.59 0.17 -4.95
N GLY A 22 -10.46 -0.44 -3.77
CA GLY A 22 -11.22 -1.64 -3.47
C GLY A 22 -10.88 -2.79 -4.41
N ASN A 23 -9.60 -2.91 -4.75
CA ASN A 23 -9.15 -3.97 -5.64
C ASN A 23 -8.03 -4.78 -5.01
N SER A 24 -7.68 -5.90 -5.63
CA SER A 24 -6.63 -6.77 -5.12
C SER A 24 -5.53 -6.95 -6.16
N LEU A 25 -5.20 -5.88 -6.87
CA LEU A 25 -4.17 -5.91 -7.89
C LEU A 25 -2.95 -5.10 -7.47
N GLU A 26 -1.80 -5.42 -8.06
CA GLU A 26 -0.56 -4.73 -7.74
C GLU A 26 -0.05 -3.93 -8.94
N THR A 27 0.44 -2.72 -8.68
CA THR A 27 0.94 -1.86 -9.74
C THR A 27 2.47 -1.83 -9.74
N ASP A 28 3.05 -1.19 -10.75
CA ASP A 28 4.49 -1.09 -10.87
C ASP A 28 5.13 -0.78 -9.51
N SER A 29 4.55 0.17 -8.80
CA SER A 29 5.06 0.57 -7.49
C SER A 29 3.95 0.59 -6.45
N MET A 30 4.31 0.32 -5.20
CA MET A 30 3.33 0.31 -4.11
C MET A 30 4.01 0.57 -2.78
N ILE A 31 3.28 1.20 -1.85
CA ILE A 31 3.82 1.50 -0.53
C ILE A 31 3.08 0.72 0.54
N GLN A 32 3.83 0.15 1.49
CA GLN A 32 3.24 -0.61 2.57
C GLN A 32 3.16 0.22 3.86
N CYS A 33 2.05 0.09 4.57
CA CYS A 33 1.85 0.83 5.80
C CYS A 33 2.92 0.48 6.84
N GLU A 34 3.42 1.48 7.55
CA GLU A 34 4.45 1.26 8.57
C GLU A 34 3.94 0.32 9.65
N ASP A 35 2.78 0.62 10.19
CA ASP A 35 2.18 -0.21 11.25
C ASP A 35 2.48 -1.68 11.01
N PRO A 36 2.78 -2.40 12.10
CA PRO A 36 3.08 -3.84 12.03
C PRO A 36 1.86 -4.68 11.69
N ARG A 37 0.76 -4.44 12.40
CA ARG A 37 -0.46 -5.18 12.18
C ARG A 37 -1.05 -4.86 10.80
N CYS A 38 -1.17 -3.57 10.50
CA CYS A 38 -1.71 -3.13 9.22
C CYS A 38 -0.92 -3.74 8.07
N HIS A 39 0.32 -3.28 7.89
CA HIS A 39 1.17 -3.78 6.82
C HIS A 39 0.36 -4.02 5.55
N VAL A 40 -0.40 -3.01 5.14
CA VAL A 40 -1.22 -3.11 3.93
C VAL A 40 -0.59 -2.34 2.78
N TRP A 41 -0.79 -2.84 1.56
CA TRP A 41 -0.24 -2.21 0.37
C TRP A 41 -1.22 -1.20 -0.21
N GLN A 42 -0.72 -0.03 -0.60
CA GLN A 42 -1.56 1.01 -1.18
C GLN A 42 -0.89 1.64 -2.40
N HIS A 43 -1.61 1.69 -3.50
CA HIS A 43 -1.09 2.27 -4.74
C HIS A 43 -0.43 3.61 -4.47
N VAL A 44 0.78 3.79 -5.01
CA VAL A 44 1.52 5.03 -4.83
C VAL A 44 0.79 6.21 -5.47
N GLY A 45 0.30 6.02 -6.68
CA GLY A 45 -0.41 7.08 -7.38
C GLY A 45 -1.86 7.17 -6.95
N CYS A 46 -2.13 6.81 -5.70
CA CYS A 46 -3.50 6.87 -5.17
C CYS A 46 -3.55 7.69 -3.89
N VAL A 47 -2.59 7.46 -3.00
CA VAL A 47 -2.53 8.18 -1.74
C VAL A 47 -1.40 9.21 -1.74
N ILE A 48 -0.30 8.86 -2.39
CA ILE A 48 0.86 9.75 -2.49
C ILE A 48 0.64 10.83 -3.54
N LEU A 49 1.36 11.92 -3.40
CA LEU A 49 1.25 13.03 -4.35
C LEU A 49 1.62 12.59 -5.76
N PRO A 50 1.11 13.31 -6.77
CA PRO A 50 1.38 13.01 -8.17
C PRO A 50 2.83 13.31 -8.57
N ASP A 51 3.62 12.26 -8.70
CA ASP A 51 5.03 12.40 -9.07
C ASP A 51 5.26 11.94 -10.51
N LYS A 52 4.48 12.49 -11.43
CA LYS A 52 4.60 12.12 -12.84
C LYS A 52 6.01 12.42 -13.36
N PRO A 53 6.48 13.66 -13.12
CA PRO A 53 7.80 14.10 -13.56
C PRO A 53 8.92 13.42 -12.78
N MET A 54 8.74 13.30 -11.47
CA MET A 54 9.73 12.67 -10.62
C MET A 54 9.96 11.22 -11.02
N ASP A 55 10.98 11.00 -11.85
CA ASP A 55 11.30 9.65 -12.33
C ASP A 55 11.48 8.69 -11.15
N GLY A 56 12.21 9.13 -10.13
CA GLY A 56 12.44 8.30 -8.97
C GLY A 56 12.50 9.10 -7.68
N ASN A 57 13.71 9.43 -7.24
CA ASN A 57 13.90 10.20 -6.02
C ASN A 57 13.18 11.55 -6.11
N PRO A 58 12.76 12.07 -4.94
CA PRO A 58 12.95 11.39 -3.66
C PRO A 58 12.09 10.14 -3.52
N PRO A 59 12.64 9.11 -2.87
CA PRO A 59 11.95 7.83 -2.67
C PRO A 59 10.79 7.97 -1.68
N LEU A 60 10.05 6.88 -1.50
CA LEU A 60 8.91 6.86 -0.59
C LEU A 60 9.23 7.63 0.69
N PRO A 61 8.19 8.14 1.35
CA PRO A 61 8.34 8.89 2.60
C PRO A 61 8.78 8.01 3.76
N GLU A 62 9.62 8.55 4.64
CA GLU A 62 10.10 7.81 5.79
C GLU A 62 9.00 6.95 6.39
N SER A 63 7.81 7.54 6.55
CA SER A 63 6.68 6.82 7.11
C SER A 63 5.39 7.19 6.38
N PHE A 64 4.56 6.18 6.12
CA PHE A 64 3.29 6.39 5.42
C PHE A 64 2.17 5.61 6.09
N TYR A 65 1.18 6.33 6.59
CA TYR A 65 0.04 5.70 7.27
C TYR A 65 -1.21 5.76 6.38
N CYS A 66 -1.70 4.58 6.02
CA CYS A 66 -2.90 4.50 5.18
C CYS A 66 -4.01 5.41 5.70
N GLU A 67 -5.11 5.48 4.97
CA GLU A 67 -6.24 6.31 5.36
C GLU A 67 -6.95 5.73 6.59
N ILE A 68 -6.60 4.48 6.92
CA ILE A 68 -7.20 3.82 8.07
C ILE A 68 -6.38 4.04 9.33
N CYS A 69 -5.07 4.24 9.15
CA CYS A 69 -4.17 4.48 10.27
C CYS A 69 -4.20 5.93 10.71
N ARG A 70 -4.31 6.84 9.73
CA ARG A 70 -4.35 8.27 10.01
C ARG A 70 -5.55 8.61 10.89
N LEU A 71 -6.62 7.86 10.74
CA LEU A 71 -7.84 8.08 11.53
C LEU A 71 -7.67 7.54 12.95
N THR A 72 -6.81 6.53 13.09
CA THR A 72 -6.57 5.93 14.39
C THR A 72 -5.19 6.29 14.92
N SER A 73 -4.81 5.68 16.04
CA SER A 73 -3.50 5.96 16.65
C SER A 73 -2.39 5.84 15.61
N GLY A 74 -1.78 6.98 15.28
CA GLY A 74 -0.71 7.00 14.32
C GLY A 74 -0.02 8.34 14.23
N PRO A 75 0.84 8.64 15.22
CA PRO A 75 1.58 9.90 15.27
C PRO A 75 2.65 10.00 14.18
N SER A 76 2.71 11.15 13.52
CA SER A 76 3.69 11.37 12.46
C SER A 76 5.05 10.83 12.86
N SER A 77 5.54 11.25 14.01
CA SER A 77 6.85 10.81 14.51
C SER A 77 7.90 10.91 13.40
N GLY A 78 7.87 12.00 12.65
CA GLY A 78 8.82 12.18 11.58
C GLY A 78 8.93 13.63 11.14
N GLY A 1 -26.18 -35.02 -19.99
CA GLY A 1 -25.81 -34.10 -18.92
C GLY A 1 -24.31 -33.96 -18.78
N SER A 2 -23.71 -33.09 -19.58
CA SER A 2 -22.28 -32.87 -19.54
C SER A 2 -21.95 -31.41 -19.23
N SER A 3 -20.89 -31.19 -18.45
CA SER A 3 -20.48 -29.85 -18.08
C SER A 3 -18.96 -29.73 -18.08
N GLY A 4 -18.47 -28.50 -18.16
CA GLY A 4 -17.04 -28.26 -18.17
C GLY A 4 -16.64 -27.06 -17.32
N SER A 5 -16.03 -27.33 -16.18
CA SER A 5 -15.60 -26.27 -15.27
C SER A 5 -14.08 -26.16 -15.24
N SER A 6 -13.59 -24.97 -14.88
CA SER A 6 -12.15 -24.74 -14.81
C SER A 6 -11.49 -25.69 -13.82
N GLY A 7 -10.19 -25.93 -14.02
CA GLY A 7 -9.47 -26.82 -13.14
C GLY A 7 -8.23 -26.18 -12.54
N GLU A 8 -7.56 -25.36 -13.35
CA GLU A 8 -6.35 -24.67 -12.90
C GLU A 8 -6.70 -23.54 -11.93
N ASP A 9 -5.83 -23.35 -10.94
CA ASP A 9 -6.04 -22.30 -9.94
C ASP A 9 -5.53 -20.95 -10.45
N PRO A 10 -6.01 -19.86 -9.82
CA PRO A 10 -5.61 -18.50 -10.20
C PRO A 10 -4.16 -18.20 -9.82
N PHE A 11 -3.67 -18.88 -8.78
CA PHE A 11 -2.31 -18.68 -8.32
C PHE A 11 -2.09 -17.25 -7.83
N GLN A 12 -3.18 -16.62 -7.39
CA GLN A 12 -3.12 -15.25 -6.90
C GLN A 12 -2.24 -15.16 -5.65
N PRO A 13 -1.38 -14.13 -5.61
CA PRO A 13 -0.47 -13.90 -4.48
C PRO A 13 -1.21 -13.48 -3.21
N GLU A 14 -0.58 -13.73 -2.07
CA GLU A 14 -1.17 -13.37 -0.79
C GLU A 14 -0.83 -11.93 -0.40
N ILE A 15 -1.48 -10.98 -1.07
CA ILE A 15 -1.24 -9.57 -0.81
C ILE A 15 -2.48 -8.90 -0.22
N LYS A 16 -2.26 -7.86 0.57
CA LYS A 16 -3.36 -7.13 1.20
C LYS A 16 -4.14 -6.33 0.16
N VAL A 17 -3.49 -5.31 -0.40
CA VAL A 17 -4.13 -4.46 -1.41
C VAL A 17 -5.41 -3.84 -0.87
N ARG A 18 -5.34 -3.31 0.34
CA ARG A 18 -6.50 -2.68 0.97
C ARG A 18 -6.55 -1.18 0.65
N CYS A 19 -6.15 -0.84 -0.57
CA CYS A 19 -6.15 0.55 -1.01
C CYS A 19 -7.53 1.18 -0.84
N VAL A 20 -7.66 2.44 -1.24
CA VAL A 20 -8.92 3.15 -1.13
C VAL A 20 -9.72 3.06 -2.42
N CYS A 21 -9.04 3.23 -3.55
CA CYS A 21 -9.68 3.16 -4.85
C CYS A 21 -10.66 2.00 -4.92
N GLY A 22 -10.34 0.92 -4.20
CA GLY A 22 -11.20 -0.25 -4.19
C GLY A 22 -10.60 -1.42 -4.95
N ASN A 23 -9.65 -1.12 -5.83
CA ASN A 23 -8.99 -2.15 -6.62
C ASN A 23 -8.20 -3.10 -5.73
N SER A 24 -8.33 -4.39 -5.99
CA SER A 24 -7.63 -5.40 -5.22
C SER A 24 -6.50 -6.03 -6.03
N LEU A 25 -5.81 -5.21 -6.80
CA LEU A 25 -4.69 -5.68 -7.62
C LEU A 25 -3.39 -4.99 -7.23
N GLU A 26 -2.27 -5.63 -7.57
CA GLU A 26 -0.96 -5.08 -7.25
C GLU A 26 -0.34 -4.37 -8.45
N THR A 27 0.38 -3.29 -8.19
CA THR A 27 1.02 -2.53 -9.26
C THR A 27 2.52 -2.75 -9.28
N ASP A 28 3.19 -2.18 -10.27
CA ASP A 28 4.64 -2.33 -10.41
C ASP A 28 5.35 -1.89 -9.12
N SER A 29 4.69 -1.02 -8.36
CA SER A 29 5.26 -0.52 -7.11
C SER A 29 4.15 -0.03 -6.18
N MET A 30 4.41 -0.14 -4.87
CA MET A 30 3.44 0.29 -3.87
C MET A 30 4.13 0.59 -2.54
N ILE A 31 3.38 1.16 -1.61
CA ILE A 31 3.91 1.50 -0.30
C ILE A 31 3.20 0.70 0.81
N GLN A 32 3.99 0.14 1.71
CA GLN A 32 3.44 -0.65 2.81
C GLN A 32 3.29 0.21 4.07
N CYS A 33 2.04 0.50 4.43
CA CYS A 33 1.76 1.30 5.62
C CYS A 33 2.79 1.06 6.71
N GLU A 34 3.48 2.11 7.11
CA GLU A 34 4.51 2.01 8.15
C GLU A 34 4.07 1.04 9.24
N ASP A 35 2.88 1.25 9.78
CA ASP A 35 2.35 0.38 10.83
C ASP A 35 2.65 -1.07 10.53
N PRO A 36 3.06 -1.82 11.57
CA PRO A 36 3.39 -3.24 11.44
C PRO A 36 2.16 -4.11 11.21
N ARG A 37 1.14 -3.92 12.03
CA ARG A 37 -0.10 -4.68 11.90
C ARG A 37 -0.77 -4.39 10.57
N CYS A 38 -0.86 -3.11 10.23
CA CYS A 38 -1.48 -2.70 8.97
C CYS A 38 -0.70 -3.23 7.78
N HIS A 39 0.51 -2.74 7.61
CA HIS A 39 1.37 -3.16 6.50
C HIS A 39 0.53 -3.44 5.25
N VAL A 40 -0.43 -2.56 4.99
CA VAL A 40 -1.29 -2.71 3.81
C VAL A 40 -0.64 -2.13 2.57
N TRP A 41 -1.06 -2.62 1.40
CA TRP A 41 -0.51 -2.15 0.14
C TRP A 41 -1.38 -1.04 -0.44
N GLN A 42 -0.77 0.11 -0.71
CA GLN A 42 -1.50 1.25 -1.27
C GLN A 42 -0.82 1.76 -2.53
N HIS A 43 -1.59 1.84 -3.61
CA HIS A 43 -1.06 2.31 -4.90
C HIS A 43 -0.33 3.63 -4.72
N VAL A 44 0.88 3.72 -5.28
CA VAL A 44 1.68 4.93 -5.19
C VAL A 44 0.99 6.10 -5.89
N GLY A 45 0.05 5.78 -6.77
CA GLY A 45 -0.68 6.82 -7.50
C GLY A 45 -2.10 6.97 -7.02
N CYS A 46 -2.31 6.74 -5.72
CA CYS A 46 -3.65 6.85 -5.14
C CYS A 46 -3.63 7.76 -3.92
N VAL A 47 -2.63 7.58 -3.06
CA VAL A 47 -2.50 8.38 -1.86
C VAL A 47 -1.32 9.36 -1.97
N ILE A 48 -0.22 8.87 -2.54
CA ILE A 48 0.96 9.69 -2.71
C ILE A 48 0.81 10.65 -3.89
N LEU A 49 1.30 11.88 -3.73
CA LEU A 49 1.21 12.89 -4.77
C LEU A 49 2.22 12.60 -5.88
N PRO A 50 1.89 13.04 -7.11
CA PRO A 50 2.76 12.85 -8.28
C PRO A 50 4.03 13.68 -8.20
N ASP A 51 5.14 13.10 -8.65
CA ASP A 51 6.42 13.78 -8.63
C ASP A 51 6.29 15.19 -9.20
N LYS A 52 6.96 16.15 -8.57
CA LYS A 52 6.92 17.53 -9.02
C LYS A 52 8.11 17.85 -9.92
N PRO A 53 9.31 17.89 -9.32
CA PRO A 53 10.55 18.18 -10.05
C PRO A 53 10.94 17.05 -10.99
N MET A 54 10.99 15.83 -10.45
CA MET A 54 11.35 14.66 -11.25
C MET A 54 10.64 13.42 -10.74
N ASP A 55 10.35 12.49 -11.66
CA ASP A 55 9.66 11.26 -11.29
C ASP A 55 10.52 10.43 -10.34
N GLY A 56 11.83 10.58 -10.43
CA GLY A 56 12.73 9.84 -9.57
C GLY A 56 12.70 10.34 -8.14
N ASN A 57 13.29 11.51 -7.92
CA ASN A 57 13.34 12.11 -6.58
C ASN A 57 12.38 13.29 -6.48
N PRO A 58 11.85 13.51 -5.28
CA PRO A 58 12.16 12.68 -4.11
C PRO A 58 11.56 11.29 -4.21
N PRO A 59 12.31 10.29 -3.72
CA PRO A 59 11.87 8.88 -3.74
C PRO A 59 10.71 8.62 -2.80
N LEU A 60 10.21 7.39 -2.81
CA LEU A 60 9.10 7.00 -1.95
C LEU A 60 9.41 7.30 -0.48
N PRO A 61 8.39 7.73 0.26
CA PRO A 61 8.54 8.05 1.69
C PRO A 61 8.76 6.82 2.54
N GLU A 62 9.85 6.84 3.31
CA GLU A 62 10.18 5.71 4.18
C GLU A 62 9.04 5.40 5.13
N SER A 63 8.41 6.45 5.66
CA SER A 63 7.30 6.29 6.58
C SER A 63 6.03 6.92 6.03
N PHE A 64 4.95 6.14 5.99
CA PHE A 64 3.67 6.64 5.48
C PHE A 64 2.51 5.84 6.09
N TYR A 65 1.50 6.57 6.57
CA TYR A 65 0.35 5.95 7.19
C TYR A 65 -0.90 6.15 6.33
N CYS A 66 -1.59 5.05 6.02
CA CYS A 66 -2.79 5.11 5.19
C CYS A 66 -3.91 5.85 5.92
N GLU A 67 -5.06 5.97 5.27
CA GLU A 67 -6.21 6.66 5.86
C GLU A 67 -6.80 5.84 7.00
N ILE A 68 -6.69 4.52 6.90
CA ILE A 68 -7.22 3.63 7.91
C ILE A 68 -6.42 3.75 9.21
N CYS A 69 -5.17 4.21 9.09
CA CYS A 69 -4.32 4.37 10.27
C CYS A 69 -4.35 5.82 10.77
N ARG A 70 -4.21 6.76 9.84
CA ARG A 70 -4.23 8.18 10.19
C ARG A 70 -5.52 8.54 10.92
N LEU A 71 -6.56 7.75 10.71
CA LEU A 71 -7.85 7.99 11.35
C LEU A 71 -7.86 7.44 12.78
N THR A 72 -7.22 6.29 12.95
CA THR A 72 -7.16 5.65 14.27
C THR A 72 -6.23 6.42 15.21
N SER A 73 -5.07 6.82 14.69
CA SER A 73 -4.10 7.55 15.48
C SER A 73 -4.70 8.85 16.03
N GLY A 74 -4.69 8.99 17.34
CA GLY A 74 -5.25 10.17 17.97
C GLY A 74 -4.43 11.42 17.68
N PRO A 75 -5.11 12.53 17.37
CA PRO A 75 -4.46 13.80 17.07
C PRO A 75 -3.81 14.43 18.29
N SER A 76 -2.48 14.36 18.35
CA SER A 76 -1.74 14.91 19.48
C SER A 76 -0.79 16.02 19.01
N SER A 77 0.07 15.67 18.04
CA SER A 77 1.03 16.63 17.51
C SER A 77 1.48 16.22 16.11
N GLY A 78 2.22 17.10 15.45
CA GLY A 78 2.71 16.81 14.11
C GLY A 78 2.37 17.92 13.13
N GLY A 1 25.91 -31.47 2.27
CA GLY A 1 25.15 -32.10 3.33
C GLY A 1 24.02 -32.95 2.80
N SER A 2 22.80 -32.65 3.23
CA SER A 2 21.63 -33.41 2.80
C SER A 2 20.40 -32.50 2.73
N SER A 3 19.40 -32.94 1.97
CA SER A 3 18.17 -32.16 1.81
C SER A 3 17.00 -32.86 2.51
N GLY A 4 16.04 -32.07 2.98
CA GLY A 4 14.89 -32.62 3.65
C GLY A 4 13.60 -32.36 2.90
N SER A 5 12.84 -31.36 3.35
CA SER A 5 11.57 -31.02 2.72
C SER A 5 11.71 -29.74 1.88
N SER A 6 10.79 -29.56 0.95
CA SER A 6 10.81 -28.38 0.08
C SER A 6 9.45 -27.70 0.05
N GLY A 7 9.39 -26.47 0.53
CA GLY A 7 8.14 -25.73 0.55
C GLY A 7 7.70 -25.28 -0.83
N GLU A 8 6.77 -26.01 -1.41
CA GLU A 8 6.27 -25.68 -2.75
C GLU A 8 5.26 -24.53 -2.69
N ASP A 9 5.73 -23.32 -2.90
CA ASP A 9 4.88 -22.15 -2.86
C ASP A 9 5.04 -21.31 -4.13
N PRO A 10 4.04 -20.47 -4.43
CA PRO A 10 4.05 -19.61 -5.62
C PRO A 10 5.08 -18.49 -5.50
N PHE A 11 5.91 -18.56 -4.47
CA PHE A 11 6.94 -17.55 -4.25
C PHE A 11 6.37 -16.14 -4.41
N GLN A 12 5.10 -15.99 -4.06
CA GLN A 12 4.43 -14.69 -4.17
C GLN A 12 4.20 -14.09 -2.78
N PRO A 13 4.38 -12.76 -2.68
CA PRO A 13 4.19 -12.04 -1.42
C PRO A 13 2.73 -11.97 -1.00
N GLU A 14 2.49 -11.97 0.31
CA GLU A 14 1.14 -11.90 0.84
C GLU A 14 0.61 -10.46 0.84
N ILE A 15 0.22 -9.99 -0.34
CA ILE A 15 -0.30 -8.63 -0.47
C ILE A 15 -1.81 -8.59 -0.23
N LYS A 16 -2.29 -7.46 0.28
CA LYS A 16 -3.71 -7.29 0.54
C LYS A 16 -4.35 -6.35 -0.48
N VAL A 17 -3.78 -5.17 -0.62
CA VAL A 17 -4.29 -4.18 -1.57
C VAL A 17 -5.58 -3.53 -1.05
N ARG A 18 -5.51 -3.01 0.18
CA ARG A 18 -6.66 -2.36 0.79
C ARG A 18 -6.74 -0.90 0.38
N CYS A 19 -6.36 -0.61 -0.86
CA CYS A 19 -6.39 0.75 -1.38
C CYS A 19 -7.82 1.29 -1.41
N VAL A 20 -7.95 2.59 -1.62
CA VAL A 20 -9.25 3.25 -1.67
C VAL A 20 -9.92 3.03 -3.03
N CYS A 21 -9.15 3.24 -4.09
CA CYS A 21 -9.65 3.08 -5.45
C CYS A 21 -10.64 1.91 -5.53
N GLY A 22 -10.39 0.88 -4.73
CA GLY A 22 -11.26 -0.28 -4.72
C GLY A 22 -10.91 -1.28 -5.81
N ASN A 23 -9.62 -1.40 -6.09
CA ASN A 23 -9.16 -2.33 -7.12
C ASN A 23 -8.21 -3.37 -6.52
N SER A 24 -8.56 -4.65 -6.69
CA SER A 24 -7.74 -5.74 -6.17
C SER A 24 -6.56 -6.02 -7.09
N LEU A 25 -5.91 -4.96 -7.56
CA LEU A 25 -4.77 -5.09 -8.45
C LEU A 25 -3.52 -4.46 -7.83
N GLU A 26 -2.36 -4.81 -8.38
CA GLU A 26 -1.09 -4.28 -7.87
C GLU A 26 -0.28 -3.67 -9.02
N THR A 27 0.59 -2.73 -8.67
CA THR A 27 1.43 -2.05 -9.66
C THR A 27 2.87 -1.95 -9.17
N ASP A 28 3.77 -1.61 -10.09
CA ASP A 28 5.19 -1.47 -9.76
C ASP A 28 5.38 -0.52 -8.59
N SER A 29 4.54 0.52 -8.53
CA SER A 29 4.62 1.51 -7.46
C SER A 29 3.60 1.20 -6.36
N MET A 30 4.10 0.90 -5.17
CA MET A 30 3.24 0.59 -4.04
C MET A 30 4.00 0.73 -2.72
N ILE A 31 3.29 1.18 -1.68
CA ILE A 31 3.90 1.36 -0.37
C ILE A 31 3.14 0.58 0.69
N GLN A 32 3.88 -0.05 1.60
CA GLN A 32 3.27 -0.83 2.68
C GLN A 32 3.03 0.04 3.91
N CYS A 33 1.99 -0.30 4.67
CA CYS A 33 1.66 0.45 5.87
C CYS A 33 2.62 0.11 7.01
N GLU A 34 3.00 1.14 7.78
CA GLU A 34 3.92 0.96 8.89
C GLU A 34 3.38 -0.07 9.88
N ASP A 35 2.14 0.13 10.30
CA ASP A 35 1.51 -0.79 11.25
C ASP A 35 1.82 -2.24 10.90
N PRO A 36 2.15 -3.04 11.91
CA PRO A 36 2.48 -4.46 11.73
C PRO A 36 1.25 -5.30 11.35
N ARG A 37 0.13 -5.02 12.02
CA ARG A 37 -1.12 -5.74 11.75
C ARG A 37 -1.71 -5.32 10.40
N CYS A 38 -1.65 -4.03 10.12
CA CYS A 38 -2.19 -3.50 8.88
C CYS A 38 -1.37 -4.00 7.68
N HIS A 39 -0.11 -3.61 7.63
CA HIS A 39 0.77 -4.01 6.54
C HIS A 39 0.00 -4.15 5.23
N VAL A 40 -0.84 -3.16 4.93
CA VAL A 40 -1.62 -3.17 3.72
C VAL A 40 -0.93 -2.42 2.59
N TRP A 41 -0.93 -3.00 1.40
CA TRP A 41 -0.29 -2.39 0.25
C TRP A 41 -1.24 -1.41 -0.45
N GLN A 42 -0.73 -0.23 -0.78
CA GLN A 42 -1.53 0.79 -1.45
C GLN A 42 -0.76 1.42 -2.59
N HIS A 43 -1.48 1.82 -3.64
CA HIS A 43 -0.86 2.44 -4.80
C HIS A 43 -0.38 3.85 -4.48
N VAL A 44 0.89 4.12 -4.76
CA VAL A 44 1.48 5.43 -4.50
C VAL A 44 0.63 6.54 -5.12
N GLY A 45 0.16 6.31 -6.34
CA GLY A 45 -0.65 7.30 -7.02
C GLY A 45 -2.12 7.24 -6.60
N CYS A 46 -2.36 6.77 -5.38
CA CYS A 46 -3.72 6.66 -4.86
C CYS A 46 -3.83 7.33 -3.49
N VAL A 47 -2.83 7.13 -2.66
CA VAL A 47 -2.82 7.72 -1.32
C VAL A 47 -1.76 8.81 -1.20
N ILE A 48 -0.55 8.52 -1.67
CA ILE A 48 0.54 9.48 -1.62
C ILE A 48 0.26 10.69 -2.52
N LEU A 49 0.21 11.86 -1.91
CA LEU A 49 -0.05 13.09 -2.66
C LEU A 49 1.03 13.33 -3.71
N PRO A 50 0.63 13.25 -4.99
CA PRO A 50 1.54 13.45 -6.12
C PRO A 50 1.98 14.90 -6.25
N ASP A 51 2.95 15.15 -7.13
CA ASP A 51 3.47 16.49 -7.35
C ASP A 51 3.33 16.89 -8.82
N LYS A 52 4.24 16.39 -9.65
CA LYS A 52 4.21 16.69 -11.07
C LYS A 52 4.43 15.43 -11.90
N PRO A 53 5.66 14.90 -11.87
CA PRO A 53 6.03 13.70 -12.61
C PRO A 53 5.38 12.44 -12.03
N MET A 54 4.99 12.52 -10.77
CA MET A 54 4.34 11.39 -10.09
C MET A 54 5.21 10.15 -10.20
N ASP A 55 6.51 10.31 -10.00
CA ASP A 55 7.44 9.19 -10.08
C ASP A 55 8.83 9.60 -9.58
N GLY A 56 9.68 8.61 -9.35
CA GLY A 56 11.03 8.89 -8.87
C GLY A 56 11.04 9.60 -7.54
N ASN A 57 11.95 10.55 -7.38
CA ASN A 57 12.06 11.30 -6.14
C ASN A 57 10.88 12.26 -5.98
N PRO A 58 10.46 12.48 -4.72
CA PRO A 58 11.07 11.84 -3.56
C PRO A 58 10.80 10.34 -3.50
N PRO A 59 11.71 9.59 -2.87
CA PRO A 59 11.57 8.13 -2.72
C PRO A 59 10.45 7.74 -1.77
N LEU A 60 10.29 6.44 -1.55
CA LEU A 60 9.25 5.94 -0.67
C LEU A 60 9.37 6.56 0.72
N PRO A 61 8.21 6.87 1.33
CA PRO A 61 8.16 7.47 2.66
C PRO A 61 8.59 6.51 3.76
N GLU A 62 9.71 6.82 4.40
CA GLU A 62 10.24 5.97 5.46
C GLU A 62 9.10 5.37 6.30
N SER A 63 8.23 6.24 6.80
CA SER A 63 7.10 5.79 7.61
C SER A 63 5.79 6.31 7.04
N PHE A 64 4.98 5.40 6.52
CA PHE A 64 3.69 5.76 5.93
C PHE A 64 2.54 5.15 6.73
N TYR A 65 1.33 5.67 6.50
CA TYR A 65 0.15 5.16 7.20
C TYR A 65 -1.10 5.34 6.33
N CYS A 66 -1.68 4.22 5.91
CA CYS A 66 -2.88 4.24 5.10
C CYS A 66 -3.92 5.20 5.67
N GLU A 67 -5.01 5.38 4.94
CA GLU A 67 -6.07 6.28 5.37
C GLU A 67 -6.72 5.77 6.66
N ILE A 68 -6.71 4.46 6.85
CA ILE A 68 -7.28 3.85 8.04
C ILE A 68 -6.40 4.10 9.26
N CYS A 69 -5.10 4.19 9.04
CA CYS A 69 -4.15 4.42 10.12
C CYS A 69 -4.12 5.91 10.50
N ARG A 70 -4.05 6.77 9.50
CA ARG A 70 -4.02 8.20 9.74
C ARG A 70 -5.27 8.67 10.50
N LEU A 71 -6.43 8.19 10.06
CA LEU A 71 -7.69 8.54 10.70
C LEU A 71 -7.66 8.22 12.19
N THR A 72 -6.99 7.14 12.54
CA THR A 72 -6.87 6.72 13.93
C THR A 72 -5.78 7.50 14.65
N SER A 73 -4.64 7.68 13.98
CA SER A 73 -3.52 8.40 14.55
C SER A 73 -3.84 9.88 14.70
N GLY A 74 -4.14 10.29 15.93
CA GLY A 74 -4.46 11.68 16.19
C GLY A 74 -5.85 12.05 15.71
N PRO A 75 -6.69 12.54 16.64
CA PRO A 75 -8.06 12.94 16.32
C PRO A 75 -8.12 14.20 15.47
N SER A 76 -7.22 15.14 15.75
CA SER A 76 -7.17 16.40 15.00
C SER A 76 -5.81 17.07 15.16
N SER A 77 -5.09 17.21 14.06
CA SER A 77 -3.78 17.84 14.08
C SER A 77 -3.80 19.18 13.36
N GLY A 78 -4.07 20.25 14.12
CA GLY A 78 -4.13 21.57 13.55
C GLY A 78 -3.13 22.52 14.18
N GLY A 1 -0.78 -38.00 17.25
CA GLY A 1 -0.72 -36.79 16.45
C GLY A 1 -1.92 -36.66 15.54
N SER A 2 -1.71 -36.09 14.35
CA SER A 2 -2.77 -35.90 13.38
C SER A 2 -2.21 -35.52 12.01
N SER A 3 -3.04 -35.65 10.99
CA SER A 3 -2.63 -35.32 9.62
C SER A 3 -1.99 -33.94 9.56
N GLY A 4 -0.66 -33.90 9.50
CA GLY A 4 0.04 -32.63 9.44
C GLY A 4 -0.12 -31.94 8.10
N SER A 5 -0.24 -30.62 8.13
CA SER A 5 -0.41 -29.84 6.91
C SER A 5 0.80 -28.95 6.66
N SER A 6 1.72 -29.43 5.85
CA SER A 6 2.93 -28.68 5.53
C SER A 6 3.75 -29.38 4.45
N GLY A 7 3.95 -28.68 3.33
CA GLY A 7 4.71 -29.26 2.23
C GLY A 7 5.60 -28.24 1.55
N GLU A 8 4.98 -27.27 0.86
CA GLU A 8 5.73 -26.24 0.16
C GLU A 8 5.10 -24.86 0.40
N ASP A 9 5.78 -24.06 1.20
CA ASP A 9 5.29 -22.72 1.52
C ASP A 9 5.09 -21.90 0.24
N PRO A 10 4.31 -20.81 0.36
CA PRO A 10 4.03 -19.93 -0.77
C PRO A 10 5.25 -19.14 -1.22
N PHE A 11 6.15 -18.86 -0.28
CA PHE A 11 7.36 -18.11 -0.58
C PHE A 11 7.03 -16.70 -1.04
N GLN A 12 5.88 -16.20 -0.61
CA GLN A 12 5.44 -14.85 -0.97
C GLN A 12 4.72 -14.18 0.19
N PRO A 13 4.74 -12.84 0.20
CA PRO A 13 4.09 -12.04 1.26
C PRO A 13 2.58 -12.13 1.19
N GLU A 14 1.92 -11.78 2.29
CA GLU A 14 0.46 -11.81 2.36
C GLU A 14 -0.13 -10.46 1.98
N ILE A 15 0.38 -9.88 0.90
CA ILE A 15 -0.10 -8.58 0.43
C ILE A 15 -1.60 -8.44 0.66
N LYS A 16 -2.06 -7.21 0.82
CA LYS A 16 -3.47 -6.93 1.05
C LYS A 16 -4.05 -6.10 -0.10
N VAL A 17 -3.48 -4.92 -0.32
CA VAL A 17 -3.94 -4.05 -1.39
C VAL A 17 -5.27 -3.39 -1.03
N ARG A 18 -5.36 -2.87 0.19
CA ARG A 18 -6.58 -2.23 0.66
C ARG A 18 -6.62 -0.77 0.22
N CYS A 19 -6.18 -0.52 -1.01
CA CYS A 19 -6.17 0.84 -1.55
C CYS A 19 -7.56 1.46 -1.51
N VAL A 20 -7.63 2.78 -1.68
CA VAL A 20 -8.89 3.48 -1.66
C VAL A 20 -9.61 3.38 -3.01
N CYS A 21 -8.86 3.59 -4.08
CA CYS A 21 -9.43 3.51 -5.43
C CYS A 21 -10.47 2.41 -5.52
N GLY A 22 -10.25 1.34 -4.76
CA GLY A 22 -11.18 0.22 -4.78
C GLY A 22 -10.60 -1.01 -5.44
N ASN A 23 -9.60 -0.81 -6.29
CA ASN A 23 -8.96 -1.90 -7.01
C ASN A 23 -8.02 -2.67 -6.08
N SER A 24 -8.04 -4.00 -6.20
CA SER A 24 -7.19 -4.85 -5.38
C SER A 24 -6.09 -5.49 -6.21
N LEU A 25 -5.52 -4.70 -7.13
CA LEU A 25 -4.45 -5.18 -7.99
C LEU A 25 -3.09 -4.77 -7.45
N GLU A 26 -2.02 -5.30 -8.06
CA GLU A 26 -0.67 -4.98 -7.63
C GLU A 26 0.18 -4.52 -8.82
N THR A 27 1.13 -3.64 -8.56
CA THR A 27 2.01 -3.12 -9.60
C THR A 27 3.44 -2.98 -9.10
N ASP A 28 4.32 -2.49 -9.97
CA ASP A 28 5.72 -2.31 -9.61
C ASP A 28 5.93 -0.99 -8.85
N SER A 29 4.97 -0.66 -8.00
CA SER A 29 5.04 0.57 -7.21
C SER A 29 3.89 0.65 -6.22
N MET A 30 4.21 0.49 -4.94
CA MET A 30 3.20 0.54 -3.89
C MET A 30 3.84 0.88 -2.54
N ILE A 31 3.04 1.39 -1.62
CA ILE A 31 3.53 1.75 -0.29
C ILE A 31 2.87 0.89 0.79
N GLN A 32 3.68 0.38 1.70
CA GLN A 32 3.18 -0.46 2.78
C GLN A 32 3.03 0.35 4.08
N CYS A 33 1.86 0.27 4.68
CA CYS A 33 1.59 0.99 5.93
C CYS A 33 2.64 0.66 6.99
N GLU A 34 3.12 1.69 7.68
CA GLU A 34 4.13 1.50 8.72
C GLU A 34 3.69 0.44 9.72
N ASP A 35 2.46 0.58 10.22
CA ASP A 35 1.91 -0.36 11.18
C ASP A 35 2.22 -1.79 10.78
N PRO A 36 2.56 -2.64 11.78
CA PRO A 36 2.89 -4.04 11.55
C PRO A 36 1.67 -4.86 11.15
N ARG A 37 0.61 -4.77 11.96
CA ARG A 37 -0.62 -5.50 11.70
C ARG A 37 -1.24 -5.05 10.37
N CYS A 38 -1.44 -3.75 10.23
CA CYS A 38 -2.03 -3.20 9.01
C CYS A 38 -1.27 -3.66 7.77
N HIS A 39 -0.05 -3.16 7.62
CA HIS A 39 0.78 -3.54 6.47
C HIS A 39 -0.05 -3.64 5.20
N VAL A 40 -1.01 -2.72 5.05
CA VAL A 40 -1.87 -2.71 3.87
C VAL A 40 -1.22 -1.97 2.71
N TRP A 41 -0.99 -2.68 1.61
CA TRP A 41 -0.38 -2.08 0.43
C TRP A 41 -1.34 -1.11 -0.25
N GLN A 42 -0.79 -0.07 -0.87
CA GLN A 42 -1.60 0.91 -1.56
C GLN A 42 -0.82 1.55 -2.71
N HIS A 43 -1.44 1.60 -3.89
CA HIS A 43 -0.80 2.18 -5.06
C HIS A 43 -0.14 3.51 -4.73
N VAL A 44 0.96 3.81 -5.40
CA VAL A 44 1.70 5.05 -5.17
C VAL A 44 0.94 6.24 -5.75
N GLY A 45 0.47 6.09 -6.98
CA GLY A 45 -0.26 7.16 -7.63
C GLY A 45 -1.71 7.21 -7.22
N CYS A 46 -1.99 6.79 -5.99
CA CYS A 46 -3.35 6.79 -5.47
C CYS A 46 -3.45 7.61 -4.20
N VAL A 47 -2.56 7.33 -3.25
CA VAL A 47 -2.55 8.05 -1.98
C VAL A 47 -1.48 9.13 -1.97
N ILE A 48 -0.39 8.89 -2.71
CA ILE A 48 0.71 9.86 -2.78
C ILE A 48 0.40 10.96 -3.79
N LEU A 49 0.63 12.20 -3.39
CA LEU A 49 0.38 13.34 -4.26
C LEU A 49 0.72 13.01 -5.71
N PRO A 50 -0.07 13.55 -6.65
CA PRO A 50 0.13 13.33 -8.08
C PRO A 50 1.39 14.01 -8.61
N ASP A 51 2.24 14.45 -7.69
CA ASP A 51 3.48 15.12 -8.06
C ASP A 51 3.99 14.61 -9.41
N LYS A 52 3.63 15.32 -10.48
CA LYS A 52 4.06 14.95 -11.82
C LYS A 52 5.50 15.36 -12.07
N PRO A 53 5.75 16.68 -12.06
CA PRO A 53 7.09 17.22 -12.28
C PRO A 53 8.04 16.93 -11.12
N MET A 54 7.56 17.15 -9.90
CA MET A 54 8.36 16.90 -8.71
C MET A 54 8.82 15.45 -8.65
N ASP A 55 9.87 15.13 -9.40
CA ASP A 55 10.40 13.78 -9.43
C ASP A 55 11.71 13.69 -8.64
N GLY A 56 12.05 12.48 -8.21
CA GLY A 56 13.27 12.28 -7.46
C GLY A 56 13.14 12.78 -6.03
N ASN A 57 14.11 13.58 -5.61
CA ASN A 57 14.11 14.12 -4.25
C ASN A 57 13.22 15.37 -4.17
N PRO A 58 12.52 15.51 -3.03
CA PRO A 58 12.59 14.55 -1.92
C PRO A 58 11.94 13.22 -2.28
N PRO A 59 12.57 12.11 -1.84
CA PRO A 59 12.06 10.77 -2.10
C PRO A 59 10.79 10.46 -1.31
N LEU A 60 10.24 9.28 -1.53
CA LEU A 60 9.01 8.87 -0.84
C LEU A 60 9.13 9.12 0.66
N PRO A 61 7.97 9.29 1.32
CA PRO A 61 7.91 9.53 2.77
C PRO A 61 8.32 8.31 3.58
N GLU A 62 9.45 8.40 4.25
CA GLU A 62 9.95 7.31 5.07
C GLU A 62 8.80 6.56 5.74
N SER A 63 7.99 7.29 6.50
CA SER A 63 6.86 6.70 7.20
C SER A 63 5.55 7.17 6.59
N PHE A 64 4.67 6.23 6.25
CA PHE A 64 3.38 6.56 5.66
C PHE A 64 2.29 5.63 6.20
N TYR A 65 1.12 6.19 6.45
CA TYR A 65 0.00 5.42 6.96
C TYR A 65 -1.19 5.46 5.99
N CYS A 66 -2.01 4.41 6.04
CA CYS A 66 -3.18 4.32 5.17
C CYS A 66 -4.31 5.20 5.68
N GLU A 67 -5.46 5.12 5.02
CA GLU A 67 -6.62 5.91 5.41
C GLU A 67 -7.38 5.23 6.54
N ILE A 68 -6.71 4.34 7.26
CA ILE A 68 -7.32 3.62 8.37
C ILE A 68 -6.51 3.81 9.65
N CYS A 69 -5.23 4.13 9.49
CA CYS A 69 -4.35 4.32 10.64
C CYS A 69 -4.12 5.81 10.88
N ARG A 70 -4.37 6.62 9.87
CA ARG A 70 -4.20 8.07 9.97
C ARG A 70 -5.19 8.66 10.97
N LEU A 71 -6.36 8.06 11.07
CA LEU A 71 -7.39 8.53 11.99
C LEU A 71 -6.90 8.50 13.42
N THR A 72 -6.00 7.56 13.71
CA THR A 72 -5.45 7.42 15.06
C THR A 72 -3.94 7.23 15.01
N SER A 73 -3.20 8.32 15.21
CA SER A 73 -1.74 8.26 15.19
C SER A 73 -1.20 7.87 16.55
N GLY A 74 0.13 7.78 16.65
CA GLY A 74 0.76 7.41 17.90
C GLY A 74 2.28 7.51 17.84
N PRO A 75 2.91 7.55 19.02
CA PRO A 75 4.37 7.66 19.13
C PRO A 75 5.08 6.39 18.68
N SER A 76 6.31 6.53 18.18
CA SER A 76 7.08 5.39 17.72
C SER A 76 8.49 5.83 17.33
N SER A 77 9.41 4.87 17.33
CA SER A 77 10.81 5.15 16.98
C SER A 77 10.89 6.19 15.87
N GLY A 78 11.66 7.24 16.12
CA GLY A 78 11.81 8.31 15.13
C GLY A 78 12.94 8.03 14.16
N GLY A 1 -16.87 -18.50 -11.09
CA GLY A 1 -15.69 -17.98 -10.44
C GLY A 1 -14.42 -18.28 -11.22
N SER A 2 -13.73 -19.35 -10.84
CA SER A 2 -12.49 -19.74 -11.51
C SER A 2 -12.29 -21.25 -11.45
N SER A 3 -12.07 -21.85 -12.61
CA SER A 3 -11.87 -23.30 -12.69
C SER A 3 -10.47 -23.62 -13.20
N GLY A 4 -9.54 -23.83 -12.27
CA GLY A 4 -8.18 -24.15 -12.65
C GLY A 4 -7.67 -25.42 -11.99
N SER A 5 -6.35 -25.57 -11.92
CA SER A 5 -5.74 -26.74 -11.32
C SER A 5 -5.11 -26.40 -9.97
N SER A 6 -5.67 -26.96 -8.91
CA SER A 6 -5.17 -26.71 -7.56
C SER A 6 -3.82 -27.39 -7.35
N GLY A 7 -3.09 -26.93 -6.34
CA GLY A 7 -1.79 -27.50 -6.05
C GLY A 7 -0.69 -26.46 -6.05
N GLU A 8 -0.45 -25.84 -7.21
CA GLU A 8 0.58 -24.84 -7.35
C GLU A 8 0.10 -23.49 -6.79
N ASP A 9 0.88 -22.93 -5.87
CA ASP A 9 0.54 -21.66 -5.26
C ASP A 9 0.45 -20.55 -6.31
N PRO A 10 -0.37 -19.53 -6.03
CA PRO A 10 -0.57 -18.40 -6.95
C PRO A 10 0.67 -17.51 -7.05
N PHE A 11 1.75 -17.95 -6.42
CA PHE A 11 3.00 -17.19 -6.43
C PHE A 11 2.76 -15.73 -6.07
N GLN A 12 1.68 -15.48 -5.32
CA GLN A 12 1.34 -14.13 -4.91
C GLN A 12 2.05 -13.75 -3.61
N PRO A 13 2.68 -12.57 -3.61
CA PRO A 13 3.41 -12.07 -2.44
C PRO A 13 2.48 -11.70 -1.28
N GLU A 14 3.07 -11.37 -0.14
CA GLU A 14 2.29 -11.00 1.04
C GLU A 14 1.67 -9.61 0.88
N ILE A 15 0.58 -9.54 0.12
CA ILE A 15 -0.10 -8.28 -0.12
C ILE A 15 -1.50 -8.29 0.50
N LYS A 16 -2.06 -7.10 0.69
CA LYS A 16 -3.39 -6.97 1.28
C LYS A 16 -4.31 -6.17 0.35
N VAL A 17 -3.75 -5.14 -0.29
CA VAL A 17 -4.52 -4.31 -1.21
C VAL A 17 -5.67 -3.62 -0.48
N ARG A 18 -5.38 -3.09 0.70
CA ARG A 18 -6.39 -2.40 1.50
C ARG A 18 -6.57 -0.96 1.02
N CYS A 19 -6.08 -0.67 -0.17
CA CYS A 19 -6.18 0.66 -0.74
C CYS A 19 -7.62 1.16 -0.72
N VAL A 20 -7.80 2.47 -0.82
CA VAL A 20 -9.13 3.06 -0.82
C VAL A 20 -9.92 2.65 -2.05
N CYS A 21 -9.22 2.32 -3.13
CA CYS A 21 -9.85 1.92 -4.36
C CYS A 21 -10.75 0.70 -4.14
N GLY A 22 -10.46 -0.05 -3.08
CA GLY A 22 -11.25 -1.23 -2.77
C GLY A 22 -11.13 -2.31 -3.83
N ASN A 23 -9.95 -2.41 -4.44
CA ASN A 23 -9.70 -3.40 -5.47
C ASN A 23 -9.01 -4.63 -4.90
N SER A 24 -8.73 -5.60 -5.76
CA SER A 24 -8.06 -6.83 -5.33
C SER A 24 -6.72 -6.99 -6.03
N LEU A 25 -6.50 -6.20 -7.07
CA LEU A 25 -5.25 -6.25 -7.82
C LEU A 25 -4.18 -5.39 -7.15
N GLU A 26 -2.95 -5.48 -7.65
CA GLU A 26 -1.84 -4.71 -7.10
C GLU A 26 -0.68 -4.65 -8.09
N THR A 27 0.16 -3.63 -7.94
CA THR A 27 1.31 -3.45 -8.83
C THR A 27 2.62 -3.60 -8.06
N ASP A 28 3.73 -3.56 -8.79
CA ASP A 28 5.04 -3.68 -8.17
C ASP A 28 5.52 -2.34 -7.62
N SER A 29 4.70 -1.31 -7.80
CA SER A 29 5.04 0.03 -7.33
C SER A 29 4.03 0.51 -6.30
N MET A 30 4.25 0.16 -5.04
CA MET A 30 3.36 0.56 -3.96
C MET A 30 4.14 0.84 -2.68
N ILE A 31 3.42 1.20 -1.62
CA ILE A 31 4.05 1.48 -0.34
C ILE A 31 3.28 0.83 0.81
N GLN A 32 4.01 0.15 1.69
CA GLN A 32 3.41 -0.52 2.82
C GLN A 32 3.22 0.44 4.00
N CYS A 33 2.26 0.15 4.86
CA CYS A 33 1.98 0.98 6.02
C CYS A 33 2.97 0.69 7.14
N GLU A 34 3.45 1.74 7.79
CA GLU A 34 4.40 1.60 8.89
C GLU A 34 3.84 0.67 9.97
N ASP A 35 2.56 0.83 10.29
CA ASP A 35 1.91 0.01 11.30
C ASP A 35 2.16 -1.47 11.03
N PRO A 36 2.50 -2.21 12.10
CA PRO A 36 2.76 -3.65 12.01
C PRO A 36 1.51 -4.46 11.71
N ARG A 37 0.46 -4.23 12.51
CA ARG A 37 -0.79 -4.94 12.34
C ARG A 37 -1.44 -4.59 11.00
N CYS A 38 -1.10 -3.41 10.48
CA CYS A 38 -1.64 -2.96 9.21
C CYS A 38 -0.87 -3.56 8.03
N HIS A 39 0.39 -3.17 7.91
CA HIS A 39 1.24 -3.67 6.83
C HIS A 39 0.44 -3.88 5.55
N VAL A 40 -0.44 -2.93 5.25
CA VAL A 40 -1.27 -3.01 4.06
C VAL A 40 -0.54 -2.45 2.84
N TRP A 41 -1.07 -2.75 1.66
CA TRP A 41 -0.47 -2.27 0.41
C TRP A 41 -1.45 -1.40 -0.37
N GLN A 42 -1.03 -0.19 -0.70
CA GLN A 42 -1.87 0.74 -1.45
C GLN A 42 -1.11 1.33 -2.63
N HIS A 43 -1.84 1.68 -3.68
CA HIS A 43 -1.23 2.27 -4.88
C HIS A 43 -0.62 3.63 -4.56
N VAL A 44 0.61 3.84 -5.02
CA VAL A 44 1.29 5.10 -4.79
C VAL A 44 0.51 6.28 -5.37
N GLY A 45 0.22 6.21 -6.67
CA GLY A 45 -0.52 7.27 -7.32
C GLY A 45 -1.79 7.64 -6.57
N CYS A 46 -2.30 6.70 -5.79
CA CYS A 46 -3.52 6.93 -5.01
C CYS A 46 -3.22 7.78 -3.78
N VAL A 47 -2.60 7.15 -2.78
CA VAL A 47 -2.26 7.84 -1.54
C VAL A 47 -1.24 8.95 -1.79
N ILE A 48 -0.14 8.59 -2.44
CA ILE A 48 0.92 9.56 -2.74
C ILE A 48 0.48 10.52 -3.83
N LEU A 49 0.90 11.78 -3.71
CA LEU A 49 0.56 12.80 -4.68
C LEU A 49 0.48 12.22 -6.09
N PRO A 50 -0.42 12.76 -6.92
CA PRO A 50 -0.60 12.31 -8.30
C PRO A 50 0.58 12.68 -9.20
N ASP A 51 1.17 11.68 -9.82
CA ASP A 51 2.31 11.88 -10.70
C ASP A 51 2.17 11.07 -11.98
N LYS A 52 1.93 11.76 -13.09
CA LYS A 52 1.77 11.09 -14.39
C LYS A 52 2.99 10.25 -14.72
N PRO A 53 4.17 10.91 -14.78
CA PRO A 53 5.43 10.25 -15.10
C PRO A 53 5.90 9.34 -13.97
N MET A 54 5.80 9.83 -12.74
CA MET A 54 6.21 9.06 -11.57
C MET A 54 7.49 8.28 -11.86
N ASP A 55 8.44 8.93 -12.51
CA ASP A 55 9.71 8.29 -12.85
C ASP A 55 10.28 7.55 -11.64
N GLY A 56 10.35 8.24 -10.52
CA GLY A 56 10.88 7.64 -9.31
C GLY A 56 11.79 8.58 -8.54
N ASN A 57 11.41 9.84 -8.46
CA ASN A 57 12.20 10.84 -7.76
C ASN A 57 11.41 12.14 -7.59
N PRO A 58 11.16 12.53 -6.33
CA PRO A 58 11.62 11.76 -5.16
C PRO A 58 10.87 10.44 -5.00
N PRO A 59 11.59 9.40 -4.53
CA PRO A 59 11.01 8.08 -4.33
C PRO A 59 10.02 8.04 -3.18
N LEU A 60 9.43 6.87 -2.93
CA LEU A 60 8.47 6.71 -1.85
C LEU A 60 9.08 7.09 -0.50
N PRO A 61 8.30 7.79 0.32
CA PRO A 61 8.74 8.23 1.65
C PRO A 61 8.91 7.06 2.62
N GLU A 62 9.97 7.12 3.43
CA GLU A 62 10.23 6.07 4.40
C GLU A 62 9.04 5.87 5.34
N SER A 63 8.47 6.98 5.79
CA SER A 63 7.32 6.92 6.70
C SER A 63 6.02 7.20 5.94
N PHE A 64 5.02 6.35 6.16
CA PHE A 64 3.72 6.50 5.51
C PHE A 64 2.63 5.78 6.28
N TYR A 65 1.42 6.33 6.23
CA TYR A 65 0.29 5.75 6.94
C TYR A 65 -0.96 5.77 6.08
N CYS A 66 -1.53 4.59 5.82
CA CYS A 66 -2.73 4.49 5.01
C CYS A 66 -3.83 5.40 5.52
N GLU A 67 -4.97 5.39 4.86
CA GLU A 67 -6.10 6.22 5.25
C GLU A 67 -6.81 5.64 6.47
N ILE A 68 -6.54 4.37 6.75
CA ILE A 68 -7.15 3.69 7.89
C ILE A 68 -6.37 3.97 9.17
N CYS A 69 -5.10 4.30 9.02
CA CYS A 69 -4.24 4.58 10.17
C CYS A 69 -4.35 6.05 10.58
N ARG A 70 -4.17 6.94 9.60
CA ARG A 70 -4.25 8.37 9.86
C ARG A 70 -5.46 8.71 10.71
N LEU A 71 -6.49 7.87 10.64
CA LEU A 71 -7.70 8.08 11.40
C LEU A 71 -7.58 7.51 12.80
N THR A 72 -6.83 6.41 12.92
CA THR A 72 -6.62 5.77 14.22
C THR A 72 -5.44 6.38 14.96
N SER A 73 -5.32 7.71 14.87
CA SER A 73 -4.23 8.40 15.54
C SER A 73 -4.75 9.23 16.72
N GLY A 74 -5.73 10.08 16.44
CA GLY A 74 -6.30 10.92 17.49
C GLY A 74 -6.16 12.40 17.20
N PRO A 75 -7.27 13.02 16.78
CA PRO A 75 -7.29 14.46 16.46
C PRO A 75 -7.13 15.34 17.69
N SER A 76 -7.55 14.82 18.84
CA SER A 76 -7.45 15.56 20.09
C SER A 76 -6.00 15.78 20.48
N SER A 77 -5.24 14.69 20.60
CA SER A 77 -3.83 14.77 20.97
C SER A 77 -2.96 14.89 19.73
N GLY A 78 -2.36 16.06 19.54
CA GLY A 78 -1.50 16.28 18.39
C GLY A 78 -2.17 15.91 17.08
N GLY A 1 -9.48 -24.24 -29.80
CA GLY A 1 -9.95 -24.51 -28.45
C GLY A 1 -8.82 -24.67 -27.46
N SER A 2 -9.04 -24.21 -26.23
CA SER A 2 -8.02 -24.30 -25.18
C SER A 2 -8.66 -24.36 -23.81
N SER A 3 -7.84 -24.55 -22.78
CA SER A 3 -8.32 -24.63 -21.41
C SER A 3 -7.79 -23.47 -20.57
N GLY A 4 -8.41 -23.23 -19.43
CA GLY A 4 -7.98 -22.15 -18.56
C GLY A 4 -8.40 -22.37 -17.12
N SER A 5 -7.44 -22.32 -16.20
CA SER A 5 -7.72 -22.51 -14.78
C SER A 5 -6.95 -21.50 -13.94
N SER A 6 -7.68 -20.65 -13.22
CA SER A 6 -7.07 -19.64 -12.38
C SER A 6 -7.32 -19.94 -10.90
N GLY A 7 -6.60 -19.25 -10.03
CA GLY A 7 -6.74 -19.46 -8.61
C GLY A 7 -5.61 -18.86 -7.80
N GLU A 8 -5.46 -19.30 -6.56
CA GLU A 8 -4.41 -18.79 -5.68
C GLU A 8 -3.13 -19.60 -5.85
N ASP A 9 -2.00 -18.92 -5.86
CA ASP A 9 -0.71 -19.58 -6.01
C ASP A 9 0.02 -19.66 -4.67
N PRO A 10 0.73 -20.78 -4.44
CA PRO A 10 1.48 -21.00 -3.20
C PRO A 10 2.70 -20.09 -3.09
N PHE A 11 2.88 -19.23 -4.10
CA PHE A 11 4.01 -18.32 -4.12
C PHE A 11 3.53 -16.86 -4.13
N GLN A 12 2.51 -16.57 -3.33
CA GLN A 12 1.97 -15.23 -3.25
C GLN A 12 2.46 -14.51 -2.00
N PRO A 13 2.79 -13.21 -2.14
CA PRO A 13 3.28 -12.39 -1.03
C PRO A 13 2.20 -12.11 0.01
N GLU A 14 2.55 -11.33 1.02
CA GLU A 14 1.60 -10.99 2.08
C GLU A 14 1.00 -9.60 1.84
N ILE A 15 0.54 -9.37 0.62
CA ILE A 15 -0.08 -8.09 0.26
C ILE A 15 -1.56 -8.08 0.59
N LYS A 16 -2.03 -6.97 1.15
CA LYS A 16 -3.42 -6.82 1.51
C LYS A 16 -4.20 -6.08 0.42
N VAL A 17 -3.60 -5.01 -0.10
CA VAL A 17 -4.22 -4.22 -1.15
C VAL A 17 -5.52 -3.57 -0.65
N ARG A 18 -5.43 -2.94 0.52
CA ARG A 18 -6.59 -2.27 1.11
C ARG A 18 -6.60 -0.78 0.76
N CYS A 19 -6.18 -0.46 -0.45
CA CYS A 19 -6.14 0.92 -0.91
C CYS A 19 -7.49 1.60 -0.73
N VAL A 20 -7.54 2.89 -0.99
CA VAL A 20 -8.77 3.66 -0.85
C VAL A 20 -9.62 3.55 -2.12
N CYS A 21 -8.97 3.61 -3.28
CA CYS A 21 -9.66 3.52 -4.55
C CYS A 21 -10.73 2.44 -4.52
N GLY A 22 -10.53 1.43 -3.67
CA GLY A 22 -11.49 0.35 -3.55
C GLY A 22 -11.25 -0.75 -4.57
N ASN A 23 -9.98 -0.95 -4.95
CA ASN A 23 -9.61 -1.97 -5.91
C ASN A 23 -8.63 -2.97 -5.31
N SER A 24 -8.90 -4.25 -5.52
CA SER A 24 -8.04 -5.31 -5.00
C SER A 24 -6.95 -5.69 -6.01
N LEU A 25 -6.46 -4.68 -6.74
CA LEU A 25 -5.42 -4.91 -7.73
C LEU A 25 -4.08 -4.34 -7.27
N GLU A 26 -3.01 -4.75 -7.93
CA GLU A 26 -1.67 -4.28 -7.58
C GLU A 26 -1.04 -3.55 -8.76
N THR A 27 -0.07 -2.67 -8.45
CA THR A 27 0.61 -1.90 -9.48
C THR A 27 2.12 -2.16 -9.44
N ASP A 28 2.85 -1.53 -10.35
CA ASP A 28 4.29 -1.68 -10.41
C ASP A 28 4.94 -1.35 -9.07
N SER A 29 4.48 -0.27 -8.45
CA SER A 29 5.02 0.14 -7.16
C SER A 29 3.90 0.40 -6.15
N MET A 30 4.16 0.10 -4.89
CA MET A 30 3.17 0.29 -3.83
C MET A 30 3.84 0.54 -2.49
N ILE A 31 3.14 1.22 -1.59
CA ILE A 31 3.68 1.53 -0.28
C ILE A 31 2.98 0.71 0.80
N GLN A 32 3.76 0.08 1.67
CA GLN A 32 3.20 -0.74 2.74
C GLN A 32 3.17 0.05 4.05
N CYS A 33 1.96 0.22 4.59
CA CYS A 33 1.77 0.96 5.83
C CYS A 33 2.76 0.47 6.90
N GLU A 34 3.20 1.39 7.75
CA GLU A 34 4.14 1.06 8.81
C GLU A 34 3.51 0.10 9.81
N ASP A 35 2.30 0.42 10.26
CA ASP A 35 1.59 -0.42 11.22
C ASP A 35 1.73 -1.89 10.85
N PRO A 36 1.92 -2.73 11.89
CA PRO A 36 2.06 -4.18 11.70
C PRO A 36 0.77 -4.85 11.27
N ARG A 37 -0.31 -4.59 12.01
CA ARG A 37 -1.61 -5.16 11.70
C ARG A 37 -2.08 -4.73 10.30
N CYS A 38 -1.88 -3.45 9.99
CA CYS A 38 -2.29 -2.91 8.70
C CYS A 38 -1.52 -3.57 7.57
N HIS A 39 -0.22 -3.28 7.48
CA HIS A 39 0.63 -3.85 6.44
C HIS A 39 -0.09 -3.84 5.09
N VAL A 40 -0.88 -2.80 4.85
CA VAL A 40 -1.61 -2.68 3.60
C VAL A 40 -0.78 -1.96 2.54
N TRP A 41 -0.96 -2.35 1.29
CA TRP A 41 -0.22 -1.75 0.18
C TRP A 41 -1.11 -0.75 -0.57
N GLN A 42 -0.70 0.52 -0.54
CA GLN A 42 -1.45 1.56 -1.23
C GLN A 42 -0.78 1.95 -2.54
N HIS A 43 -1.56 1.96 -3.62
CA HIS A 43 -1.04 2.30 -4.94
C HIS A 43 -0.31 3.64 -4.90
N VAL A 44 0.95 3.64 -5.33
CA VAL A 44 1.75 4.86 -5.34
C VAL A 44 1.03 5.98 -6.08
N GLY A 45 0.27 5.62 -7.10
CA GLY A 45 -0.47 6.61 -7.87
C GLY A 45 -1.88 6.80 -7.37
N CYS A 46 -2.08 6.66 -6.07
CA CYS A 46 -3.39 6.82 -5.46
C CYS A 46 -3.34 7.79 -4.28
N VAL A 47 -2.33 7.62 -3.44
CA VAL A 47 -2.17 8.47 -2.27
C VAL A 47 -0.99 9.43 -2.45
N ILE A 48 0.05 8.97 -3.14
CA ILE A 48 1.23 9.78 -3.38
C ILE A 48 1.06 10.64 -4.63
N LEU A 49 1.36 11.92 -4.51
CA LEU A 49 1.24 12.85 -5.62
C LEU A 49 1.70 12.19 -6.92
N PRO A 50 0.86 12.29 -7.97
CA PRO A 50 1.16 11.72 -9.28
C PRO A 50 2.28 12.46 -10.00
N ASP A 51 3.50 11.92 -9.90
CA ASP A 51 4.66 12.55 -10.55
C ASP A 51 4.98 11.84 -11.86
N LYS A 52 4.15 12.07 -12.87
CA LYS A 52 4.35 11.47 -14.18
C LYS A 52 5.71 11.85 -14.76
N PRO A 53 5.95 13.17 -14.89
CA PRO A 53 7.20 13.69 -15.43
C PRO A 53 8.37 13.48 -14.47
N MET A 54 8.15 13.77 -13.20
CA MET A 54 9.18 13.61 -12.19
C MET A 54 9.17 12.20 -11.61
N ASP A 55 9.97 11.32 -12.19
CA ASP A 55 10.05 9.93 -11.73
C ASP A 55 11.40 9.66 -11.07
N GLY A 56 11.36 9.01 -9.92
CA GLY A 56 12.57 8.69 -9.19
C GLY A 56 12.58 9.28 -7.80
N ASN A 57 13.30 10.38 -7.62
CA ASN A 57 13.39 11.04 -6.32
C ASN A 57 12.70 12.39 -6.34
N PRO A 58 12.20 12.82 -5.17
CA PRO A 58 12.32 12.05 -3.93
C PRO A 58 11.45 10.80 -3.95
N PRO A 59 12.03 9.66 -3.50
CA PRO A 59 11.32 8.38 -3.46
C PRO A 59 10.24 8.36 -2.39
N LEU A 60 9.67 7.18 -2.15
CA LEU A 60 8.62 7.02 -1.15
C LEU A 60 9.04 7.60 0.19
N PRO A 61 8.07 8.14 0.94
CA PRO A 61 8.33 8.73 2.26
C PRO A 61 8.69 7.69 3.30
N GLU A 62 9.71 7.99 4.10
CA GLU A 62 10.16 7.07 5.15
C GLU A 62 8.96 6.40 5.83
N SER A 63 8.00 7.22 6.27
CA SER A 63 6.82 6.70 6.94
C SER A 63 5.56 7.06 6.16
N PHE A 64 4.45 6.39 6.49
CA PHE A 64 3.18 6.64 5.81
C PHE A 64 2.05 5.88 6.51
N TYR A 65 0.96 6.59 6.77
CA TYR A 65 -0.20 5.99 7.43
C TYR A 65 -1.45 6.10 6.56
N CYS A 66 -1.95 4.96 6.10
CA CYS A 66 -3.14 4.93 5.26
C CYS A 66 -4.29 5.71 5.91
N GLU A 67 -5.46 5.66 5.28
CA GLU A 67 -6.63 6.36 5.80
C GLU A 67 -7.18 5.66 7.04
N ILE A 68 -6.81 4.39 7.21
CA ILE A 68 -7.27 3.62 8.35
C ILE A 68 -6.37 3.85 9.56
N CYS A 69 -5.12 4.24 9.31
CA CYS A 69 -4.17 4.49 10.38
C CYS A 69 -4.31 5.92 10.89
N ARG A 70 -4.30 6.89 9.98
CA ARG A 70 -4.41 8.29 10.34
C ARG A 70 -5.68 8.53 11.17
N LEU A 71 -6.57 7.54 11.17
CA LEU A 71 -7.81 7.65 11.93
C LEU A 71 -7.65 7.06 13.33
N THR A 72 -6.81 6.02 13.44
CA THR A 72 -6.57 5.37 14.71
C THR A 72 -5.53 6.13 15.53
N SER A 73 -5.60 7.46 15.47
CA SER A 73 -4.66 8.30 16.20
C SER A 73 -5.18 8.60 17.61
N GLY A 74 -6.27 9.36 17.68
CA GLY A 74 -6.85 9.71 18.96
C GLY A 74 -7.50 11.07 18.95
N PRO A 75 -6.98 11.98 19.79
CA PRO A 75 -7.52 13.34 19.89
C PRO A 75 -7.22 14.18 18.64
N SER A 76 -8.19 14.24 17.74
CA SER A 76 -8.03 14.99 16.50
C SER A 76 -7.75 16.46 16.80
N SER A 77 -6.94 17.09 15.95
CA SER A 77 -6.58 18.49 16.13
C SER A 77 -7.29 19.36 15.08
N GLY A 78 -7.08 20.68 15.19
CA GLY A 78 -7.70 21.59 14.25
C GLY A 78 -6.87 22.85 14.03
N GLY A 1 10.12 -9.94 -25.14
CA GLY A 1 9.35 -11.17 -25.28
C GLY A 1 9.05 -11.81 -23.94
N SER A 2 7.85 -11.56 -23.42
CA SER A 2 7.44 -12.12 -22.14
C SER A 2 6.05 -12.77 -22.25
N SER A 3 6.03 -14.09 -22.16
CA SER A 3 4.78 -14.84 -22.25
C SER A 3 4.74 -15.96 -21.21
N GLY A 4 3.65 -16.01 -20.44
CA GLY A 4 3.51 -17.03 -19.43
C GLY A 4 2.11 -17.09 -18.85
N SER A 5 1.90 -17.98 -17.89
CA SER A 5 0.59 -18.14 -17.26
C SER A 5 0.72 -18.04 -15.74
N SER A 6 0.62 -16.83 -15.21
CA SER A 6 0.72 -16.60 -13.78
C SER A 6 -0.18 -17.57 -13.02
N GLY A 7 0.38 -18.21 -11.99
CA GLY A 7 -0.38 -19.15 -11.20
C GLY A 7 -0.29 -18.85 -9.71
N GLU A 8 -1.07 -19.59 -8.92
CA GLU A 8 -1.08 -19.40 -7.47
C GLU A 8 0.19 -19.97 -6.84
N ASP A 9 0.73 -19.24 -5.88
CA ASP A 9 1.94 -19.67 -5.18
C ASP A 9 1.75 -19.63 -3.67
N PRO A 10 2.30 -20.64 -2.97
CA PRO A 10 2.19 -20.74 -1.52
C PRO A 10 3.03 -19.67 -0.80
N PHE A 11 3.64 -18.80 -1.58
CA PHE A 11 4.47 -17.73 -1.03
C PHE A 11 3.64 -16.48 -0.76
N GLN A 12 2.41 -16.68 -0.28
CA GLN A 12 1.52 -15.57 0.01
C GLN A 12 2.24 -14.48 0.81
N PRO A 13 2.57 -13.38 0.14
CA PRO A 13 3.26 -12.25 0.77
C PRO A 13 2.37 -11.50 1.76
N GLU A 14 2.96 -10.53 2.46
CA GLU A 14 2.22 -9.75 3.45
C GLU A 14 1.48 -8.60 2.78
N ILE A 15 0.82 -8.89 1.66
CA ILE A 15 0.07 -7.88 0.92
C ILE A 15 -1.42 -7.99 1.22
N LYS A 16 -2.03 -6.85 1.54
CA LYS A 16 -3.46 -6.81 1.83
C LYS A 16 -4.21 -5.98 0.79
N VAL A 17 -3.49 -5.09 0.12
CA VAL A 17 -4.09 -4.23 -0.90
C VAL A 17 -5.43 -3.70 -0.44
N ARG A 18 -5.50 -3.25 0.80
CA ARG A 18 -6.73 -2.71 1.35
C ARG A 18 -6.91 -1.24 0.98
N CYS A 19 -6.39 -0.88 -0.19
CA CYS A 19 -6.49 0.50 -0.67
C CYS A 19 -7.94 0.97 -0.69
N VAL A 20 -8.12 2.27 -0.84
CA VAL A 20 -9.46 2.86 -0.88
C VAL A 20 -10.23 2.42 -2.13
N CYS A 21 -9.53 2.41 -3.26
CA CYS A 21 -10.13 2.01 -4.53
C CYS A 21 -11.02 0.77 -4.34
N GLY A 22 -10.66 -0.06 -3.36
CA GLY A 22 -11.43 -1.26 -3.10
C GLY A 22 -11.35 -2.26 -4.25
N ASN A 23 -10.22 -2.29 -4.94
CA ASN A 23 -10.02 -3.20 -6.06
C ASN A 23 -9.16 -4.39 -5.64
N SER A 24 -8.44 -4.23 -4.54
CA SER A 24 -7.57 -5.30 -4.03
C SER A 24 -6.60 -5.77 -5.12
N LEU A 25 -6.25 -4.86 -6.02
CA LEU A 25 -5.34 -5.18 -7.10
C LEU A 25 -3.94 -4.64 -6.82
N GLU A 26 -2.94 -5.16 -7.53
CA GLU A 26 -1.57 -4.73 -7.35
C GLU A 26 -1.09 -3.91 -8.55
N THR A 27 -0.18 -2.98 -8.31
CA THR A 27 0.36 -2.14 -9.36
C THR A 27 1.89 -2.07 -9.29
N ASP A 28 2.50 -1.60 -10.38
CA ASP A 28 3.95 -1.50 -10.44
C ASP A 28 4.49 -0.71 -9.24
N SER A 29 3.66 0.17 -8.70
CA SER A 29 4.05 0.99 -7.56
C SER A 29 3.10 0.76 -6.38
N MET A 30 3.67 0.59 -5.19
CA MET A 30 2.88 0.38 -3.99
C MET A 30 3.71 0.65 -2.74
N ILE A 31 3.04 1.10 -1.68
CA ILE A 31 3.72 1.40 -0.42
C ILE A 31 3.09 0.63 0.74
N GLN A 32 3.93 -0.06 1.52
CA GLN A 32 3.45 -0.83 2.66
C GLN A 32 3.23 0.07 3.86
N CYS A 33 2.23 -0.27 4.67
CA CYS A 33 1.90 0.49 5.86
C CYS A 33 2.91 0.23 6.98
N GLU A 34 3.01 1.16 7.92
CA GLU A 34 3.93 1.02 9.03
C GLU A 34 3.38 0.08 10.09
N ASP A 35 2.17 0.36 10.55
CA ASP A 35 1.52 -0.46 11.56
C ASP A 35 1.80 -1.95 11.32
N PRO A 36 2.06 -2.68 12.41
CA PRO A 36 2.35 -4.11 12.35
C PRO A 36 1.13 -4.94 11.96
N ARG A 37 0.03 -4.72 12.67
CA ARG A 37 -1.21 -5.45 12.41
C ARG A 37 -1.75 -5.09 11.03
N CYS A 38 -1.69 -3.81 10.68
CA CYS A 38 -2.18 -3.34 9.39
C CYS A 38 -1.35 -3.92 8.25
N HIS A 39 -0.10 -3.51 8.17
CA HIS A 39 0.80 -4.00 7.13
C HIS A 39 0.07 -4.14 5.80
N VAL A 40 -0.63 -3.08 5.39
CA VAL A 40 -1.38 -3.09 4.14
C VAL A 40 -0.72 -2.17 3.11
N TRP A 41 -0.76 -2.60 1.84
CA TRP A 41 -0.18 -1.82 0.77
C TRP A 41 -1.21 -0.86 0.16
N GLN A 42 -0.74 0.29 -0.28
CA GLN A 42 -1.62 1.29 -0.89
C GLN A 42 -0.99 1.90 -2.13
N HIS A 43 -1.71 1.84 -3.25
CA HIS A 43 -1.21 2.39 -4.51
C HIS A 43 -0.55 3.75 -4.28
N VAL A 44 0.68 3.90 -4.78
CA VAL A 44 1.43 5.14 -4.63
C VAL A 44 0.69 6.29 -5.29
N GLY A 45 0.07 6.03 -6.44
CA GLY A 45 -0.65 7.06 -7.15
C GLY A 45 -2.06 7.24 -6.62
N CYS A 46 -2.27 6.90 -5.35
CA CYS A 46 -3.57 7.02 -4.73
C CYS A 46 -3.51 7.91 -3.48
N VAL A 47 -2.64 7.52 -2.54
CA VAL A 47 -2.48 8.28 -1.31
C VAL A 47 -1.38 9.33 -1.45
N ILE A 48 -0.21 8.90 -1.92
CA ILE A 48 0.91 9.81 -2.11
C ILE A 48 0.58 10.88 -3.15
N LEU A 49 0.88 12.12 -2.80
CA LEU A 49 0.63 13.24 -3.70
C LEU A 49 1.52 13.18 -4.93
N PRO A 50 0.96 13.52 -6.09
CA PRO A 50 1.69 13.50 -7.36
C PRO A 50 2.75 14.60 -7.44
N ASP A 51 3.98 14.21 -7.78
CA ASP A 51 5.08 15.17 -7.89
C ASP A 51 5.71 15.10 -9.27
N LYS A 52 5.10 15.78 -10.24
CA LYS A 52 5.61 15.80 -11.60
C LYS A 52 6.96 16.51 -11.67
N PRO A 53 7.02 17.73 -11.11
CA PRO A 53 8.24 18.53 -11.09
C PRO A 53 9.30 17.96 -10.17
N MET A 54 8.89 17.54 -8.97
CA MET A 54 9.81 16.97 -7.99
C MET A 54 10.05 15.49 -8.29
N ASP A 55 11.29 15.17 -8.67
CA ASP A 55 11.66 13.79 -8.98
C ASP A 55 12.90 13.37 -8.21
N GLY A 56 13.30 12.12 -8.37
CA GLY A 56 14.48 11.62 -7.68
C GLY A 56 14.37 11.76 -6.17
N ASN A 57 15.44 12.26 -5.55
CA ASN A 57 15.46 12.45 -4.11
C ASN A 57 14.91 13.82 -3.73
N PRO A 58 14.26 13.89 -2.55
CA PRO A 58 14.11 12.73 -1.67
C PRO A 58 13.15 11.70 -2.24
N PRO A 59 13.52 10.42 -2.13
CA PRO A 59 12.70 9.31 -2.62
C PRO A 59 11.44 9.10 -1.80
N LEU A 60 10.62 8.13 -2.20
CA LEU A 60 9.38 7.84 -1.50
C LEU A 60 9.55 8.01 0.01
N PRO A 61 8.44 8.32 0.69
CA PRO A 61 8.44 8.52 2.15
C PRO A 61 8.66 7.21 2.91
N GLU A 62 9.75 7.14 3.66
CA GLU A 62 10.08 5.95 4.43
C GLU A 62 8.88 5.51 5.28
N SER A 63 8.50 6.36 6.24
CA SER A 63 7.38 6.06 7.11
C SER A 63 6.06 6.58 6.52
N PHE A 64 5.12 5.67 6.31
CA PHE A 64 3.82 6.04 5.75
C PHE A 64 2.69 5.27 6.44
N TYR A 65 1.50 5.85 6.43
CA TYR A 65 0.34 5.23 7.06
C TYR A 65 -0.87 5.30 6.14
N CYS A 66 -1.45 4.14 5.84
CA CYS A 66 -2.63 4.08 4.97
C CYS A 66 -3.72 5.02 5.48
N GLU A 67 -4.87 5.00 4.80
CA GLU A 67 -5.98 5.85 5.16
C GLU A 67 -6.66 5.34 6.43
N ILE A 68 -6.54 4.03 6.67
CA ILE A 68 -7.14 3.42 7.86
C ILE A 68 -6.33 3.74 9.11
N CYS A 69 -5.05 4.04 8.92
CA CYS A 69 -4.17 4.37 10.04
C CYS A 69 -4.11 5.88 10.25
N ARG A 70 -4.10 6.62 9.16
CA ARG A 70 -4.04 8.09 9.22
C ARG A 70 -5.28 8.65 9.93
N LEU A 71 -6.40 7.94 9.81
CA LEU A 71 -7.64 8.37 10.44
C LEU A 71 -7.57 8.17 11.95
N THR A 72 -6.98 7.07 12.37
CA THR A 72 -6.85 6.75 13.80
C THR A 72 -5.79 7.63 14.45
N SER A 73 -6.20 8.82 14.90
CA SER A 73 -5.29 9.75 15.55
C SER A 73 -5.16 9.43 17.03
N GLY A 74 -4.13 10.01 17.66
CA GLY A 74 -3.92 9.78 19.07
C GLY A 74 -2.99 10.81 19.69
N PRO A 75 -2.27 10.41 20.76
CA PRO A 75 -1.33 11.28 21.46
C PRO A 75 -0.09 11.59 20.63
N SER A 76 -0.04 11.03 19.43
CA SER A 76 1.10 11.24 18.54
C SER A 76 0.69 12.10 17.35
N SER A 77 1.68 12.69 16.69
CA SER A 77 1.43 13.55 15.54
C SER A 77 0.62 14.78 15.93
N GLY A 78 1.01 15.41 17.03
CA GLY A 78 0.31 16.59 17.51
C GLY A 78 1.02 17.28 18.64
N GLY A 1 -33.10 -30.91 -1.83
CA GLY A 1 -32.58 -29.56 -1.88
C GLY A 1 -31.41 -29.34 -0.94
N SER A 2 -30.20 -29.40 -1.48
CA SER A 2 -28.99 -29.21 -0.69
C SER A 2 -27.93 -28.45 -1.48
N SER A 3 -27.16 -27.62 -0.78
CA SER A 3 -26.11 -26.83 -1.41
C SER A 3 -24.76 -27.52 -1.29
N GLY A 4 -23.77 -27.04 -2.04
CA GLY A 4 -22.44 -27.63 -1.99
C GLY A 4 -21.75 -27.58 -3.34
N SER A 5 -21.78 -26.42 -3.98
CA SER A 5 -21.14 -26.25 -5.28
C SER A 5 -19.63 -26.30 -5.16
N SER A 6 -18.99 -27.06 -6.04
CA SER A 6 -17.53 -27.19 -6.02
C SER A 6 -16.87 -25.83 -5.92
N GLY A 7 -15.65 -25.81 -5.38
CA GLY A 7 -14.93 -24.57 -5.23
C GLY A 7 -13.94 -24.60 -4.07
N GLU A 8 -13.06 -23.61 -4.01
CA GLU A 8 -12.07 -23.54 -2.95
C GLU A 8 -11.46 -22.14 -2.88
N ASP A 9 -10.56 -21.94 -1.92
CA ASP A 9 -9.90 -20.65 -1.74
C ASP A 9 -9.16 -20.24 -3.00
N PRO A 10 -9.19 -18.93 -3.30
CA PRO A 10 -8.53 -18.37 -4.49
C PRO A 10 -7.01 -18.41 -4.37
N PHE A 11 -6.52 -19.00 -3.28
CA PHE A 11 -5.08 -19.09 -3.04
C PHE A 11 -4.41 -17.73 -3.24
N GLN A 12 -5.17 -16.67 -3.07
CA GLN A 12 -4.64 -15.31 -3.23
C GLN A 12 -3.23 -15.21 -2.69
N PRO A 13 -2.45 -14.27 -3.23
CA PRO A 13 -1.06 -14.04 -2.82
C PRO A 13 -0.96 -13.45 -1.41
N GLU A 14 0.26 -13.33 -0.92
CA GLU A 14 0.50 -12.78 0.41
C GLU A 14 0.54 -11.25 0.39
N ILE A 15 -0.40 -10.66 -0.35
CA ILE A 15 -0.46 -9.20 -0.47
C ILE A 15 -1.81 -8.67 0.03
N LYS A 16 -1.76 -7.73 0.95
CA LYS A 16 -2.96 -7.13 1.51
C LYS A 16 -3.78 -6.44 0.42
N VAL A 17 -3.30 -5.27 -0.02
CA VAL A 17 -3.97 -4.51 -1.05
C VAL A 17 -5.30 -3.93 -0.54
N ARG A 18 -5.25 -3.30 0.62
CA ARG A 18 -6.44 -2.70 1.23
C ARG A 18 -6.53 -1.22 0.88
N CYS A 19 -6.12 -0.87 -0.33
CA CYS A 19 -6.16 0.52 -0.78
C CYS A 19 -7.57 1.09 -0.66
N VAL A 20 -7.73 2.35 -1.08
CA VAL A 20 -9.02 3.00 -1.02
C VAL A 20 -9.77 2.88 -2.35
N CYS A 21 -9.01 2.82 -3.44
CA CYS A 21 -9.60 2.69 -4.77
C CYS A 21 -10.53 1.49 -4.84
N GLY A 22 -10.39 0.58 -3.88
CA GLY A 22 -11.24 -0.60 -3.86
C GLY A 22 -10.84 -1.62 -4.89
N ASN A 23 -9.57 -1.62 -5.28
CA ASN A 23 -9.06 -2.55 -6.28
C ASN A 23 -8.08 -3.53 -5.66
N SER A 24 -8.42 -4.82 -5.72
CA SER A 24 -7.58 -5.86 -5.15
C SER A 24 -6.47 -6.24 -6.13
N LEU A 25 -5.89 -5.23 -6.78
CA LEU A 25 -4.82 -5.46 -7.75
C LEU A 25 -3.52 -4.82 -7.27
N GLU A 26 -2.40 -5.28 -7.82
CA GLU A 26 -1.10 -4.74 -7.44
C GLU A 26 -0.43 -4.06 -8.64
N THR A 27 0.12 -2.87 -8.40
CA THR A 27 0.78 -2.10 -9.45
C THR A 27 2.29 -2.32 -9.41
N ASP A 28 2.96 -1.87 -10.46
CA ASP A 28 4.41 -2.01 -10.55
C ASP A 28 5.08 -1.57 -9.26
N SER A 29 4.58 -0.48 -8.68
CA SER A 29 5.13 0.04 -7.44
C SER A 29 4.03 0.29 -6.42
N MET A 30 4.35 0.08 -5.14
CA MET A 30 3.39 0.29 -4.06
C MET A 30 4.10 0.55 -2.74
N ILE A 31 3.38 1.13 -1.79
CA ILE A 31 3.94 1.44 -0.48
C ILE A 31 3.22 0.67 0.62
N GLN A 32 3.99 0.04 1.51
CA GLN A 32 3.43 -0.73 2.61
C GLN A 32 3.29 0.13 3.86
N CYS A 33 2.05 0.34 4.29
CA CYS A 33 1.79 1.15 5.48
C CYS A 33 2.78 0.83 6.59
N GLU A 34 3.47 1.86 7.08
CA GLU A 34 4.44 1.69 8.14
C GLU A 34 3.89 0.81 9.26
N ASP A 35 2.71 1.17 9.76
CA ASP A 35 2.07 0.40 10.83
C ASP A 35 2.35 -1.09 10.68
N PRO A 36 2.72 -1.73 11.79
CA PRO A 36 3.03 -3.17 11.81
C PRO A 36 1.79 -4.03 11.61
N ARG A 37 0.77 -3.78 12.42
CA ARG A 37 -0.48 -4.52 12.33
C ARG A 37 -1.19 -4.27 10.99
N CYS A 38 -0.96 -3.08 10.44
CA CYS A 38 -1.57 -2.70 9.17
C CYS A 38 -0.76 -3.24 7.99
N HIS A 39 0.43 -2.69 7.78
CA HIS A 39 1.30 -3.12 6.70
C HIS A 39 0.51 -3.31 5.41
N VAL A 40 -0.61 -2.60 5.29
CA VAL A 40 -1.46 -2.69 4.11
C VAL A 40 -0.78 -2.07 2.90
N TRP A 41 -1.11 -2.58 1.72
CA TRP A 41 -0.52 -2.07 0.48
C TRP A 41 -1.41 -1.00 -0.14
N GLN A 42 -0.79 0.10 -0.57
CA GLN A 42 -1.53 1.20 -1.18
C GLN A 42 -0.81 1.72 -2.42
N HIS A 43 -1.52 1.77 -3.53
CA HIS A 43 -0.95 2.25 -4.79
C HIS A 43 -0.31 3.62 -4.61
N VAL A 44 0.86 3.81 -5.22
CA VAL A 44 1.56 5.09 -5.13
C VAL A 44 0.74 6.22 -5.74
N GLY A 45 0.14 5.96 -6.89
CA GLY A 45 -0.67 6.96 -7.56
C GLY A 45 -2.07 7.05 -6.99
N CYS A 46 -2.21 6.71 -5.71
CA CYS A 46 -3.51 6.74 -5.05
C CYS A 46 -3.47 7.65 -3.82
N VAL A 47 -2.38 7.55 -3.06
CA VAL A 47 -2.21 8.37 -1.86
C VAL A 47 -1.04 9.33 -2.00
N ILE A 48 -0.04 8.92 -2.78
CA ILE A 48 1.13 9.75 -3.00
C ILE A 48 0.92 10.72 -4.15
N LEU A 49 1.38 11.95 -3.99
CA LEU A 49 1.24 12.97 -5.01
C LEU A 49 2.03 12.60 -6.26
N PRO A 50 1.53 13.01 -7.43
CA PRO A 50 2.18 12.75 -8.72
C PRO A 50 3.48 13.53 -8.89
N ASP A 51 4.60 12.81 -8.88
CA ASP A 51 5.91 13.44 -9.03
C ASP A 51 6.35 13.43 -10.50
N LYS A 52 5.70 14.25 -11.32
CA LYS A 52 6.02 14.34 -12.73
C LYS A 52 7.43 14.89 -12.94
N PRO A 53 7.70 16.05 -12.32
CA PRO A 53 9.01 16.71 -12.41
C PRO A 53 10.10 15.94 -11.68
N MET A 54 9.73 15.31 -10.57
CA MET A 54 10.69 14.53 -9.79
C MET A 54 10.64 13.05 -10.17
N ASP A 55 11.72 12.57 -10.78
CA ASP A 55 11.80 11.18 -11.19
C ASP A 55 12.96 10.47 -10.50
N GLY A 56 12.64 9.65 -9.51
CA GLY A 56 13.67 8.93 -8.78
C GLY A 56 13.87 9.46 -7.38
N ASN A 57 14.26 10.73 -7.27
CA ASN A 57 14.49 11.35 -5.97
C ASN A 57 13.79 12.71 -5.90
N PRO A 58 13.38 13.09 -4.68
CA PRO A 58 13.58 12.27 -3.48
C PRO A 58 12.71 11.02 -3.48
N PRO A 59 13.14 9.99 -2.75
CA PRO A 59 12.41 8.72 -2.65
C PRO A 59 11.11 8.86 -1.87
N LEU A 60 10.38 7.75 -1.74
CA LEU A 60 9.12 7.74 -1.02
C LEU A 60 9.34 8.05 0.45
N PRO A 61 8.28 8.54 1.12
CA PRO A 61 8.33 8.89 2.54
C PRO A 61 8.44 7.66 3.43
N GLU A 62 9.57 7.51 4.11
CA GLU A 62 9.80 6.38 5.00
C GLU A 62 8.53 6.01 5.76
N SER A 63 8.00 6.99 6.50
CA SER A 63 6.78 6.76 7.28
C SER A 63 5.54 7.09 6.46
N PHE A 64 4.62 6.14 6.38
CA PHE A 64 3.39 6.34 5.62
C PHE A 64 2.21 5.64 6.31
N TYR A 65 1.19 6.42 6.64
CA TYR A 65 0.00 5.88 7.30
C TYR A 65 -1.23 6.03 6.42
N CYS A 66 -1.76 4.91 5.96
CA CYS A 66 -2.95 4.91 5.10
C CYS A 66 -4.06 5.73 5.73
N GLU A 67 -5.22 5.75 5.08
CA GLU A 67 -6.37 6.49 5.58
C GLU A 67 -7.00 5.79 6.78
N ILE A 68 -6.68 4.50 6.94
CA ILE A 68 -7.21 3.71 8.04
C ILE A 68 -6.38 3.92 9.30
N CYS A 69 -5.11 4.23 9.13
CA CYS A 69 -4.21 4.45 10.25
C CYS A 69 -4.21 5.92 10.67
N ARG A 70 -4.46 6.80 9.70
CA ARG A 70 -4.48 8.23 9.97
C ARG A 70 -5.67 8.60 10.84
N LEU A 71 -6.67 7.72 10.89
CA LEU A 71 -7.86 7.95 11.70
C LEU A 71 -7.64 7.52 13.14
N THR A 72 -6.87 6.45 13.32
CA THR A 72 -6.57 5.94 14.65
C THR A 72 -5.44 6.74 15.31
N SER A 73 -5.48 8.05 15.13
CA SER A 73 -4.46 8.93 15.71
C SER A 73 -4.82 9.32 17.14
N GLY A 74 -4.05 8.81 18.10
CA GLY A 74 -4.30 9.10 19.49
C GLY A 74 -4.32 10.60 19.77
N PRO A 75 -4.72 10.97 20.99
CA PRO A 75 -4.80 12.37 21.41
C PRO A 75 -3.42 13.01 21.55
N SER A 76 -2.48 12.24 22.09
CA SER A 76 -1.12 12.74 22.29
C SER A 76 -0.37 12.83 20.96
N SER A 77 -0.19 11.67 20.31
CA SER A 77 0.51 11.62 19.03
C SER A 77 -0.16 12.54 18.01
N GLY A 78 -1.44 12.29 17.75
CA GLY A 78 -2.17 13.11 16.80
C GLY A 78 -3.33 13.86 17.43
N GLY A 1 14.65 -14.74 -26.61
CA GLY A 1 13.48 -13.94 -26.29
C GLY A 1 12.93 -14.24 -24.91
N SER A 2 11.66 -13.90 -24.71
CA SER A 2 11.00 -14.14 -23.43
C SER A 2 9.83 -15.11 -23.58
N SER A 3 10.05 -16.36 -23.19
CA SER A 3 9.01 -17.38 -23.29
C SER A 3 9.12 -18.37 -22.13
N GLY A 4 8.04 -18.50 -21.38
CA GLY A 4 8.03 -19.42 -20.25
C GLY A 4 6.64 -19.66 -19.71
N SER A 5 6.55 -20.00 -18.43
CA SER A 5 5.27 -20.26 -17.79
C SER A 5 4.55 -18.96 -17.45
N SER A 6 3.76 -18.46 -18.39
CA SER A 6 3.03 -17.21 -18.20
C SER A 6 1.63 -17.49 -17.64
N GLY A 7 1.09 -16.52 -16.90
CA GLY A 7 -0.23 -16.68 -16.34
C GLY A 7 -0.20 -16.89 -14.83
N GLU A 8 -1.16 -17.64 -14.32
CA GLU A 8 -1.23 -17.92 -12.89
C GLU A 8 0.01 -18.67 -12.42
N ASP A 9 0.65 -18.14 -11.38
CA ASP A 9 1.85 -18.76 -10.83
C ASP A 9 1.55 -19.45 -9.50
N PRO A 10 2.27 -20.54 -9.22
CA PRO A 10 2.09 -21.30 -7.98
C PRO A 10 2.60 -20.55 -6.76
N PHE A 11 3.04 -19.32 -6.97
CA PHE A 11 3.54 -18.48 -5.89
C PHE A 11 2.67 -17.25 -5.68
N GLN A 12 1.38 -17.39 -6.01
CA GLN A 12 0.44 -16.29 -5.87
C GLN A 12 0.60 -15.61 -4.51
N PRO A 13 1.22 -14.42 -4.51
CA PRO A 13 1.45 -13.64 -3.30
C PRO A 13 0.16 -13.07 -2.72
N GLU A 14 -0.01 -13.23 -1.41
CA GLU A 14 -1.22 -12.73 -0.73
C GLU A 14 -1.06 -11.26 -0.38
N ILE A 15 -1.14 -10.40 -1.39
CA ILE A 15 -1.00 -8.96 -1.18
C ILE A 15 -2.29 -8.37 -0.60
N LYS A 16 -2.15 -7.51 0.40
CA LYS A 16 -3.29 -6.87 1.03
C LYS A 16 -4.16 -6.16 0.00
N VAL A 17 -3.70 -5.03 -0.47
CA VAL A 17 -4.44 -4.25 -1.46
C VAL A 17 -5.67 -3.61 -0.86
N ARG A 18 -5.53 -3.08 0.35
CA ARG A 18 -6.64 -2.45 1.05
C ARG A 18 -6.66 -0.94 0.78
N CYS A 19 -6.37 -0.57 -0.47
CA CYS A 19 -6.35 0.84 -0.86
C CYS A 19 -7.72 1.48 -0.65
N VAL A 20 -7.81 2.78 -0.93
CA VAL A 20 -9.06 3.51 -0.77
C VAL A 20 -9.96 3.33 -1.99
N CYS A 21 -9.39 3.52 -3.18
CA CYS A 21 -10.13 3.38 -4.43
C CYS A 21 -11.08 2.19 -4.35
N GLY A 22 -10.73 1.20 -3.54
CA GLY A 22 -11.57 0.02 -3.39
C GLY A 22 -11.36 -0.98 -4.52
N ASN A 23 -10.13 -1.07 -5.00
CA ASN A 23 -9.80 -2.00 -6.08
C ASN A 23 -8.86 -3.09 -5.60
N SER A 24 -9.20 -4.34 -5.91
CA SER A 24 -8.38 -5.48 -5.51
C SER A 24 -7.29 -5.76 -6.54
N LEU A 25 -6.66 -4.71 -7.04
CA LEU A 25 -5.61 -4.84 -8.03
C LEU A 25 -4.29 -4.26 -7.51
N GLU A 26 -3.19 -4.63 -8.16
CA GLU A 26 -1.88 -4.14 -7.76
C GLU A 26 -1.22 -3.35 -8.89
N THR A 27 -0.38 -2.40 -8.53
CA THR A 27 0.31 -1.56 -9.51
C THR A 27 1.78 -1.93 -9.61
N ASP A 28 2.50 -1.26 -10.50
CA ASP A 28 3.92 -1.51 -10.70
C ASP A 28 4.68 -1.32 -9.39
N SER A 29 4.21 -0.40 -8.56
CA SER A 29 4.85 -0.11 -7.28
C SER A 29 3.83 0.28 -6.23
N MET A 30 4.15 0.03 -4.97
CA MET A 30 3.25 0.36 -3.87
C MET A 30 4.02 0.49 -2.56
N ILE A 31 3.51 1.32 -1.65
CA ILE A 31 4.15 1.53 -0.37
C ILE A 31 3.37 0.84 0.75
N GLN A 32 4.11 0.17 1.64
CA GLN A 32 3.49 -0.55 2.75
C GLN A 32 3.28 0.39 3.94
N CYS A 33 2.27 0.10 4.75
CA CYS A 33 1.97 0.91 5.92
C CYS A 33 2.92 0.58 7.06
N GLU A 34 3.60 1.60 7.57
CA GLU A 34 4.55 1.42 8.67
C GLU A 34 4.02 0.42 9.69
N ASP A 35 2.80 0.66 10.16
CA ASP A 35 2.17 -0.23 11.14
C ASP A 35 2.40 -1.69 10.77
N PRO A 36 2.85 -2.48 11.76
CA PRO A 36 3.12 -3.92 11.55
C PRO A 36 1.83 -4.72 11.35
N ARG A 37 0.88 -4.53 12.26
CA ARG A 37 -0.39 -5.25 12.17
C ARG A 37 -1.16 -4.84 10.92
N CYS A 38 -0.80 -3.70 10.35
CA CYS A 38 -1.46 -3.20 9.15
C CYS A 38 -0.73 -3.67 7.90
N HIS A 39 0.50 -3.18 7.71
CA HIS A 39 1.30 -3.55 6.56
C HIS A 39 0.42 -3.73 5.32
N VAL A 40 -0.37 -2.72 5.01
CA VAL A 40 -1.26 -2.78 3.85
C VAL A 40 -0.60 -2.16 2.63
N TRP A 41 -1.08 -2.53 1.45
CA TRP A 41 -0.54 -2.01 0.20
C TRP A 41 -1.51 -1.03 -0.45
N GLN A 42 -1.09 0.23 -0.57
CA GLN A 42 -1.92 1.26 -1.16
C GLN A 42 -1.23 1.87 -2.38
N HIS A 43 -1.91 1.80 -3.53
CA HIS A 43 -1.36 2.35 -4.77
C HIS A 43 -0.69 3.70 -4.52
N VAL A 44 0.58 3.81 -4.87
CA VAL A 44 1.33 5.04 -4.68
C VAL A 44 0.65 6.21 -5.40
N GLY A 45 0.16 5.94 -6.61
CA GLY A 45 -0.51 6.98 -7.37
C GLY A 45 -1.83 7.40 -6.76
N CYS A 46 -2.26 6.67 -5.74
CA CYS A 46 -3.53 6.97 -5.07
C CYS A 46 -3.30 7.85 -3.85
N VAL A 47 -2.41 7.42 -2.96
CA VAL A 47 -2.10 8.18 -1.76
C VAL A 47 -0.97 9.17 -2.01
N ILE A 48 0.01 8.75 -2.80
CA ILE A 48 1.15 9.60 -3.13
C ILE A 48 0.93 10.34 -4.44
N LEU A 49 1.02 11.66 -4.39
CA LEU A 49 0.82 12.50 -5.57
C LEU A 49 2.13 12.63 -6.36
N PRO A 50 2.07 12.30 -7.65
CA PRO A 50 3.23 12.37 -8.54
C PRO A 50 3.66 13.82 -8.82
N ASP A 51 4.87 13.97 -9.34
CA ASP A 51 5.40 15.30 -9.65
C ASP A 51 6.40 15.23 -10.80
N LYS A 52 6.03 15.84 -11.92
CA LYS A 52 6.90 15.86 -13.10
C LYS A 52 8.25 16.47 -12.78
N PRO A 53 8.23 17.68 -12.18
CA PRO A 53 9.45 18.39 -11.80
C PRO A 53 10.19 17.73 -10.65
N MET A 54 9.45 17.37 -9.60
CA MET A 54 10.03 16.72 -8.43
C MET A 54 10.33 15.26 -8.72
N ASP A 55 11.08 15.01 -9.79
CA ASP A 55 11.43 13.65 -10.17
C ASP A 55 12.65 13.17 -9.39
N GLY A 56 13.02 11.90 -9.59
CA GLY A 56 14.16 11.35 -8.89
C GLY A 56 14.10 11.58 -7.39
N ASN A 57 14.63 12.71 -6.95
CA ASN A 57 14.64 13.05 -5.54
C ASN A 57 13.89 14.36 -5.29
N PRO A 58 13.36 14.52 -4.07
CA PRO A 58 13.47 13.50 -3.01
C PRO A 58 12.65 12.25 -3.32
N PRO A 59 13.21 11.07 -2.99
CA PRO A 59 12.55 9.79 -3.22
C PRO A 59 11.34 9.59 -2.30
N LEU A 60 10.66 8.47 -2.48
CA LEU A 60 9.49 8.15 -1.67
C LEU A 60 9.81 8.28 -0.18
N PRO A 61 8.77 8.55 0.63
CA PRO A 61 8.90 8.70 2.07
C PRO A 61 9.22 7.38 2.77
N GLU A 62 10.21 7.40 3.66
CA GLU A 62 10.61 6.21 4.39
C GLU A 62 9.43 5.62 5.15
N SER A 63 8.60 6.49 5.71
CA SER A 63 7.44 6.05 6.47
C SER A 63 6.14 6.45 5.76
N PHE A 64 5.05 5.81 6.16
CA PHE A 64 3.74 6.11 5.57
C PHE A 64 2.62 5.45 6.37
N TYR A 65 1.46 6.11 6.40
CA TYR A 65 0.32 5.59 7.14
C TYR A 65 -0.95 5.63 6.28
N CYS A 66 -1.53 4.47 6.03
CA CYS A 66 -2.73 4.37 5.22
C CYS A 66 -3.85 5.23 5.80
N GLU A 67 -5.00 5.21 5.16
CA GLU A 67 -6.15 5.99 5.61
C GLU A 67 -6.77 5.39 6.86
N ILE A 68 -6.57 4.08 7.04
CA ILE A 68 -7.10 3.38 8.20
C ILE A 68 -6.31 3.70 9.46
N CYS A 69 -5.05 4.07 9.27
CA CYS A 69 -4.17 4.41 10.38
C CYS A 69 -4.18 5.91 10.65
N ARG A 70 -4.19 6.70 9.57
CA ARG A 70 -4.19 8.15 9.69
C ARG A 70 -5.45 8.63 10.41
N LEU A 71 -6.58 7.97 10.12
CA LEU A 71 -7.85 8.33 10.74
C LEU A 71 -7.85 7.98 12.23
N THR A 72 -7.26 6.84 12.56
CA THR A 72 -7.18 6.38 13.95
C THR A 72 -6.10 7.14 14.72
N SER A 73 -6.44 8.32 15.22
CA SER A 73 -5.50 9.14 15.97
C SER A 73 -6.23 10.01 16.98
N GLY A 74 -5.76 9.98 18.23
CA GLY A 74 -6.39 10.78 19.27
C GLY A 74 -7.07 9.92 20.33
N PRO A 75 -6.35 9.65 21.43
CA PRO A 75 -6.87 8.85 22.53
C PRO A 75 -7.97 9.56 23.31
N SER A 76 -7.88 10.88 23.38
CA SER A 76 -8.87 11.68 24.09
C SER A 76 -10.16 11.78 23.29
N SER A 77 -11.29 11.61 23.98
CA SER A 77 -12.59 11.67 23.33
C SER A 77 -13.71 11.81 24.37
N GLY A 78 -14.86 12.32 23.94
CA GLY A 78 -15.98 12.50 24.84
C GLY A 78 -16.75 13.77 24.56
N GLY A 1 -20.16 -11.77 -24.58
CA GLY A 1 -19.88 -12.60 -23.42
C GLY A 1 -18.72 -12.05 -22.60
N SER A 2 -18.10 -12.93 -21.82
CA SER A 2 -16.98 -12.53 -20.98
C SER A 2 -16.09 -13.73 -20.65
N SER A 3 -14.78 -13.55 -20.78
CA SER A 3 -13.83 -14.61 -20.51
C SER A 3 -12.62 -14.08 -19.73
N GLY A 4 -12.01 -14.95 -18.94
CA GLY A 4 -10.85 -14.55 -18.16
C GLY A 4 -9.93 -15.72 -17.85
N SER A 5 -8.94 -15.48 -17.00
CA SER A 5 -7.99 -16.51 -16.61
C SER A 5 -7.39 -16.22 -15.24
N SER A 6 -6.53 -17.11 -14.77
CA SER A 6 -5.88 -16.96 -13.48
C SER A 6 -4.42 -17.37 -13.54
N GLY A 7 -3.59 -16.75 -12.71
CA GLY A 7 -2.18 -17.07 -12.68
C GLY A 7 -1.56 -16.87 -11.32
N GLU A 8 -2.27 -17.29 -10.28
CA GLU A 8 -1.78 -17.15 -8.91
C GLU A 8 -0.52 -17.98 -8.70
N ASP A 9 0.61 -17.31 -8.60
CA ASP A 9 1.89 -17.98 -8.40
C ASP A 9 2.24 -18.03 -6.90
N PRO A 10 2.79 -19.18 -6.47
CA PRO A 10 3.18 -19.38 -5.07
C PRO A 10 4.38 -18.55 -4.68
N PHE A 11 4.84 -17.69 -5.60
CA PHE A 11 5.99 -16.84 -5.35
C PHE A 11 5.55 -15.41 -5.06
N GLN A 12 4.51 -15.27 -4.25
CA GLN A 12 3.98 -13.95 -3.90
C GLN A 12 3.95 -13.77 -2.39
N PRO A 13 4.37 -12.58 -1.93
CA PRO A 13 4.39 -12.24 -0.51
C PRO A 13 2.99 -12.08 0.08
N GLU A 14 2.93 -11.73 1.36
CA GLU A 14 1.66 -11.54 2.04
C GLU A 14 1.14 -10.12 1.84
N ILE A 15 0.57 -9.86 0.66
CA ILE A 15 0.03 -8.54 0.35
C ILE A 15 -1.47 -8.49 0.59
N LYS A 16 -1.98 -7.28 0.80
CA LYS A 16 -3.41 -7.08 1.04
C LYS A 16 -4.03 -6.21 -0.05
N VAL A 17 -3.48 -5.03 -0.23
CA VAL A 17 -3.98 -4.10 -1.25
C VAL A 17 -5.30 -3.46 -0.80
N ARG A 18 -5.29 -2.85 0.37
CA ARG A 18 -6.48 -2.21 0.91
C ARG A 18 -6.53 -0.74 0.53
N CYS A 19 -6.07 -0.43 -0.68
CA CYS A 19 -6.05 0.95 -1.16
C CYS A 19 -7.42 1.62 -0.97
N VAL A 20 -7.47 2.93 -1.20
CA VAL A 20 -8.70 3.68 -1.04
C VAL A 20 -9.51 3.70 -2.33
N CYS A 21 -8.81 3.60 -3.46
CA CYS A 21 -9.46 3.59 -4.77
C CYS A 21 -10.49 2.49 -4.86
N GLY A 22 -10.32 1.45 -4.04
CA GLY A 22 -11.26 0.34 -4.05
C GLY A 22 -10.72 -0.86 -4.81
N ASN A 23 -9.78 -0.61 -5.72
CA ASN A 23 -9.18 -1.67 -6.51
C ASN A 23 -8.26 -2.55 -5.66
N SER A 24 -8.24 -3.85 -5.96
CA SER A 24 -7.41 -4.78 -5.23
C SER A 24 -6.30 -5.34 -6.11
N LEU A 25 -5.76 -4.49 -6.98
CA LEU A 25 -4.69 -4.90 -7.89
C LEU A 25 -3.35 -4.31 -7.47
N GLU A 26 -2.28 -4.95 -7.87
CA GLU A 26 -0.93 -4.48 -7.54
C GLU A 26 -0.27 -3.84 -8.75
N THR A 27 0.56 -2.82 -8.50
CA THR A 27 1.26 -2.12 -9.56
C THR A 27 2.77 -2.25 -9.41
N ASP A 28 3.51 -1.73 -10.38
CA ASP A 28 4.97 -1.79 -10.35
C ASP A 28 5.51 -1.24 -9.03
N SER A 29 4.92 -0.14 -8.56
CA SER A 29 5.35 0.47 -7.31
C SER A 29 4.17 0.59 -6.34
N MET A 30 4.46 0.35 -5.07
CA MET A 30 3.43 0.42 -4.03
C MET A 30 4.05 0.73 -2.67
N ILE A 31 3.24 1.26 -1.76
CA ILE A 31 3.71 1.60 -0.43
C ILE A 31 3.04 0.73 0.63
N GLN A 32 3.83 0.25 1.58
CA GLN A 32 3.32 -0.60 2.64
C GLN A 32 3.17 0.19 3.94
N CYS A 33 2.00 0.09 4.56
CA CYS A 33 1.75 0.80 5.82
C CYS A 33 2.80 0.46 6.86
N GLU A 34 2.94 1.33 7.85
CA GLU A 34 3.92 1.12 8.92
C GLU A 34 3.39 0.14 9.96
N ASP A 35 2.22 0.45 10.52
CA ASP A 35 1.61 -0.40 11.53
C ASP A 35 1.88 -1.88 11.23
N PRO A 36 2.16 -2.65 12.29
CA PRO A 36 2.44 -4.08 12.17
C PRO A 36 1.20 -4.88 11.78
N ARG A 37 0.12 -4.68 12.52
CA ARG A 37 -1.13 -5.38 12.26
C ARG A 37 -1.69 -5.02 10.88
N CYS A 38 -1.67 -3.72 10.56
CA CYS A 38 -2.16 -3.24 9.28
C CYS A 38 -1.36 -3.83 8.13
N HIS A 39 -0.12 -3.39 8.00
CA HIS A 39 0.76 -3.87 6.93
C HIS A 39 -0.01 -4.01 5.62
N VAL A 40 -0.76 -2.98 5.26
CA VAL A 40 -1.54 -2.98 4.04
C VAL A 40 -0.75 -2.35 2.89
N TRP A 41 -1.20 -2.62 1.67
CA TRP A 41 -0.54 -2.08 0.48
C TRP A 41 -1.44 -1.09 -0.24
N GLN A 42 -0.88 0.05 -0.63
CA GLN A 42 -1.64 1.08 -1.33
C GLN A 42 -0.85 1.63 -2.51
N HIS A 43 -1.50 1.71 -3.67
CA HIS A 43 -0.86 2.21 -4.88
C HIS A 43 -0.13 3.52 -4.59
N VAL A 44 0.93 3.78 -5.36
CA VAL A 44 1.72 4.99 -5.19
C VAL A 44 1.02 6.20 -5.79
N GLY A 45 0.39 6.00 -6.96
CA GLY A 45 -0.32 7.08 -7.62
C GLY A 45 -1.77 7.15 -7.22
N CYS A 46 -2.05 6.82 -5.95
CA CYS A 46 -3.42 6.85 -5.44
C CYS A 46 -3.53 7.74 -4.21
N VAL A 47 -2.71 7.45 -3.21
CA VAL A 47 -2.71 8.23 -1.97
C VAL A 47 -1.58 9.26 -1.98
N ILE A 48 -0.41 8.84 -2.42
CA ILE A 48 0.75 9.73 -2.47
C ILE A 48 0.58 10.77 -3.57
N LEU A 49 0.85 12.03 -3.24
CA LEU A 49 0.73 13.11 -4.20
C LEU A 49 1.61 12.86 -5.41
N PRO A 50 1.00 12.84 -6.61
CA PRO A 50 1.70 12.61 -7.87
C PRO A 50 2.60 13.78 -8.25
N ASP A 51 3.89 13.64 -7.97
CA ASP A 51 4.85 14.69 -8.28
C ASP A 51 6.04 14.12 -9.07
N LYS A 52 6.20 14.59 -10.30
CA LYS A 52 7.29 14.14 -11.16
C LYS A 52 8.64 14.43 -10.51
N PRO A 53 8.83 15.68 -10.06
CA PRO A 53 10.08 16.10 -9.42
C PRO A 53 10.28 15.46 -8.04
N MET A 54 9.23 15.48 -7.23
CA MET A 54 9.28 14.90 -5.89
C MET A 54 9.90 13.51 -5.93
N ASP A 55 9.49 12.72 -6.92
CA ASP A 55 10.00 11.36 -7.06
C ASP A 55 11.48 11.30 -6.71
N GLY A 56 12.26 12.23 -7.26
CA GLY A 56 13.68 12.26 -6.99
C GLY A 56 14.00 12.10 -5.52
N ASN A 57 13.85 13.17 -4.76
CA ASN A 57 14.11 13.16 -3.32
C ASN A 57 13.44 14.33 -2.61
N PRO A 58 13.08 14.12 -1.33
CA PRO A 58 13.31 12.85 -0.64
C PRO A 58 12.42 11.73 -1.18
N PRO A 59 12.89 10.48 -1.00
CA PRO A 59 12.14 9.30 -1.46
C PRO A 59 10.88 9.06 -0.64
N LEU A 60 10.12 8.04 -1.03
CA LEU A 60 8.88 7.70 -0.33
C LEU A 60 9.05 7.83 1.17
N PRO A 61 7.94 8.14 1.88
CA PRO A 61 7.95 8.30 3.33
C PRO A 61 8.15 6.97 4.05
N GLU A 62 9.36 6.77 4.56
CA GLU A 62 9.70 5.55 5.28
C GLU A 62 8.50 5.04 6.07
N SER A 63 7.84 5.94 6.80
CA SER A 63 6.69 5.59 7.61
C SER A 63 5.41 6.20 7.03
N PHE A 64 4.59 5.36 6.41
CA PHE A 64 3.34 5.82 5.80
C PHE A 64 2.15 5.15 6.47
N TYR A 65 1.17 5.96 6.86
CA TYR A 65 -0.03 5.45 7.51
C TYR A 65 -1.26 5.60 6.60
N CYS A 66 -1.86 4.47 6.25
CA CYS A 66 -3.03 4.47 5.38
C CYS A 66 -4.12 5.38 5.94
N GLU A 67 -5.26 5.42 5.25
CA GLU A 67 -6.38 6.26 5.69
C GLU A 67 -7.05 5.67 6.92
N ILE A 68 -6.72 4.41 7.22
CA ILE A 68 -7.29 3.74 8.38
C ILE A 68 -6.46 3.98 9.63
N CYS A 69 -5.14 4.05 9.45
CA CYS A 69 -4.23 4.29 10.57
C CYS A 69 -4.20 5.77 10.94
N ARG A 70 -4.25 6.63 9.92
CA ARG A 70 -4.22 8.07 10.14
C ARG A 70 -5.41 8.51 10.99
N LEU A 71 -6.56 7.91 10.74
CA LEU A 71 -7.78 8.24 11.48
C LEU A 71 -7.62 7.91 12.97
N THR A 72 -6.79 6.92 13.26
CA THR A 72 -6.55 6.50 14.63
C THR A 72 -5.05 6.39 14.92
N SER A 73 -4.46 7.49 15.37
CA SER A 73 -3.04 7.51 15.68
C SER A 73 -2.80 7.47 17.19
N GLY A 74 -2.21 6.38 17.65
CA GLY A 74 -1.95 6.23 19.07
C GLY A 74 -0.83 7.14 19.55
N PRO A 75 -0.13 6.72 20.62
CA PRO A 75 0.97 7.49 21.19
C PRO A 75 2.19 7.52 20.29
N SER A 76 2.04 6.98 19.08
CA SER A 76 3.14 6.95 18.12
C SER A 76 4.05 8.16 18.29
N SER A 77 5.34 7.90 18.44
CA SER A 77 6.33 8.97 18.62
C SER A 77 6.61 9.67 17.29
N GLY A 78 7.04 8.91 16.30
CA GLY A 78 7.35 9.48 15.00
C GLY A 78 8.25 10.70 15.09
N GLY A 1 -18.15 -30.09 -20.99
CA GLY A 1 -17.51 -29.56 -19.81
C GLY A 1 -17.36 -28.06 -19.85
N SER A 2 -16.19 -27.56 -19.46
CA SER A 2 -15.93 -26.12 -19.45
C SER A 2 -14.45 -25.85 -19.20
N SER A 3 -13.89 -24.95 -20.01
CA SER A 3 -12.48 -24.58 -19.88
C SER A 3 -12.19 -23.98 -18.50
N GLY A 4 -10.93 -24.03 -18.10
CA GLY A 4 -10.54 -23.48 -16.81
C GLY A 4 -10.30 -21.99 -16.86
N SER A 5 -9.90 -21.41 -15.72
CA SER A 5 -9.63 -19.98 -15.65
C SER A 5 -8.51 -19.70 -14.65
N SER A 6 -7.42 -19.11 -15.15
CA SER A 6 -6.28 -18.79 -14.30
C SER A 6 -6.64 -17.71 -13.28
N GLY A 7 -6.50 -18.02 -12.00
CA GLY A 7 -6.81 -17.07 -10.95
C GLY A 7 -5.63 -16.82 -10.03
N GLU A 8 -5.93 -16.56 -8.76
CA GLU A 8 -4.90 -16.30 -7.78
C GLU A 8 -4.07 -17.56 -7.50
N ASP A 9 -2.76 -17.37 -7.34
CA ASP A 9 -1.87 -18.49 -7.08
C ASP A 9 -2.10 -19.06 -5.68
N PRO A 10 -1.76 -20.35 -5.50
CA PRO A 10 -1.93 -21.05 -4.22
C PRO A 10 -0.97 -20.53 -3.15
N PHE A 11 -0.15 -19.56 -3.53
CA PHE A 11 0.82 -18.98 -2.60
C PHE A 11 0.70 -17.46 -2.56
N GLN A 12 -0.52 -16.97 -2.55
CA GLN A 12 -0.78 -15.53 -2.51
C GLN A 12 0.21 -14.83 -1.59
N PRO A 13 0.74 -13.69 -2.05
CA PRO A 13 1.71 -12.89 -1.28
C PRO A 13 1.07 -12.22 -0.07
N GLU A 14 1.86 -11.44 0.65
CA GLU A 14 1.38 -10.73 1.83
C GLU A 14 0.75 -9.39 1.45
N ILE A 15 -0.03 -9.40 0.39
CA ILE A 15 -0.69 -8.18 -0.08
C ILE A 15 -2.13 -8.11 0.42
N LYS A 16 -2.62 -6.88 0.61
CA LYS A 16 -3.99 -6.68 1.08
C LYS A 16 -4.76 -5.78 0.12
N VAL A 17 -4.04 -4.94 -0.61
CA VAL A 17 -4.65 -4.02 -1.56
C VAL A 17 -5.87 -3.32 -0.95
N ARG A 18 -5.72 -2.88 0.30
CA ARG A 18 -6.80 -2.20 0.99
C ARG A 18 -6.84 -0.73 0.62
N CYS A 19 -6.36 -0.41 -0.58
CA CYS A 19 -6.33 0.97 -1.05
C CYS A 19 -7.73 1.58 -0.99
N VAL A 20 -7.80 2.91 -1.17
CA VAL A 20 -9.06 3.62 -1.14
C VAL A 20 -9.82 3.45 -2.45
N CYS A 21 -9.11 3.60 -3.56
CA CYS A 21 -9.72 3.47 -4.88
C CYS A 21 -10.79 2.39 -4.88
N GLY A 22 -10.57 1.35 -4.07
CA GLY A 22 -11.53 0.26 -3.99
C GLY A 22 -11.28 -0.80 -5.05
N ASN A 23 -10.02 -0.99 -5.42
CA ASN A 23 -9.66 -1.97 -6.43
C ASN A 23 -8.94 -3.16 -5.80
N SER A 24 -8.70 -4.19 -6.60
CA SER A 24 -8.02 -5.38 -6.12
C SER A 24 -6.84 -5.75 -7.02
N LEU A 25 -6.14 -4.72 -7.49
CA LEU A 25 -4.99 -4.93 -8.36
C LEU A 25 -3.68 -4.73 -7.59
N GLU A 26 -2.59 -5.26 -8.14
CA GLU A 26 -1.28 -5.15 -7.51
C GLU A 26 -0.24 -4.65 -8.51
N THR A 27 0.56 -3.67 -8.08
CA THR A 27 1.60 -3.11 -8.93
C THR A 27 2.96 -3.18 -8.26
N ASP A 28 4.01 -3.10 -9.06
CA ASP A 28 5.38 -3.17 -8.55
C ASP A 28 5.75 -1.86 -7.82
N SER A 29 4.80 -0.93 -7.79
CA SER A 29 5.02 0.35 -7.13
C SER A 29 3.93 0.64 -6.11
N MET A 30 4.18 0.26 -4.87
CA MET A 30 3.22 0.48 -3.79
C MET A 30 3.93 0.76 -2.47
N ILE A 31 3.22 1.37 -1.54
CA ILE A 31 3.78 1.69 -0.23
C ILE A 31 3.13 0.86 0.87
N GLN A 32 3.97 0.20 1.67
CA GLN A 32 3.47 -0.64 2.76
C GLN A 32 3.26 0.19 4.03
N CYS A 33 2.15 -0.06 4.71
CA CYS A 33 1.84 0.67 5.94
C CYS A 33 2.85 0.35 7.03
N GLU A 34 2.86 1.17 8.08
CA GLU A 34 3.78 0.97 9.20
C GLU A 34 3.23 -0.04 10.19
N ASP A 35 2.05 0.25 10.74
CA ASP A 35 1.42 -0.64 11.71
C ASP A 35 1.61 -2.10 11.32
N PRO A 36 1.88 -2.95 12.32
CA PRO A 36 2.11 -4.38 12.11
C PRO A 36 0.83 -5.10 11.71
N ARG A 37 -0.24 -4.90 12.48
CA ARG A 37 -1.52 -5.53 12.20
C ARG A 37 -2.05 -5.12 10.83
N CYS A 38 -1.93 -3.83 10.52
CA CYS A 38 -2.40 -3.31 9.24
C CYS A 38 -1.59 -3.88 8.08
N HIS A 39 -0.32 -3.47 8.00
CA HIS A 39 0.56 -3.94 6.94
C HIS A 39 -0.19 -4.07 5.62
N VAL A 40 -0.92 -3.02 5.26
CA VAL A 40 -1.69 -3.01 4.02
C VAL A 40 -0.88 -2.38 2.89
N TRP A 41 -1.39 -2.51 1.66
CA TRP A 41 -0.72 -1.95 0.50
C TRP A 41 -1.58 -0.88 -0.16
N GLN A 42 -1.01 0.30 -0.34
CA GLN A 42 -1.73 1.42 -0.95
C GLN A 42 -0.97 1.94 -2.17
N HIS A 43 -1.58 1.80 -3.35
CA HIS A 43 -0.96 2.27 -4.59
C HIS A 43 -0.31 3.64 -4.39
N VAL A 44 0.84 3.83 -5.04
CA VAL A 44 1.57 5.09 -4.93
C VAL A 44 0.87 6.20 -5.70
N GLY A 45 0.23 5.83 -6.82
CA GLY A 45 -0.47 6.80 -7.63
C GLY A 45 -1.91 6.98 -7.20
N CYS A 46 -2.19 6.74 -5.92
CA CYS A 46 -3.53 6.88 -5.39
C CYS A 46 -3.56 7.82 -4.19
N VAL A 47 -2.87 7.42 -3.13
CA VAL A 47 -2.80 8.23 -1.91
C VAL A 47 -1.72 9.29 -2.02
N ILE A 48 -0.52 8.87 -2.38
CA ILE A 48 0.61 9.79 -2.52
C ILE A 48 0.37 10.78 -3.66
N LEU A 49 0.77 12.02 -3.44
CA LEU A 49 0.60 13.07 -4.45
C LEU A 49 1.94 13.43 -5.10
N PRO A 50 2.08 13.07 -6.38
CA PRO A 50 3.31 13.34 -7.14
C PRO A 50 3.50 14.84 -7.43
N ASP A 51 4.74 15.22 -7.68
CA ASP A 51 5.05 16.62 -7.97
C ASP A 51 6.10 16.73 -9.08
N LYS A 52 5.86 17.63 -10.03
CA LYS A 52 6.77 17.82 -11.15
C LYS A 52 8.20 18.05 -10.65
N PRO A 53 8.35 18.99 -9.70
CA PRO A 53 9.64 19.32 -9.11
C PRO A 53 10.19 18.21 -8.23
N MET A 54 9.32 17.29 -7.85
CA MET A 54 9.71 16.16 -7.00
C MET A 54 10.99 15.50 -7.53
N ASP A 55 12.10 15.73 -6.83
CA ASP A 55 13.37 15.15 -7.24
C ASP A 55 13.49 13.71 -6.78
N GLY A 56 14.32 12.93 -7.49
CA GLY A 56 14.49 11.54 -7.14
C GLY A 56 14.53 11.31 -5.64
N ASN A 57 15.69 11.53 -5.03
CA ASN A 57 15.85 11.34 -3.59
C ASN A 57 15.75 12.67 -2.87
N PRO A 58 15.29 12.62 -1.60
CA PRO A 58 14.90 11.36 -0.95
C PRO A 58 13.63 10.76 -1.55
N PRO A 59 13.64 9.44 -1.76
CA PRO A 59 12.50 8.72 -2.33
C PRO A 59 11.32 8.65 -1.36
N LEU A 60 10.34 7.81 -1.69
CA LEU A 60 9.16 7.65 -0.84
C LEU A 60 9.55 7.62 0.64
N PRO A 61 8.61 8.02 1.50
CA PRO A 61 8.83 8.05 2.95
C PRO A 61 8.92 6.65 3.55
N GLU A 62 9.83 6.47 4.51
CA GLU A 62 10.01 5.18 5.15
C GLU A 62 8.77 4.79 5.95
N SER A 63 8.35 5.68 6.85
CA SER A 63 7.18 5.43 7.68
C SER A 63 5.95 6.12 7.10
N PHE A 64 5.02 5.32 6.60
CA PHE A 64 3.78 5.84 6.02
C PHE A 64 2.56 5.15 6.61
N TYR A 65 1.54 5.93 6.94
CA TYR A 65 0.32 5.40 7.51
C TYR A 65 -0.87 5.62 6.57
N CYS A 66 -1.45 4.53 6.10
CA CYS A 66 -2.60 4.60 5.19
C CYS A 66 -3.69 5.49 5.78
N GLU A 67 -4.82 5.55 5.09
CA GLU A 67 -5.94 6.36 5.52
C GLU A 67 -6.68 5.69 6.68
N ILE A 68 -6.59 4.37 6.74
CA ILE A 68 -7.25 3.61 7.80
C ILE A 68 -6.48 3.73 9.12
N CYS A 69 -5.19 4.02 9.03
CA CYS A 69 -4.36 4.16 10.21
C CYS A 69 -4.30 5.62 10.65
N ARG A 70 -4.03 6.51 9.72
CA ARG A 70 -3.93 7.94 10.01
C ARG A 70 -5.22 8.44 10.67
N LEU A 71 -6.28 7.65 10.55
CA LEU A 71 -7.57 8.01 11.13
C LEU A 71 -7.61 7.67 12.62
N THR A 72 -6.96 6.57 12.99
CA THR A 72 -6.92 6.13 14.38
C THR A 72 -5.82 6.85 15.14
N SER A 73 -5.71 8.15 14.93
CA SER A 73 -4.69 8.96 15.60
C SER A 73 -4.43 8.44 17.02
N GLY A 74 -3.16 8.32 17.36
CA GLY A 74 -2.80 7.83 18.68
C GLY A 74 -3.25 8.75 19.79
N PRO A 75 -3.12 8.29 21.04
CA PRO A 75 -3.54 9.06 22.22
C PRO A 75 -2.62 10.27 22.46
N SER A 76 -1.50 10.30 21.77
CA SER A 76 -0.55 11.40 21.91
C SER A 76 -0.36 12.13 20.58
N SER A 77 -0.97 13.30 20.47
CA SER A 77 -0.88 14.10 19.26
C SER A 77 0.58 14.26 18.83
N GLY A 78 0.83 14.06 17.54
CA GLY A 78 2.18 14.18 17.02
C GLY A 78 2.53 15.62 16.65
#